data_3SD6
# 
_entry.id   3SD6 
# 
_audit_conform.dict_name       mmcif_pdbx.dic 
_audit_conform.dict_version    5.387 
_audit_conform.dict_location   http://mmcif.pdb.org/dictionaries/ascii/mmcif_pdbx.dic 
# 
loop_
_database_2.database_id 
_database_2.database_code 
_database_2.pdbx_database_accession 
_database_2.pdbx_DOI 
PDB   3SD6         pdb_00003sd6 10.2210/pdb3sd6/pdb 
RCSB  RCSB066059   ?            ?                   
WWPDB D_1000066059 ?            ?                   
# 
loop_
_pdbx_audit_revision_history.ordinal 
_pdbx_audit_revision_history.data_content_type 
_pdbx_audit_revision_history.major_revision 
_pdbx_audit_revision_history.minor_revision 
_pdbx_audit_revision_history.revision_date 
1 'Structure model' 1 0 2012-06-13 
2 'Structure model' 1 1 2013-05-15 
3 'Structure model' 1 2 2017-11-08 
4 'Structure model' 1 3 2024-02-28 
# 
_pdbx_audit_revision_details.ordinal             1 
_pdbx_audit_revision_details.revision_ordinal    1 
_pdbx_audit_revision_details.data_content_type   'Structure model' 
_pdbx_audit_revision_details.provider            repository 
_pdbx_audit_revision_details.type                'Initial release' 
_pdbx_audit_revision_details.description         ? 
_pdbx_audit_revision_details.details             ? 
# 
loop_
_pdbx_audit_revision_group.ordinal 
_pdbx_audit_revision_group.revision_ordinal 
_pdbx_audit_revision_group.data_content_type 
_pdbx_audit_revision_group.group 
1 2 'Structure model' 'Database references'    
2 3 'Structure model' 'Refinement description' 
3 4 'Structure model' 'Data collection'        
4 4 'Structure model' 'Database references'    
5 4 'Structure model' 'Derived calculations'   
# 
loop_
_pdbx_audit_revision_category.ordinal 
_pdbx_audit_revision_category.revision_ordinal 
_pdbx_audit_revision_category.data_content_type 
_pdbx_audit_revision_category.category 
1 3 'Structure model' software               
2 4 'Structure model' chem_comp_atom         
3 4 'Structure model' chem_comp_bond         
4 4 'Structure model' database_2             
5 4 'Structure model' pdbx_struct_conn_angle 
6 4 'Structure model' struct_conn            
7 4 'Structure model' struct_site            
# 
loop_
_pdbx_audit_revision_item.ordinal 
_pdbx_audit_revision_item.revision_ordinal 
_pdbx_audit_revision_item.data_content_type 
_pdbx_audit_revision_item.item 
1  3 'Structure model' '_software.name'                              
2  4 'Structure model' '_database_2.pdbx_DOI'                        
3  4 'Structure model' '_database_2.pdbx_database_accession'         
4  4 'Structure model' '_pdbx_struct_conn_angle.ptnr1_auth_comp_id'  
5  4 'Structure model' '_pdbx_struct_conn_angle.ptnr1_auth_seq_id'   
6  4 'Structure model' '_pdbx_struct_conn_angle.ptnr1_label_alt_id'  
7  4 'Structure model' '_pdbx_struct_conn_angle.ptnr1_label_asym_id' 
8  4 'Structure model' '_pdbx_struct_conn_angle.ptnr1_label_atom_id' 
9  4 'Structure model' '_pdbx_struct_conn_angle.ptnr1_label_comp_id' 
10 4 'Structure model' '_pdbx_struct_conn_angle.ptnr1_label_seq_id'  
11 4 'Structure model' '_pdbx_struct_conn_angle.ptnr2_auth_comp_id'  
12 4 'Structure model' '_pdbx_struct_conn_angle.ptnr2_auth_seq_id'   
13 4 'Structure model' '_pdbx_struct_conn_angle.ptnr2_label_asym_id' 
14 4 'Structure model' '_pdbx_struct_conn_angle.ptnr2_label_atom_id' 
15 4 'Structure model' '_pdbx_struct_conn_angle.ptnr2_label_comp_id' 
16 4 'Structure model' '_pdbx_struct_conn_angle.ptnr3_auth_comp_id'  
17 4 'Structure model' '_pdbx_struct_conn_angle.ptnr3_auth_seq_id'   
18 4 'Structure model' '_pdbx_struct_conn_angle.ptnr3_label_alt_id'  
19 4 'Structure model' '_pdbx_struct_conn_angle.ptnr3_label_asym_id' 
20 4 'Structure model' '_pdbx_struct_conn_angle.ptnr3_label_atom_id' 
21 4 'Structure model' '_pdbx_struct_conn_angle.ptnr3_label_comp_id' 
22 4 'Structure model' '_pdbx_struct_conn_angle.ptnr3_label_seq_id'  
23 4 'Structure model' '_pdbx_struct_conn_angle.value'               
24 4 'Structure model' '_struct_conn.pdbx_dist_value'                
25 4 'Structure model' '_struct_conn.pdbx_ptnr1_label_alt_id'        
26 4 'Structure model' '_struct_conn.ptnr1_auth_comp_id'             
27 4 'Structure model' '_struct_conn.ptnr1_auth_seq_id'              
28 4 'Structure model' '_struct_conn.ptnr1_label_asym_id'            
29 4 'Structure model' '_struct_conn.ptnr1_label_atom_id'            
30 4 'Structure model' '_struct_conn.ptnr1_label_comp_id'            
31 4 'Structure model' '_struct_conn.ptnr1_label_seq_id'             
32 4 'Structure model' '_struct_conn.ptnr2_auth_comp_id'             
33 4 'Structure model' '_struct_conn.ptnr2_auth_seq_id'              
34 4 'Structure model' '_struct_conn.ptnr2_label_asym_id'            
35 4 'Structure model' '_struct_conn.ptnr2_label_atom_id'            
36 4 'Structure model' '_struct_conn.ptnr2_label_comp_id'            
37 4 'Structure model' '_struct_site.pdbx_auth_asym_id'              
38 4 'Structure model' '_struct_site.pdbx_auth_comp_id'              
39 4 'Structure model' '_struct_site.pdbx_auth_seq_id'               
# 
_pdbx_database_status.status_code                     REL 
_pdbx_database_status.entry_id                        3SD6 
_pdbx_database_status.recvd_initial_deposition_date   2011-06-08 
_pdbx_database_status.deposit_site                    RCSB 
_pdbx_database_status.process_site                    RCSB 
_pdbx_database_status.status_code_sf                  REL 
_pdbx_database_status.status_code_mr                  ? 
_pdbx_database_status.SG_entry                        ? 
_pdbx_database_status.status_code_cs                  ? 
_pdbx_database_status.methods_development_category    ? 
_pdbx_database_status.pdb_format_compatible           Y 
_pdbx_database_status.status_code_nmr_data            ? 
# 
loop_
_pdbx_database_related.db_name 
_pdbx_database_related.db_id 
_pdbx_database_related.details 
_pdbx_database_related.content_type 
PDB 3RV5 'N-TERMINAL DOMAIN HUMAN CTNC IN COMPLEX WITH CADMIUM AND DEOXYCHOLIC ACID'                                               
unspecified 
PDB 1J1D 'FULL LENGTH & CALCUIM SATURATED HUMAN CTNC IN COMPLEX WITH CTNI AND CTNT'                                                
unspecified 
PDB 1WRK 'CALCIUM BOUND HUMAN N-CTNC IN COMPLEX WITH TRIFLUOROPERAZINE'                                                            
unspecified 
PDB 1MXL 'CALCIUM BOUND HUMAN N-CTNC IN COMPLEX WITH CTNI (147-163)'                                                               
unspecified 
PDB 1AP4 'CALCIUM BOUND HUMAN N-CTNC'                                                                                              
unspecified 
PDB 1SPY 'CALCIUM FREE HUMAN N-CTNC'                                                                                               
unspecified 
PDB 3SWB 'Crystal structure of the amino-terminal domain of human cardiac troponin C in complex with cadmium at 1.7   resolution.' 
unspecified 
PDB 4GJE .                                                                                                                         
unspecified 
PDB 4GJF .                                                                                                                         
unspecified 
PDB 4GJG .                                                                                                                         
unspecified 
# 
loop_
_audit_author.name 
_audit_author.pdbx_ordinal 
'Zhang, X.L.' 1 
'Paetzel, M.' 2 
# 
_citation.id                        primary 
_citation.title                     
'The structure of cardiac troponin C regulatory domain with bound Cd(2+) reveals a closed conformation and unique ion coordination.' 
_citation.journal_abbrev            'Acta Crystallogr.,Sect.D' 
_citation.journal_volume            69 
_citation.page_first                722 
_citation.page_last                 734 
_citation.year                      2013 
_citation.journal_id_ASTM           ABCRE6 
_citation.country                   DK 
_citation.journal_id_ISSN           0907-4449 
_citation.journal_id_CSD            0766 
_citation.book_publisher            ? 
_citation.pdbx_database_id_PubMed   23633581 
_citation.pdbx_database_id_DOI      10.1107/S0907444913001182 
# 
loop_
_citation_author.citation_id 
_citation_author.name 
_citation_author.ordinal 
_citation_author.identifier_ORCID 
primary 'Zhang, X.L.'   1 ? 
primary 'Tibbits, G.F.' 2 ? 
primary 'Paetzel, M.'   3 ? 
# 
loop_
_entity.id 
_entity.type 
_entity.src_method 
_entity.pdbx_description 
_entity.formula_weight 
_entity.pdbx_number_of_molecules 
_entity.pdbx_ec 
_entity.pdbx_mutation 
_entity.pdbx_fragment 
_entity.details 
1 polymer     man 'Troponin C, slow skeletal and cardiac muscles' 10070.304 1  ? ? 'N-TERMINAL DOMAIN, UNP residues 1-89' ? 
2 non-polymer syn 'CADMIUM ION'                                   112.411   7  ? ? ?                                      ? 
3 non-polymer syn 'ACETATE ION'                                   59.044    2  ? ? ?                                      ? 
4 non-polymer syn 'CALCIUM ION'                                   40.078    2  ? ? ?                                      ? 
5 water       nat water                                           18.015    49 ? ? ?                                      ? 
# 
_entity_name_com.entity_id   1 
_entity_name_com.name        TN-C 
# 
_entity_poly.entity_id                      1 
_entity_poly.type                           'polypeptide(L)' 
_entity_poly.nstd_linkage                   no 
_entity_poly.nstd_monomer                   no 
_entity_poly.pdbx_seq_one_letter_code       
;MDDIYKAAVEQLTEEQKNEFKAAFDIFVLGAEDGCISTKELGKVMRMLGQNPTPEELQEMIDEVDEDGSGTVDFDEFLVM
MVRCMKDDS
;
_entity_poly.pdbx_seq_one_letter_code_can   
;MDDIYKAAVEQLTEEQKNEFKAAFDIFVLGAEDGCISTKELGKVMRMLGQNPTPEELQEMIDEVDEDGSGTVDFDEFLVM
MVRCMKDDS
;
_entity_poly.pdbx_strand_id                 A 
_entity_poly.pdbx_target_identifier         ? 
# 
loop_
_pdbx_entity_nonpoly.entity_id 
_pdbx_entity_nonpoly.name 
_pdbx_entity_nonpoly.comp_id 
2 'CADMIUM ION' CD  
3 'ACETATE ION' ACT 
4 'CALCIUM ION' CA  
5 water         HOH 
# 
loop_
_entity_poly_seq.entity_id 
_entity_poly_seq.num 
_entity_poly_seq.mon_id 
_entity_poly_seq.hetero 
1 1  MET n 
1 2  ASP n 
1 3  ASP n 
1 4  ILE n 
1 5  TYR n 
1 6  LYS n 
1 7  ALA n 
1 8  ALA n 
1 9  VAL n 
1 10 GLU n 
1 11 GLN n 
1 12 LEU n 
1 13 THR n 
1 14 GLU n 
1 15 GLU n 
1 16 GLN n 
1 17 LYS n 
1 18 ASN n 
1 19 GLU n 
1 20 PHE n 
1 21 LYS n 
1 22 ALA n 
1 23 ALA n 
1 24 PHE n 
1 25 ASP n 
1 26 ILE n 
1 27 PHE n 
1 28 VAL n 
1 29 LEU n 
1 30 GLY n 
1 31 ALA n 
1 32 GLU n 
1 33 ASP n 
1 34 GLY n 
1 35 CYS n 
1 36 ILE n 
1 37 SER n 
1 38 THR n 
1 39 LYS n 
1 40 GLU n 
1 41 LEU n 
1 42 GLY n 
1 43 LYS n 
1 44 VAL n 
1 45 MET n 
1 46 ARG n 
1 47 MET n 
1 48 LEU n 
1 49 GLY n 
1 50 GLN n 
1 51 ASN n 
1 52 PRO n 
1 53 THR n 
1 54 PRO n 
1 55 GLU n 
1 56 GLU n 
1 57 LEU n 
1 58 GLN n 
1 59 GLU n 
1 60 MET n 
1 61 ILE n 
1 62 ASP n 
1 63 GLU n 
1 64 VAL n 
1 65 ASP n 
1 66 GLU n 
1 67 ASP n 
1 68 GLY n 
1 69 SER n 
1 70 GLY n 
1 71 THR n 
1 72 VAL n 
1 73 ASP n 
1 74 PHE n 
1 75 ASP n 
1 76 GLU n 
1 77 PHE n 
1 78 LEU n 
1 79 VAL n 
1 80 MET n 
1 81 MET n 
1 82 VAL n 
1 83 ARG n 
1 84 CYS n 
1 85 MET n 
1 86 LYS n 
1 87 ASP n 
1 88 ASP n 
1 89 SER n 
# 
_entity_src_gen.entity_id                          1 
_entity_src_gen.pdbx_src_id                        1 
_entity_src_gen.pdbx_alt_source_flag               sample 
_entity_src_gen.pdbx_seq_type                      ? 
_entity_src_gen.pdbx_beg_seq_num                   ? 
_entity_src_gen.pdbx_end_seq_num                   ? 
_entity_src_gen.gene_src_common_name               human 
_entity_src_gen.gene_src_genus                     ? 
_entity_src_gen.pdbx_gene_src_gene                 'TNNC, TNNC1' 
_entity_src_gen.gene_src_species                   ? 
_entity_src_gen.gene_src_strain                    ? 
_entity_src_gen.gene_src_tissue                    ? 
_entity_src_gen.gene_src_tissue_fraction           ? 
_entity_src_gen.gene_src_details                   ? 
_entity_src_gen.pdbx_gene_src_fragment             ? 
_entity_src_gen.pdbx_gene_src_scientific_name      'Homo sapiens' 
_entity_src_gen.pdbx_gene_src_ncbi_taxonomy_id     9606 
_entity_src_gen.pdbx_gene_src_variant              ? 
_entity_src_gen.pdbx_gene_src_cell_line            ? 
_entity_src_gen.pdbx_gene_src_atcc                 ? 
_entity_src_gen.pdbx_gene_src_organ                ? 
_entity_src_gen.pdbx_gene_src_organelle            ? 
_entity_src_gen.pdbx_gene_src_cell                 ? 
_entity_src_gen.pdbx_gene_src_cellular_location    ? 
_entity_src_gen.host_org_common_name               ? 
_entity_src_gen.pdbx_host_org_scientific_name      'Escherichia coli' 
_entity_src_gen.pdbx_host_org_ncbi_taxonomy_id     469008 
_entity_src_gen.host_org_genus                     ? 
_entity_src_gen.pdbx_host_org_gene                 ? 
_entity_src_gen.pdbx_host_org_organ                ? 
_entity_src_gen.host_org_species                   ? 
_entity_src_gen.pdbx_host_org_tissue               ? 
_entity_src_gen.pdbx_host_org_tissue_fraction      ? 
_entity_src_gen.pdbx_host_org_strain               'BL21(DE3)' 
_entity_src_gen.pdbx_host_org_variant              ? 
_entity_src_gen.pdbx_host_org_cell_line            ? 
_entity_src_gen.pdbx_host_org_atcc                 ? 
_entity_src_gen.pdbx_host_org_culture_collection   ? 
_entity_src_gen.pdbx_host_org_cell                 ? 
_entity_src_gen.pdbx_host_org_organelle            ? 
_entity_src_gen.pdbx_host_org_cellular_location    ? 
_entity_src_gen.pdbx_host_org_vector_type          PLASMID 
_entity_src_gen.pdbx_host_org_vector               ? 
_entity_src_gen.host_org_details                   ? 
_entity_src_gen.expression_system_id               ? 
_entity_src_gen.plasmid_name                       pET21a 
_entity_src_gen.plasmid_details                    ? 
_entity_src_gen.pdbx_description                   ? 
# 
loop_
_chem_comp.id 
_chem_comp.type 
_chem_comp.mon_nstd_flag 
_chem_comp.name 
_chem_comp.pdbx_synonyms 
_chem_comp.formula 
_chem_comp.formula_weight 
ACT non-polymer         . 'ACETATE ION'   ? 'C2 H3 O2 -1'    59.044  
ALA 'L-peptide linking' y ALANINE         ? 'C3 H7 N O2'     89.093  
ARG 'L-peptide linking' y ARGININE        ? 'C6 H15 N4 O2 1' 175.209 
ASN 'L-peptide linking' y ASPARAGINE      ? 'C4 H8 N2 O3'    132.118 
ASP 'L-peptide linking' y 'ASPARTIC ACID' ? 'C4 H7 N O4'     133.103 
CA  non-polymer         . 'CALCIUM ION'   ? 'Ca 2'           40.078  
CD  non-polymer         . 'CADMIUM ION'   ? 'Cd 2'           112.411 
CYS 'L-peptide linking' y CYSTEINE        ? 'C3 H7 N O2 S'   121.158 
GLN 'L-peptide linking' y GLUTAMINE       ? 'C5 H10 N2 O3'   146.144 
GLU 'L-peptide linking' y 'GLUTAMIC ACID' ? 'C5 H9 N O4'     147.129 
GLY 'peptide linking'   y GLYCINE         ? 'C2 H5 N O2'     75.067  
HOH non-polymer         . WATER           ? 'H2 O'           18.015  
ILE 'L-peptide linking' y ISOLEUCINE      ? 'C6 H13 N O2'    131.173 
LEU 'L-peptide linking' y LEUCINE         ? 'C6 H13 N O2'    131.173 
LYS 'L-peptide linking' y LYSINE          ? 'C6 H15 N2 O2 1' 147.195 
MET 'L-peptide linking' y METHIONINE      ? 'C5 H11 N O2 S'  149.211 
PHE 'L-peptide linking' y PHENYLALANINE   ? 'C9 H11 N O2'    165.189 
PRO 'L-peptide linking' y PROLINE         ? 'C5 H9 N O2'     115.130 
SER 'L-peptide linking' y SERINE          ? 'C3 H7 N O3'     105.093 
THR 'L-peptide linking' y THREONINE       ? 'C4 H9 N O3'     119.119 
TYR 'L-peptide linking' y TYROSINE        ? 'C9 H11 N O3'    181.189 
VAL 'L-peptide linking' y VALINE          ? 'C5 H11 N O2'    117.146 
# 
loop_
_pdbx_poly_seq_scheme.asym_id 
_pdbx_poly_seq_scheme.entity_id 
_pdbx_poly_seq_scheme.seq_id 
_pdbx_poly_seq_scheme.mon_id 
_pdbx_poly_seq_scheme.ndb_seq_num 
_pdbx_poly_seq_scheme.pdb_seq_num 
_pdbx_poly_seq_scheme.auth_seq_num 
_pdbx_poly_seq_scheme.pdb_mon_id 
_pdbx_poly_seq_scheme.auth_mon_id 
_pdbx_poly_seq_scheme.pdb_strand_id 
_pdbx_poly_seq_scheme.pdb_ins_code 
_pdbx_poly_seq_scheme.hetero 
A 1 1  MET 1  1  1  MET MET A . n 
A 1 2  ASP 2  2  2  ASP ASP A . n 
A 1 3  ASP 3  3  3  ASP ASP A . n 
A 1 4  ILE 4  4  4  ILE ILE A . n 
A 1 5  TYR 5  5  5  TYR TYR A . n 
A 1 6  LYS 6  6  6  LYS LYS A . n 
A 1 7  ALA 7  7  7  ALA ALA A . n 
A 1 8  ALA 8  8  8  ALA ALA A . n 
A 1 9  VAL 9  9  9  VAL VAL A . n 
A 1 10 GLU 10 10 10 GLU GLU A . n 
A 1 11 GLN 11 11 11 GLN GLN A . n 
A 1 12 LEU 12 12 12 LEU LEU A . n 
A 1 13 THR 13 13 13 THR THR A . n 
A 1 14 GLU 14 14 14 GLU GLU A . n 
A 1 15 GLU 15 15 15 GLU GLU A . n 
A 1 16 GLN 16 16 16 GLN GLN A . n 
A 1 17 LYS 17 17 17 LYS LYS A . n 
A 1 18 ASN 18 18 18 ASN ASN A . n 
A 1 19 GLU 19 19 19 GLU GLU A . n 
A 1 20 PHE 20 20 20 PHE PHE A . n 
A 1 21 LYS 21 21 21 LYS LYS A . n 
A 1 22 ALA 22 22 22 ALA ALA A . n 
A 1 23 ALA 23 23 23 ALA ALA A . n 
A 1 24 PHE 24 24 24 PHE PHE A . n 
A 1 25 ASP 25 25 25 ASP ASP A . n 
A 1 26 ILE 26 26 26 ILE ILE A . n 
A 1 27 PHE 27 27 27 PHE PHE A . n 
A 1 28 VAL 28 28 28 VAL VAL A . n 
A 1 29 LEU 29 29 29 LEU LEU A . n 
A 1 30 GLY 30 30 30 GLY GLY A . n 
A 1 31 ALA 31 31 31 ALA ALA A . n 
A 1 32 GLU 32 32 32 GLU GLU A . n 
A 1 33 ASP 33 33 33 ASP ASP A . n 
A 1 34 GLY 34 34 34 GLY GLY A . n 
A 1 35 CYS 35 35 35 CYS CYS A . n 
A 1 36 ILE 36 36 36 ILE ILE A . n 
A 1 37 SER 37 37 37 SER SER A . n 
A 1 38 THR 38 38 38 THR THR A . n 
A 1 39 LYS 39 39 39 LYS LYS A . n 
A 1 40 GLU 40 40 40 GLU GLU A . n 
A 1 41 LEU 41 41 41 LEU LEU A . n 
A 1 42 GLY 42 42 42 GLY GLY A . n 
A 1 43 LYS 43 43 43 LYS LYS A . n 
A 1 44 VAL 44 44 44 VAL VAL A . n 
A 1 45 MET 45 45 45 MET MET A . n 
A 1 46 ARG 46 46 46 ARG ARG A . n 
A 1 47 MET 47 47 47 MET MET A . n 
A 1 48 LEU 48 48 48 LEU LEU A . n 
A 1 49 GLY 49 49 49 GLY GLY A . n 
A 1 50 GLN 50 50 50 GLN GLN A . n 
A 1 51 ASN 51 51 51 ASN ASN A . n 
A 1 52 PRO 52 52 52 PRO PRO A . n 
A 1 53 THR 53 53 53 THR THR A . n 
A 1 54 PRO 54 54 54 PRO PRO A . n 
A 1 55 GLU 55 55 55 GLU GLU A . n 
A 1 56 GLU 56 56 56 GLU GLU A . n 
A 1 57 LEU 57 57 57 LEU LEU A . n 
A 1 58 GLN 58 58 58 GLN GLN A . n 
A 1 59 GLU 59 59 59 GLU GLU A . n 
A 1 60 MET 60 60 60 MET MET A . n 
A 1 61 ILE 61 61 61 ILE ILE A . n 
A 1 62 ASP 62 62 62 ASP ASP A . n 
A 1 63 GLU 63 63 63 GLU GLU A . n 
A 1 64 VAL 64 64 64 VAL VAL A . n 
A 1 65 ASP 65 65 65 ASP ASP A . n 
A 1 66 GLU 66 66 66 GLU GLU A . n 
A 1 67 ASP 67 67 ?  ?   ?   A . n 
A 1 68 GLY 68 68 ?  ?   ?   A . n 
A 1 69 SER 69 69 ?  ?   ?   A . n 
A 1 70 GLY 70 70 70 GLY GLY A . n 
A 1 71 THR 71 71 71 THR THR A . n 
A 1 72 VAL 72 72 72 VAL VAL A . n 
A 1 73 ASP 73 73 73 ASP ASP A . n 
A 1 74 PHE 74 74 74 PHE PHE A . n 
A 1 75 ASP 75 75 75 ASP ASP A . n 
A 1 76 GLU 76 76 76 GLU GLU A . n 
A 1 77 PHE 77 77 77 PHE PHE A . n 
A 1 78 LEU 78 78 78 LEU LEU A . n 
A 1 79 VAL 79 79 79 VAL VAL A . n 
A 1 80 MET 80 80 80 MET MET A . n 
A 1 81 MET 81 81 81 MET MET A . n 
A 1 82 VAL 82 82 82 VAL VAL A . n 
A 1 83 ARG 83 83 83 ARG ARG A . n 
A 1 84 CYS 84 84 84 CYS CYS A . n 
A 1 85 MET 85 85 85 MET MET A . n 
A 1 86 LYS 86 86 86 LYS LYS A . n 
A 1 87 ASP 87 87 87 ASP ASP A . n 
A 1 88 ASP 88 88 88 ASP ASP A . n 
A 1 89 SER 89 89 89 SER SER A . n 
# 
loop_
_pdbx_nonpoly_scheme.asym_id 
_pdbx_nonpoly_scheme.entity_id 
_pdbx_nonpoly_scheme.mon_id 
_pdbx_nonpoly_scheme.ndb_seq_num 
_pdbx_nonpoly_scheme.pdb_seq_num 
_pdbx_nonpoly_scheme.auth_seq_num 
_pdbx_nonpoly_scheme.pdb_mon_id 
_pdbx_nonpoly_scheme.auth_mon_id 
_pdbx_nonpoly_scheme.pdb_strand_id 
_pdbx_nonpoly_scheme.pdb_ins_code 
B 2 CD  1  101 101 CD  CD  A . 
C 2 CD  1  102 102 CD  CD  A . 
D 2 CD  1  103 103 CD  CD  A . 
E 2 CD  1  104 104 CD  CD  A . 
F 2 CD  1  105 105 CD  CD  A . 
G 2 CD  1  106 106 CD  CD  A . 
H 2 CD  1  107 107 CD  CD  A . 
I 3 ACT 1  90  90  ACT ACT A . 
J 3 ACT 1  91  91  ACT ACT A . 
K 4 CA  1  93  93  CA  CA  A . 
L 4 CA  1  94  94  CA  CA  A . 
M 5 HOH 1  96  96  HOH HOH A . 
M 5 HOH 2  97  97  HOH HOH A . 
M 5 HOH 3  98  98  HOH HOH A . 
M 5 HOH 4  99  99  HOH HOH A . 
M 5 HOH 5  100 100 HOH HOH A . 
M 5 HOH 6  108 108 HOH HOH A . 
M 5 HOH 7  109 109 HOH HOH A . 
M 5 HOH 8  110 110 HOH HOH A . 
M 5 HOH 9  111 111 HOH HOH A . 
M 5 HOH 10 112 112 HOH HOH A . 
M 5 HOH 11 113 113 HOH HOH A . 
M 5 HOH 12 114 114 HOH HOH A . 
M 5 HOH 13 115 115 HOH HOH A . 
M 5 HOH 14 116 116 HOH HOH A . 
M 5 HOH 15 117 117 HOH HOH A . 
M 5 HOH 16 118 118 HOH HOH A . 
M 5 HOH 17 119 119 HOH HOH A . 
M 5 HOH 18 120 120 HOH HOH A . 
M 5 HOH 19 121 121 HOH HOH A . 
M 5 HOH 20 122 122 HOH HOH A . 
M 5 HOH 21 123 123 HOH HOH A . 
M 5 HOH 22 124 124 HOH HOH A . 
M 5 HOH 23 125 125 HOH HOH A . 
M 5 HOH 24 126 126 HOH HOH A . 
M 5 HOH 25 127 127 HOH HOH A . 
M 5 HOH 26 128 128 HOH HOH A . 
M 5 HOH 27 129 129 HOH HOH A . 
M 5 HOH 28 130 130 HOH HOH A . 
M 5 HOH 29 131 131 HOH HOH A . 
M 5 HOH 30 132 132 HOH HOH A . 
M 5 HOH 31 133 133 HOH HOH A . 
M 5 HOH 32 134 134 HOH HOH A . 
M 5 HOH 33 135 135 HOH HOH A . 
M 5 HOH 34 136 136 HOH HOH A . 
M 5 HOH 35 137 137 HOH HOH A . 
M 5 HOH 36 138 138 HOH HOH A . 
M 5 HOH 37 139 139 HOH HOH A . 
M 5 HOH 38 140 140 HOH HOH A . 
M 5 HOH 39 141 141 HOH HOH A . 
M 5 HOH 40 142 142 HOH HOH A . 
M 5 HOH 41 143 143 HOH HOH A . 
M 5 HOH 42 144 144 HOH HOH A . 
M 5 HOH 43 145 145 HOH HOH A . 
M 5 HOH 44 146 146 HOH HOH A . 
M 5 HOH 45 147 147 HOH HOH A . 
M 5 HOH 46 148 148 HOH HOH A . 
M 5 HOH 47 149 149 HOH HOH A . 
M 5 HOH 48 150 150 HOH HOH A . 
M 5 HOH 49 151 151 HOH HOH A . 
# 
loop_
_pdbx_unobs_or_zero_occ_atoms.id 
_pdbx_unobs_or_zero_occ_atoms.PDB_model_num 
_pdbx_unobs_or_zero_occ_atoms.polymer_flag 
_pdbx_unobs_or_zero_occ_atoms.occupancy_flag 
_pdbx_unobs_or_zero_occ_atoms.auth_asym_id 
_pdbx_unobs_or_zero_occ_atoms.auth_comp_id 
_pdbx_unobs_or_zero_occ_atoms.auth_seq_id 
_pdbx_unobs_or_zero_occ_atoms.PDB_ins_code 
_pdbx_unobs_or_zero_occ_atoms.auth_atom_id 
_pdbx_unobs_or_zero_occ_atoms.label_alt_id 
_pdbx_unobs_or_zero_occ_atoms.label_asym_id 
_pdbx_unobs_or_zero_occ_atoms.label_comp_id 
_pdbx_unobs_or_zero_occ_atoms.label_seq_id 
_pdbx_unobs_or_zero_occ_atoms.label_atom_id 
1  1 Y 1 A ASP 3  ? CG  ? A ASP 3  CG  
2  1 Y 1 A ASP 3  ? OD1 ? A ASP 3  OD1 
3  1 Y 1 A ASP 3  ? OD2 ? A ASP 3  OD2 
4  1 Y 1 A ILE 4  ? CG1 ? A ILE 4  CG1 
5  1 Y 1 A ILE 4  ? CG2 ? A ILE 4  CG2 
6  1 Y 1 A ILE 4  ? CD1 ? A ILE 4  CD1 
7  1 Y 1 A LYS 39 ? CD  ? A LYS 39 CD  
8  1 Y 1 A LYS 39 ? CE  ? A LYS 39 CE  
9  1 Y 1 A LYS 39 ? NZ  ? A LYS 39 NZ  
10 1 Y 1 A GLU 55 ? CG  ? A GLU 55 CG  
11 1 Y 1 A GLU 55 ? CD  ? A GLU 55 CD  
12 1 Y 1 A GLU 55 ? OE1 ? A GLU 55 OE1 
13 1 Y 1 A GLU 55 ? OE2 ? A GLU 55 OE2 
# 
loop_
_software.name 
_software.classification 
_software.version 
_software.citation_id 
_software.pdbx_ordinal 
MxDC     'data collection' .        ? 1 
PHASER   phasing           2.1.4    ? 2 
REFMAC   refinement        5.5.0109 ? 3 
HKL-2000 'data reduction'  .        ? 4 
HKL-2000 'data scaling'    .        ? 5 
# 
_cell.entry_id           3SD6 
_cell.length_a           49.576 
_cell.length_b           49.576 
_cell.length_c           116.041 
_cell.angle_alpha        90.00 
_cell.angle_beta         90.00 
_cell.angle_gamma        120.00 
_cell.Z_PDB              12 
_cell.pdbx_unique_axis   ? 
_cell.length_a_esd       ? 
_cell.length_b_esd       ? 
_cell.length_c_esd       ? 
_cell.angle_alpha_esd    ? 
_cell.angle_beta_esd     ? 
_cell.angle_gamma_esd    ? 
# 
_symmetry.entry_id                         3SD6 
_symmetry.space_group_name_H-M             'P 61 2 2' 
_symmetry.pdbx_full_space_group_name_H-M   ? 
_symmetry.cell_setting                     ? 
_symmetry.Int_Tables_number                178 
_symmetry.space_group_name_Hall            ? 
# 
_exptl.entry_id          3SD6 
_exptl.method            'X-RAY DIFFRACTION' 
_exptl.crystals_number   1 
# 
_exptl_crystal.id                    1 
_exptl_crystal.density_meas          ? 
_exptl_crystal.density_Matthews      2.04 
_exptl_crystal.density_percent_sol   39.82 
_exptl_crystal.description           ? 
_exptl_crystal.F_000                 ? 
_exptl_crystal.preparation           ? 
# 
_exptl_crystal_grow.crystal_id      1 
_exptl_crystal_grow.method          'VAPOR DIFFUSION, SITTING DROP' 
_exptl_crystal_grow.temp            298.0 
_exptl_crystal_grow.temp_details    ? 
_exptl_crystal_grow.pH              7.5 
_exptl_crystal_grow.pdbx_pH_range   ? 
_exptl_crystal_grow.pdbx_details    
'cadmium sulphate 0.05M, sodium acetate 1.0M, 0.1M Hepes, pH 7.5, VAPOR DIFFUSION, SITTING DROP, temperature 298.0K' 
# 
_diffrn.id                     1 
_diffrn.ambient_temp           100 
_diffrn.ambient_temp_details   ? 
_diffrn.crystal_id             1 
# 
_diffrn_detector.diffrn_id              1 
_diffrn_detector.detector               CCD 
_diffrn_detector.type                   'MARMOSAIC 300 mm CCD' 
_diffrn_detector.pdbx_collection_date   2010-07-28 
_diffrn_detector.details                ? 
# 
_diffrn_radiation.diffrn_id                        1 
_diffrn_radiation.wavelength_id                    1 
_diffrn_radiation.pdbx_monochromatic_or_laue_m_l   M 
_diffrn_radiation.monochromator                    'double crystal monochromator' 
_diffrn_radiation.pdbx_diffrn_protocol             'SINGLE WAVELENGTH' 
_diffrn_radiation.pdbx_scattering_type             x-ray 
# 
_diffrn_radiation_wavelength.id           1 
_diffrn_radiation_wavelength.wavelength   0.97949 
_diffrn_radiation_wavelength.wt           1.0 
# 
_diffrn_source.diffrn_id                   1 
_diffrn_source.source                      SYNCHROTRON 
_diffrn_source.type                        'CLSI BEAMLINE 08ID-1' 
_diffrn_source.pdbx_synchrotron_site       CLSI 
_diffrn_source.pdbx_synchrotron_beamline   08ID-1 
_diffrn_source.pdbx_wavelength             ? 
_diffrn_source.pdbx_wavelength_list        0.97949 
# 
_reflns.pdbx_diffrn_id               1 
_reflns.pdbx_ordinal                 1 
_reflns.entry_id                     3SD6 
_reflns.observed_criterion_sigma_I   -3 
_reflns.observed_criterion_sigma_F   2 
_reflns.d_resolution_low             50.0 
_reflns.d_resolution_high            1.37 
_reflns.number_obs                   17494 
_reflns.number_all                   18054 
_reflns.percent_possible_obs         97.0 
_reflns.pdbx_Rmerge_I_obs            0.050 
_reflns.pdbx_Rsym_value              ? 
_reflns.pdbx_netI_over_sigmaI        64.0 
_reflns.B_iso_Wilson_estimate        ? 
_reflns.pdbx_redundancy              10.5 
_reflns.R_free_details               ? 
_reflns.limit_h_max                  ? 
_reflns.limit_h_min                  ? 
_reflns.limit_k_max                  ? 
_reflns.limit_k_min                  ? 
_reflns.limit_l_max                  ? 
_reflns.limit_l_min                  ? 
_reflns.observed_criterion_F_max     ? 
_reflns.observed_criterion_F_min     ? 
_reflns.pdbx_chi_squared             ? 
_reflns.pdbx_scaling_rejects         ? 
# 
_reflns_shell.pdbx_diffrn_id         1 
_reflns_shell.pdbx_ordinal           1 
_reflns_shell.d_res_high             1.37 
_reflns_shell.d_res_low              1.42 
_reflns_shell.percent_possible_all   79.8 
_reflns_shell.Rmerge_I_obs           0.429 
_reflns_shell.pdbx_Rsym_value        ? 
_reflns_shell.meanI_over_sigI_obs    2.3 
_reflns_shell.pdbx_redundancy        4.3 
_reflns_shell.percent_possible_obs   ? 
_reflns_shell.number_unique_all      ? 
_reflns_shell.number_measured_all    ? 
_reflns_shell.number_measured_obs    ? 
_reflns_shell.number_unique_obs      ? 
_reflns_shell.pdbx_chi_squared       ? 
# 
_refine.pdbx_refine_id                           'X-RAY DIFFRACTION' 
_refine.entry_id                                 3SD6 
_refine.pdbx_diffrn_id                           1 
_refine.pdbx_TLS_residual_ADP_flag               ? 
_refine.ls_number_reflns_obs                     17008 
_refine.ls_number_reflns_all                     ? 
_refine.pdbx_ls_sigma_I                          ? 
_refine.pdbx_ls_sigma_F                          ? 
_refine.pdbx_data_cutoff_high_absF               ? 
_refine.pdbx_data_cutoff_low_absF                ? 
_refine.pdbx_data_cutoff_high_rms_absF           ? 
_refine.ls_d_res_low                             42.93 
_refine.ls_d_res_high                            1.37 
_refine.ls_percent_reflns_obs                    96.7 
_refine.ls_R_factor_obs                          0.134 
_refine.ls_R_factor_all                          ? 
_refine.ls_R_factor_R_work                       0.133 
_refine.ls_R_factor_R_free                       0.148 
_refine.ls_R_factor_R_free_error                 ? 
_refine.ls_R_factor_R_free_error_details         ? 
_refine.ls_percent_reflns_R_free                 5.200 
_refine.ls_number_reflns_R_free                  924 
_refine.ls_number_parameters                     ? 
_refine.ls_number_restraints                     ? 
_refine.occupancy_min                            ? 
_refine.occupancy_max                            ? 
_refine.correlation_coeff_Fo_to_Fc               0.976 
_refine.correlation_coeff_Fo_to_Fc_free          0.977 
_refine.B_iso_mean                               25.78 
_refine.aniso_B[1][1]                            1.10000 
_refine.aniso_B[2][2]                            1.10000 
_refine.aniso_B[3][3]                            -1.65000 
_refine.aniso_B[1][2]                            0.55000 
_refine.aniso_B[1][3]                            0.00000 
_refine.aniso_B[2][3]                            0.00000 
_refine.solvent_model_details                    MASK 
_refine.solvent_model_param_ksol                 ? 
_refine.solvent_model_param_bsol                 ? 
_refine.pdbx_solvent_vdw_probe_radii             1.40 
_refine.pdbx_solvent_ion_probe_radii             0.80 
_refine.pdbx_solvent_shrinkage_radii             0.80 
_refine.pdbx_ls_cross_valid_method               THROUGHOUT 
_refine.details                                  'HYDROGENS HAVE BEEN ADDED IN THE RIDING POSITIONS' 
_refine.pdbx_starting_model                      ? 
_refine.pdbx_method_to_determine_struct          'MOLECULAR REPLACEMENT' 
_refine.pdbx_isotropic_thermal_model             ? 
_refine.pdbx_stereochemistry_target_values       'MAXIMUM LIKELIHOOD' 
_refine.pdbx_stereochem_target_val_spec_case     ? 
_refine.pdbx_R_Free_selection_details            RANDOM 
_refine.pdbx_overall_ESU_R                       0.050 
_refine.pdbx_overall_ESU_R_Free                  0.044 
_refine.overall_SU_ML                            0.028 
_refine.pdbx_overall_phase_error                 ? 
_refine.overall_SU_B                             1.566 
_refine.overall_SU_R_Cruickshank_DPI             ? 
_refine.pdbx_overall_SU_R_free_Cruickshank_DPI   ? 
_refine.pdbx_overall_SU_R_Blow_DPI               ? 
_refine.pdbx_overall_SU_R_free_Blow_DPI          ? 
_refine.ls_redundancy_reflns_obs                 ? 
_refine.B_iso_min                                ? 
_refine.B_iso_max                                ? 
_refine.overall_SU_R_free                        ? 
_refine.ls_wR_factor_R_free                      ? 
_refine.ls_wR_factor_R_work                      ? 
_refine.overall_FOM_free_R_set                   ? 
_refine.overall_FOM_work_R_set                   ? 
# 
_refine_hist.pdbx_refine_id                   'X-RAY DIFFRACTION' 
_refine_hist.cycle_id                         LAST 
_refine_hist.pdbx_number_atoms_protein        667 
_refine_hist.pdbx_number_atoms_nucleic_acid   0 
_refine_hist.pdbx_number_atoms_ligand         17 
_refine_hist.number_atoms_solvent             49 
_refine_hist.number_atoms_total               733 
_refine_hist.d_res_high                       1.37 
_refine_hist.d_res_low                        42.93 
# 
loop_
_refine_ls_restr.type 
_refine_ls_restr.dev_ideal 
_refine_ls_restr.dev_ideal_target 
_refine_ls_restr.weight 
_refine_ls_restr.number 
_refine_ls_restr.pdbx_refine_id 
_refine_ls_restr.pdbx_restraint_function 
r_bond_refined_d             0.012  0.022  ? 694 'X-RAY DIFFRACTION' ? 
r_bond_other_d               ?      ?      ? ?   'X-RAY DIFFRACTION' ? 
r_angle_refined_deg          1.541  1.989  ? 917 'X-RAY DIFFRACTION' ? 
r_angle_other_deg            ?      ?      ? ?   'X-RAY DIFFRACTION' ? 
r_dihedral_angle_1_deg       6.025  5.000  ? 84  'X-RAY DIFFRACTION' ? 
r_dihedral_angle_2_deg       43.900 27.222 ? 36  'X-RAY DIFFRACTION' ? 
r_dihedral_angle_3_deg       15.722 15.000 ? 131 'X-RAY DIFFRACTION' ? 
r_dihedral_angle_4_deg       25.800 15.000 ? 2   'X-RAY DIFFRACTION' ? 
r_chiral_restr               0.118  0.200  ? 101 'X-RAY DIFFRACTION' ? 
r_gen_planes_refined         0.015  0.020  ? 521 'X-RAY DIFFRACTION' ? 
r_gen_planes_other           ?      ?      ? ?   'X-RAY DIFFRACTION' ? 
r_nbd_refined                ?      ?      ? ?   'X-RAY DIFFRACTION' ? 
r_nbd_other                  ?      ?      ? ?   'X-RAY DIFFRACTION' ? 
r_nbtor_refined              ?      ?      ? ?   'X-RAY DIFFRACTION' ? 
r_nbtor_other                ?      ?      ? ?   'X-RAY DIFFRACTION' ? 
r_xyhbond_nbd_refined        ?      ?      ? ?   'X-RAY DIFFRACTION' ? 
r_xyhbond_nbd_other          ?      ?      ? ?   'X-RAY DIFFRACTION' ? 
r_metal_ion_refined          ?      ?      ? ?   'X-RAY DIFFRACTION' ? 
r_metal_ion_other            ?      ?      ? ?   'X-RAY DIFFRACTION' ? 
r_symmetry_vdw_refined       ?      ?      ? ?   'X-RAY DIFFRACTION' ? 
r_symmetry_vdw_other         ?      ?      ? ?   'X-RAY DIFFRACTION' ? 
r_symmetry_hbond_refined     ?      ?      ? ?   'X-RAY DIFFRACTION' ? 
r_symmetry_hbond_other       ?      ?      ? ?   'X-RAY DIFFRACTION' ? 
r_symmetry_metal_ion_refined ?      ?      ? ?   'X-RAY DIFFRACTION' ? 
r_symmetry_metal_ion_other   ?      ?      ? ?   'X-RAY DIFFRACTION' ? 
r_mcbond_it                  3.781  1.500  ? 439 'X-RAY DIFFRACTION' ? 
r_mcbond_other               ?      ?      ? ?   'X-RAY DIFFRACTION' ? 
r_mcangle_it                 5.169  2.000  ? 687 'X-RAY DIFFRACTION' ? 
r_scbond_it                  6.916  3.000  ? 255 'X-RAY DIFFRACTION' ? 
r_scangle_it                 9.236  4.500  ? 230 'X-RAY DIFFRACTION' ? 
r_rigid_bond_restr           4.134  3.000  ? 694 'X-RAY DIFFRACTION' ? 
r_sphericity_free            ?      ?      ? ?   'X-RAY DIFFRACTION' ? 
r_sphericity_bonded          ?      ?      ? ?   'X-RAY DIFFRACTION' ? 
# 
_refine_ls_shell.pdbx_refine_id                   'X-RAY DIFFRACTION' 
_refine_ls_shell.pdbx_total_number_of_bins_used   20 
_refine_ls_shell.d_res_high                       1.37 
_refine_ls_shell.d_res_low                        1.41 
_refine_ls_shell.number_reflns_R_work             966 
_refine_ls_shell.R_factor_R_work                  0.2570 
_refine_ls_shell.percent_reflns_obs               76.33 
_refine_ls_shell.R_factor_R_free                  0.2550 
_refine_ls_shell.R_factor_R_free_error            ? 
_refine_ls_shell.percent_reflns_R_free            ? 
_refine_ls_shell.number_reflns_R_free             56 
_refine_ls_shell.number_reflns_all                ? 
_refine_ls_shell.R_factor_all                     ? 
_refine_ls_shell.redundancy_reflns_obs            ? 
_refine_ls_shell.number_reflns_obs                ? 
# 
_struct.entry_id                  3SD6 
_struct.title                     
'Crystal structure of the amino-terminal domain of human cardiac troponin C in complex with cadmium at 1.4 resolution.' 
_struct.pdbx_model_details        ? 
_struct.pdbx_CASP_flag            ? 
_struct.pdbx_model_type_details   ? 
# 
_struct_keywords.entry_id        3SD6 
_struct_keywords.pdbx_keywords   'CONTRACTILE PROTEIN' 
_struct_keywords.text            'HELIX-LOOP-HELIX EF-HAND MOTIF, CONTRACTILE PROTEIN, CALCIUM SENSOR, CADMIUM BINDING' 
# 
loop_
_struct_asym.id 
_struct_asym.pdbx_blank_PDB_chainid_flag 
_struct_asym.pdbx_modified 
_struct_asym.entity_id 
_struct_asym.details 
A N N 1 ? 
B N N 2 ? 
C N N 2 ? 
D N N 2 ? 
E N N 2 ? 
F N N 2 ? 
G N N 2 ? 
H N N 2 ? 
I N N 3 ? 
J N N 3 ? 
K N N 4 ? 
L N N 4 ? 
M N N 5 ? 
# 
_struct_ref.id                         1 
_struct_ref.db_name                    UNP 
_struct_ref.db_code                    TNNC1_HUMAN 
_struct_ref.pdbx_db_accession          P63316 
_struct_ref.entity_id                  1 
_struct_ref.pdbx_seq_one_letter_code   
;MDDIYKAAVEQLTEEQKNEFKAAFDIFVLGAEDGCISTKELGKVMRMLGQNPTPEELQEMIDEVDEDGSGTVDFDEFLVM
MVRCMKDDS
;
_struct_ref.pdbx_align_begin           1 
_struct_ref.pdbx_db_isoform            ? 
# 
_struct_ref_seq.align_id                      1 
_struct_ref_seq.ref_id                        1 
_struct_ref_seq.pdbx_PDB_id_code              3SD6 
_struct_ref_seq.pdbx_strand_id                A 
_struct_ref_seq.seq_align_beg                 1 
_struct_ref_seq.pdbx_seq_align_beg_ins_code   ? 
_struct_ref_seq.seq_align_end                 89 
_struct_ref_seq.pdbx_seq_align_end_ins_code   ? 
_struct_ref_seq.pdbx_db_accession             P63316 
_struct_ref_seq.db_align_beg                  1 
_struct_ref_seq.pdbx_db_align_beg_ins_code    ? 
_struct_ref_seq.db_align_end                  89 
_struct_ref_seq.pdbx_db_align_end_ins_code    ? 
_struct_ref_seq.pdbx_auth_seq_align_beg       1 
_struct_ref_seq.pdbx_auth_seq_align_end       89 
# 
_pdbx_struct_assembly.id                   1 
_pdbx_struct_assembly.details              author_defined_assembly 
_pdbx_struct_assembly.method_details       ? 
_pdbx_struct_assembly.oligomeric_details   monomeric 
_pdbx_struct_assembly.oligomeric_count     1 
# 
_pdbx_struct_assembly_gen.assembly_id       1 
_pdbx_struct_assembly_gen.oper_expression   1 
_pdbx_struct_assembly_gen.asym_id_list      A,B,C,D,E,F,G,H,I,J,K,L,M 
# 
_pdbx_struct_oper_list.id                   1 
_pdbx_struct_oper_list.type                 'identity operation' 
_pdbx_struct_oper_list.name                 1_555 
_pdbx_struct_oper_list.symmetry_operation   x,y,z 
_pdbx_struct_oper_list.matrix[1][1]         1.0000000000 
_pdbx_struct_oper_list.matrix[1][2]         0.0000000000 
_pdbx_struct_oper_list.matrix[1][3]         0.0000000000 
_pdbx_struct_oper_list.vector[1]            0.0000000000 
_pdbx_struct_oper_list.matrix[2][1]         0.0000000000 
_pdbx_struct_oper_list.matrix[2][2]         1.0000000000 
_pdbx_struct_oper_list.matrix[2][3]         0.0000000000 
_pdbx_struct_oper_list.vector[2]            0.0000000000 
_pdbx_struct_oper_list.matrix[3][1]         0.0000000000 
_pdbx_struct_oper_list.matrix[3][2]         0.0000000000 
_pdbx_struct_oper_list.matrix[3][3]         1.0000000000 
_pdbx_struct_oper_list.vector[3]            0.0000000000 
# 
_struct_biol.id        1 
_struct_biol.details   ? 
# 
loop_
_struct_conf.conf_type_id 
_struct_conf.id 
_struct_conf.pdbx_PDB_helix_id 
_struct_conf.beg_label_comp_id 
_struct_conf.beg_label_asym_id 
_struct_conf.beg_label_seq_id 
_struct_conf.pdbx_beg_PDB_ins_code 
_struct_conf.end_label_comp_id 
_struct_conf.end_label_asym_id 
_struct_conf.end_label_seq_id 
_struct_conf.pdbx_end_PDB_ins_code 
_struct_conf.beg_auth_comp_id 
_struct_conf.beg_auth_asym_id 
_struct_conf.beg_auth_seq_id 
_struct_conf.end_auth_comp_id 
_struct_conf.end_auth_asym_id 
_struct_conf.end_auth_seq_id 
_struct_conf.pdbx_PDB_helix_class 
_struct_conf.details 
_struct_conf.pdbx_PDB_helix_length 
HELX_P HELX_P1 1 ASP A 2  ? GLU A 10 ? ASP A 2  GLU A 10 1 ? 9  
HELX_P HELX_P2 2 THR A 13 ? ILE A 26 ? THR A 13 ILE A 26 1 ? 14 
HELX_P HELX_P3 3 THR A 38 ? LEU A 48 ? THR A 38 LEU A 48 1 ? 11 
HELX_P HELX_P4 4 THR A 53 ? ASP A 65 ? THR A 53 ASP A 65 1 ? 13 
HELX_P HELX_P5 5 PHE A 74 ? LYS A 86 ? PHE A 74 LYS A 86 1 ? 13 
# 
_struct_conf_type.id          HELX_P 
_struct_conf_type.criteria    ? 
_struct_conf_type.reference   ? 
# 
loop_
_struct_conn.id 
_struct_conn.conn_type_id 
_struct_conn.pdbx_leaving_atom_flag 
_struct_conn.pdbx_PDB_id 
_struct_conn.ptnr1_label_asym_id 
_struct_conn.ptnr1_label_comp_id 
_struct_conn.ptnr1_label_seq_id 
_struct_conn.ptnr1_label_atom_id 
_struct_conn.pdbx_ptnr1_label_alt_id 
_struct_conn.pdbx_ptnr1_PDB_ins_code 
_struct_conn.pdbx_ptnr1_standard_comp_id 
_struct_conn.ptnr1_symmetry 
_struct_conn.ptnr2_label_asym_id 
_struct_conn.ptnr2_label_comp_id 
_struct_conn.ptnr2_label_seq_id 
_struct_conn.ptnr2_label_atom_id 
_struct_conn.pdbx_ptnr2_label_alt_id 
_struct_conn.pdbx_ptnr2_PDB_ins_code 
_struct_conn.ptnr1_auth_asym_id 
_struct_conn.ptnr1_auth_comp_id 
_struct_conn.ptnr1_auth_seq_id 
_struct_conn.ptnr2_auth_asym_id 
_struct_conn.ptnr2_auth_comp_id 
_struct_conn.ptnr2_auth_seq_id 
_struct_conn.ptnr2_symmetry 
_struct_conn.pdbx_ptnr3_label_atom_id 
_struct_conn.pdbx_ptnr3_label_seq_id 
_struct_conn.pdbx_ptnr3_label_comp_id 
_struct_conn.pdbx_ptnr3_label_asym_id 
_struct_conn.pdbx_ptnr3_label_alt_id 
_struct_conn.pdbx_ptnr3_PDB_ins_code 
_struct_conn.details 
_struct_conn.pdbx_dist_value 
_struct_conn.pdbx_value_order 
_struct_conn.pdbx_role 
metalc1  metalc ? ? A GLU 15 OE2 ? ? ? 1_555 L CA  . CA ? ? A GLU 15  A CA  94  1_555 ? ? ? ? ? ? ? 2.271 ? ? 
metalc2  metalc ? ? A GLU 19 OE2 B ? ? 1_555 K CA  . CA ? ? A GLU 19  A CA  93  1_555 ? ? ? ? ? ? ? 2.400 ? ? 
metalc3  metalc ? ? A GLU 19 OE1 B ? ? 1_555 K CA  . CA ? ? A GLU 19  A CA  93  1_555 ? ? ? ? ? ? ? 2.516 ? ? 
metalc4  metalc ? ? A GLU 19 OE2 A ? ? 1_555 L CA  . CA ? ? A GLU 19  A CA  94  1_555 ? ? ? ? ? ? ? 2.021 ? ? 
metalc5  metalc ? ? A PHE 27 O   ? ? ? 1_555 B CD  . CD ? ? A PHE 27  A CD  101 1_555 ? ? ? ? ? ? ? 2.339 ? ? 
metalc6  metalc ? ? A ASP 33 OD1 ? ? ? 1_555 E CD  . CD ? ? A ASP 33  A CD  104 1_555 ? ? ? ? ? ? ? 2.265 ? ? 
metalc7  metalc ? ? A ASP 33 OD2 ? ? ? 1_555 E CD  . CD ? ? A ASP 33  A CD  104 1_555 ? ? ? ? ? ? ? 2.476 ? ? 
metalc8  metalc ? ? A CYS 35 O   ? ? ? 1_555 E CD  . CD ? ? A CYS 35  A CD  104 1_555 ? ? ? ? ? ? ? 2.458 ? ? 
metalc9  metalc ? ? A CYS 35 SG  ? ? ? 1_555 E CD  . CD ? ? A CYS 35  A CD  104 1_555 ? ? ? ? ? ? ? 2.549 ? ? 
metalc10 metalc ? ? A GLU 40 OE2 ? ? ? 1_555 B CD  . CD ? ? A GLU 40  A CD  101 1_555 ? ? ? ? ? ? ? 2.262 ? ? 
metalc11 metalc ? ? A GLU 40 OE1 ? ? ? 1_555 B CD  . CD ? ? A GLU 40  A CD  101 1_555 ? ? ? ? ? ? ? 2.389 ? ? 
metalc12 metalc ? ? A GLN 50 OE1 ? ? ? 1_555 D CD  . CD ? ? A GLN 50  A CD  103 1_555 ? ? ? ? ? ? ? 2.400 ? ? 
metalc13 metalc ? ? A GLU 56 OE1 ? ? ? 1_555 C CD  . CD ? ? A GLU 56  A CD  102 1_555 ? ? ? ? ? ? ? 2.282 ? ? 
metalc14 metalc ? ? A GLU 56 OE2 ? ? ? 1_555 C CD  . CD ? ? A GLU 56  A CD  102 1_555 ? ? ? ? ? ? ? 2.332 ? ? 
metalc15 metalc ? ? A GLU 59 OE2 ? ? ? 1_555 G CD  . CD ? ? A GLU 59  A CD  106 1_555 ? ? ? ? ? ? ? 2.292 ? ? 
metalc16 metalc ? ? A GLU 59 OE1 ? ? ? 1_555 G CD  . CD ? ? A GLU 59  A CD  106 1_555 ? ? ? ? ? ? ? 2.489 ? ? 
metalc17 metalc ? ? A ASP 65 OD2 ? ? ? 1_555 H CD  . CD ? ? A ASP 65  A CD  107 1_555 ? ? ? ? ? ? ? 2.162 ? ? 
metalc18 metalc ? ? A GLU 66 OE2 ? ? ? 1_555 F CD  . CD ? ? A GLU 66  A CD  105 1_555 ? ? ? ? ? ? ? 2.390 ? ? 
metalc19 metalc ? ? A THR 71 O   ? ? ? 1_555 H CD  . CD ? ? A THR 71  A CD  107 1_555 ? ? ? ? ? ? ? 2.546 ? ? 
metalc20 metalc ? ? A ASP 73 OD2 ? ? ? 1_555 F CD  . CD ? ? A ASP 73  A CD  105 1_555 ? ? ? ? ? ? ? 2.254 ? ? 
metalc21 metalc ? ? A ASP 73 OD1 ? ? ? 1_555 F CD  . CD ? ? A ASP 73  A CD  105 1_555 ? ? ? ? ? ? ? 2.634 ? ? 
metalc22 metalc ? ? A ASP 75 OD2 ? ? ? 1_555 F CD  . CD ? ? A ASP 75  A CD  105 1_555 ? ? ? ? ? ? ? 2.301 ? ? 
metalc23 metalc ? ? A ASP 75 OD1 ? ? ? 1_555 F CD  . CD ? ? A ASP 75  A CD  105 1_555 ? ? ? ? ? ? ? 2.449 ? ? 
metalc24 metalc ? ? A GLU 76 OE1 ? ? ? 1_555 H CD  . CD ? ? A GLU 76  A CD  107 1_555 ? ? ? ? ? ? ? 2.268 ? ? 
metalc25 metalc ? ? A GLU 76 OE2 ? ? ? 1_555 H CD  . CD ? ? A GLU 76  A CD  107 1_555 ? ? ? ? ? ? ? 2.608 ? ? 
metalc26 metalc ? ? A CYS 84 SG  ? ? ? 1_555 C CD  . CD ? ? A CYS 84  A CD  102 1_555 ? ? ? ? ? ? ? 2.493 ? ? 
metalc27 metalc ? ? A CYS 84 O   ? ? ? 1_555 D CD  . CD ? ? A CYS 84  A CD  103 1_555 ? ? ? ? ? ? ? 2.303 ? ? 
metalc28 metalc ? ? A CYS 84 SG  ? ? ? 1_555 D CD  . CD ? ? A CYS 84  A CD  103 1_555 ? ? ? ? ? ? ? 2.542 ? ? 
metalc29 metalc ? ? A ASP 87 OD2 ? ? ? 1_555 C CD  . CD ? ? A ASP 87  A CD  102 1_555 ? ? ? ? ? ? ? 2.182 ? ? 
metalc30 metalc ? ? A ASP 87 OD1 ? ? ? 1_555 D CD  . CD ? ? A ASP 87  A CD  103 1_555 ? ? ? ? ? ? ? 2.314 ? ? 
metalc31 metalc ? ? I ACT .  OXT ? ? ? 1_555 E CD  . CD ? ? A ACT 90  A CD  104 1_555 ? ? ? ? ? ? ? 2.297 ? ? 
metalc32 metalc ? ? K CA  .  CA  ? ? ? 1_555 M HOH . O  ? ? A CA  93  A HOH 129 1_555 ? ? ? ? ? ? ? 2.274 ? ? 
metalc33 metalc ? ? M HOH .  O   ? ? ? 1_555 E CD  . CD ? ? A HOH 97  A CD  104 1_555 ? ? ? ? ? ? ? 2.415 ? ? 
metalc34 metalc ? ? B CD  .  CD  ? ? ? 1_555 M HOH . O  ? ? A CD  101 A HOH 125 1_555 ? ? ? ? ? ? ? 2.343 ? ? 
metalc35 metalc ? ? B CD  .  CD  ? ? ? 1_555 M HOH . O  ? ? A CD  101 A HOH 145 1_555 ? ? ? ? ? ? ? 2.344 ? ? 
metalc36 metalc ? ? G CD  .  CD  ? ? ? 1_555 M HOH . O  ? ? A CD  106 A HOH 131 1_555 ? ? ? ? ? ? ? 2.375 ? ? 
metalc37 metalc ? ? G CD  .  CD  ? ? ? 1_555 M HOH . O  ? ? A CD  106 A HOH 132 1_555 ? ? ? ? ? ? ? 2.382 ? ? 
metalc38 metalc ? ? G CD  .  CD  ? ? ? 1_555 M HOH . O  ? ? A CD  106 A HOH 133 1_555 ? ? ? ? ? ? ? 2.352 ? ? 
metalc39 metalc ? ? H CD  .  CD  ? ? ? 1_555 M HOH . O  ? ? A CD  107 A HOH 147 1_555 ? ? ? ? ? ? ? 2.114 ? ? 
metalc40 metalc ? ? H CD  .  CD  ? ? ? 1_555 M HOH . O  ? ? A CD  107 A HOH 148 1_555 ? ? ? ? ? ? ? 2.036 ? ? 
metalc41 metalc ? ? H CD  .  CD  ? ? ? 1_555 M HOH . O  ? ? A CD  107 A HOH 151 1_555 ? ? ? ? ? ? ? 2.622 ? ? 
# 
_struct_conn_type.id          metalc 
_struct_conn_type.criteria    ? 
_struct_conn_type.reference   ? 
# 
loop_
_pdbx_struct_conn_angle.id 
_pdbx_struct_conn_angle.ptnr1_label_atom_id 
_pdbx_struct_conn_angle.ptnr1_label_alt_id 
_pdbx_struct_conn_angle.ptnr1_label_asym_id 
_pdbx_struct_conn_angle.ptnr1_label_comp_id 
_pdbx_struct_conn_angle.ptnr1_label_seq_id 
_pdbx_struct_conn_angle.ptnr1_auth_atom_id 
_pdbx_struct_conn_angle.ptnr1_auth_asym_id 
_pdbx_struct_conn_angle.ptnr1_auth_comp_id 
_pdbx_struct_conn_angle.ptnr1_auth_seq_id 
_pdbx_struct_conn_angle.ptnr1_PDB_ins_code 
_pdbx_struct_conn_angle.ptnr1_symmetry 
_pdbx_struct_conn_angle.ptnr2_label_atom_id 
_pdbx_struct_conn_angle.ptnr2_label_alt_id 
_pdbx_struct_conn_angle.ptnr2_label_asym_id 
_pdbx_struct_conn_angle.ptnr2_label_comp_id 
_pdbx_struct_conn_angle.ptnr2_label_seq_id 
_pdbx_struct_conn_angle.ptnr2_auth_atom_id 
_pdbx_struct_conn_angle.ptnr2_auth_asym_id 
_pdbx_struct_conn_angle.ptnr2_auth_comp_id 
_pdbx_struct_conn_angle.ptnr2_auth_seq_id 
_pdbx_struct_conn_angle.ptnr2_PDB_ins_code 
_pdbx_struct_conn_angle.ptnr2_symmetry 
_pdbx_struct_conn_angle.ptnr3_label_atom_id 
_pdbx_struct_conn_angle.ptnr3_label_alt_id 
_pdbx_struct_conn_angle.ptnr3_label_asym_id 
_pdbx_struct_conn_angle.ptnr3_label_comp_id 
_pdbx_struct_conn_angle.ptnr3_label_seq_id 
_pdbx_struct_conn_angle.ptnr3_auth_atom_id 
_pdbx_struct_conn_angle.ptnr3_auth_asym_id 
_pdbx_struct_conn_angle.ptnr3_auth_comp_id 
_pdbx_struct_conn_angle.ptnr3_auth_seq_id 
_pdbx_struct_conn_angle.ptnr3_PDB_ins_code 
_pdbx_struct_conn_angle.ptnr3_symmetry 
_pdbx_struct_conn_angle.value 
_pdbx_struct_conn_angle.value_esd 
1  OE2 ? A GLU 15 ? A GLU 15  ? 1_555 CA ? L CA . ? A CA 94  ? 1_555 OE2 A A GLU 19 ? A GLU 19  ? 1_555 91.4  ? 
2  OE2 B A GLU 19 ? A GLU 19  ? 1_555 CA ? K CA . ? A CA 93  ? 1_555 OE1 B A GLU 19 ? A GLU 19  ? 1_555 53.1  ? 
3  OE2 B A GLU 19 ? A GLU 19  ? 1_555 CA ? K CA . ? A CA 93  ? 1_555 O   ? M HOH .  ? A HOH 129 ? 1_555 95.9  ? 
4  OE1 B A GLU 19 ? A GLU 19  ? 1_555 CA ? K CA . ? A CA 93  ? 1_555 O   ? M HOH .  ? A HOH 129 ? 1_555 80.8  ? 
5  O   ? A PHE 27 ? A PHE 27  ? 1_555 CD ? B CD . ? A CD 101 ? 1_555 OE2 ? A GLU 40 ? A GLU 40  ? 1_555 98.2  ? 
6  O   ? A PHE 27 ? A PHE 27  ? 1_555 CD ? B CD . ? A CD 101 ? 1_555 OE1 ? A GLU 40 ? A GLU 40  ? 1_555 89.7  ? 
7  OE2 ? A GLU 40 ? A GLU 40  ? 1_555 CD ? B CD . ? A CD 101 ? 1_555 OE1 ? A GLU 40 ? A GLU 40  ? 1_555 55.9  ? 
8  O   ? A PHE 27 ? A PHE 27  ? 1_555 CD ? B CD . ? A CD 101 ? 1_555 O   ? M HOH .  ? A HOH 125 ? 1_555 85.6  ? 
9  OE2 ? A GLU 40 ? A GLU 40  ? 1_555 CD ? B CD . ? A CD 101 ? 1_555 O   ? M HOH .  ? A HOH 125 ? 1_555 145.7 ? 
10 OE1 ? A GLU 40 ? A GLU 40  ? 1_555 CD ? B CD . ? A CD 101 ? 1_555 O   ? M HOH .  ? A HOH 125 ? 1_555 90.3  ? 
11 O   ? A PHE 27 ? A PHE 27  ? 1_555 CD ? B CD . ? A CD 101 ? 1_555 O   ? M HOH .  ? A HOH 145 ? 1_555 169.4 ? 
12 OE2 ? A GLU 40 ? A GLU 40  ? 1_555 CD ? B CD . ? A CD 101 ? 1_555 O   ? M HOH .  ? A HOH 145 ? 1_555 87.5  ? 
13 OE1 ? A GLU 40 ? A GLU 40  ? 1_555 CD ? B CD . ? A CD 101 ? 1_555 O   ? M HOH .  ? A HOH 145 ? 1_555 86.1  ? 
14 O   ? M HOH .  ? A HOH 125 ? 1_555 CD ? B CD . ? A CD 101 ? 1_555 O   ? M HOH .  ? A HOH 145 ? 1_555 84.8  ? 
15 OD1 ? A ASP 33 ? A ASP 33  ? 1_555 CD ? E CD . ? A CD 104 ? 1_555 OD2 ? A ASP 33 ? A ASP 33  ? 1_555 54.5  ? 
16 OD1 ? A ASP 33 ? A ASP 33  ? 1_555 CD ? E CD . ? A CD 104 ? 1_555 O   ? A CYS 35 ? A CYS 35  ? 1_555 86.2  ? 
17 OD2 ? A ASP 33 ? A ASP 33  ? 1_555 CD ? E CD . ? A CD 104 ? 1_555 O   ? A CYS 35 ? A CYS 35  ? 1_555 80.9  ? 
18 OD1 ? A ASP 33 ? A ASP 33  ? 1_555 CD ? E CD . ? A CD 104 ? 1_555 SG  ? A CYS 35 ? A CYS 35  ? 1_555 99.8  ? 
19 OD2 ? A ASP 33 ? A ASP 33  ? 1_555 CD ? E CD . ? A CD 104 ? 1_555 SG  ? A CYS 35 ? A CYS 35  ? 1_555 151.9 ? 
20 O   ? A CYS 35 ? A CYS 35  ? 1_555 CD ? E CD . ? A CD 104 ? 1_555 SG  ? A CYS 35 ? A CYS 35  ? 1_555 86.7  ? 
21 OD1 ? A ASP 33 ? A ASP 33  ? 1_555 CD ? E CD . ? A CD 104 ? 1_555 OXT ? I ACT .  ? A ACT 90  ? 1_555 139.6 ? 
22 OD2 ? A ASP 33 ? A ASP 33  ? 1_555 CD ? E CD . ? A CD 104 ? 1_555 OXT ? I ACT .  ? A ACT 90  ? 1_555 85.1  ? 
23 O   ? A CYS 35 ? A CYS 35  ? 1_555 CD ? E CD . ? A CD 104 ? 1_555 OXT ? I ACT .  ? A ACT 90  ? 1_555 85.8  ? 
24 SG  ? A CYS 35 ? A CYS 35  ? 1_555 CD ? E CD . ? A CD 104 ? 1_555 OXT ? I ACT .  ? A ACT 90  ? 1_555 119.2 ? 
25 OD1 ? A ASP 33 ? A ASP 33  ? 1_555 CD ? E CD . ? A CD 104 ? 1_555 O   ? M HOH .  ? A HOH 97  ? 1_555 93.8  ? 
26 OD2 ? A ASP 33 ? A ASP 33  ? 1_555 CD ? E CD . ? A CD 104 ? 1_555 O   ? M HOH .  ? A HOH 97  ? 1_555 98.6  ? 
27 O   ? A CYS 35 ? A CYS 35  ? 1_555 CD ? E CD . ? A CD 104 ? 1_555 O   ? M HOH .  ? A HOH 97  ? 1_555 179.4 ? 
28 SG  ? A CYS 35 ? A CYS 35  ? 1_555 CD ? E CD . ? A CD 104 ? 1_555 O   ? M HOH .  ? A HOH 97  ? 1_555 93.9  ? 
29 OXT ? I ACT .  ? A ACT 90  ? 1_555 CD ? E CD . ? A CD 104 ? 1_555 O   ? M HOH .  ? A HOH 97  ? 1_555 93.8  ? 
30 OE1 ? A GLN 50 ? A GLN 50  ? 1_555 CD ? D CD . ? A CD 103 ? 1_555 O   ? A CYS 84 ? A CYS 84  ? 1_555 78.5  ? 
31 OE1 ? A GLN 50 ? A GLN 50  ? 1_555 CD ? D CD . ? A CD 103 ? 1_555 SG  ? A CYS 84 ? A CYS 84  ? 1_555 84.1  ? 
32 O   ? A CYS 84 ? A CYS 84  ? 1_555 CD ? D CD . ? A CD 103 ? 1_555 SG  ? A CYS 84 ? A CYS 84  ? 1_555 90.7  ? 
33 OE1 ? A GLN 50 ? A GLN 50  ? 1_555 CD ? D CD . ? A CD 103 ? 1_555 OD1 ? A ASP 87 ? A ASP 87  ? 1_555 149.4 ? 
34 O   ? A CYS 84 ? A CYS 84  ? 1_555 CD ? D CD . ? A CD 103 ? 1_555 OD1 ? A ASP 87 ? A ASP 87  ? 1_555 72.2  ? 
35 SG  ? A CYS 84 ? A CYS 84  ? 1_555 CD ? D CD . ? A CD 103 ? 1_555 OD1 ? A ASP 87 ? A ASP 87  ? 1_555 104.4 ? 
36 OE1 ? A GLU 56 ? A GLU 56  ? 1_555 CD ? C CD . ? A CD 102 ? 1_555 OE2 ? A GLU 56 ? A GLU 56  ? 1_555 55.6  ? 
37 OE1 ? A GLU 56 ? A GLU 56  ? 1_555 CD ? C CD . ? A CD 102 ? 1_555 SG  ? A CYS 84 ? A CYS 84  ? 1_555 122.9 ? 
38 OE2 ? A GLU 56 ? A GLU 56  ? 1_555 CD ? C CD . ? A CD 102 ? 1_555 SG  ? A CYS 84 ? A CYS 84  ? 1_555 112.9 ? 
39 OE1 ? A GLU 56 ? A GLU 56  ? 1_555 CD ? C CD . ? A CD 102 ? 1_555 OD2 ? A ASP 87 ? A ASP 87  ? 1_555 122.8 ? 
40 OE2 ? A GLU 56 ? A GLU 56  ? 1_555 CD ? C CD . ? A CD 102 ? 1_555 OD2 ? A ASP 87 ? A ASP 87  ? 1_555 84.4  ? 
41 SG  ? A CYS 84 ? A CYS 84  ? 1_555 CD ? C CD . ? A CD 102 ? 1_555 OD2 ? A ASP 87 ? A ASP 87  ? 1_555 108.9 ? 
42 OE2 ? A GLU 59 ? A GLU 59  ? 1_555 CD ? G CD . ? A CD 106 ? 1_555 OE1 ? A GLU 59 ? A GLU 59  ? 1_555 54.3  ? 
43 OE2 ? A GLU 59 ? A GLU 59  ? 1_555 CD ? G CD . ? A CD 106 ? 1_555 O   ? M HOH .  ? A HOH 131 ? 1_555 92.0  ? 
44 OE1 ? A GLU 59 ? A GLU 59  ? 1_555 CD ? G CD . ? A CD 106 ? 1_555 O   ? M HOH .  ? A HOH 131 ? 1_555 84.7  ? 
45 OE2 ? A GLU 59 ? A GLU 59  ? 1_555 CD ? G CD . ? A CD 106 ? 1_555 O   ? M HOH .  ? A HOH 132 ? 1_555 130.2 ? 
46 OE1 ? A GLU 59 ? A GLU 59  ? 1_555 CD ? G CD . ? A CD 106 ? 1_555 O   ? M HOH .  ? A HOH 132 ? 1_555 75.9  ? 
47 O   ? M HOH .  ? A HOH 131 ? 1_555 CD ? G CD . ? A CD 106 ? 1_555 O   ? M HOH .  ? A HOH 132 ? 1_555 84.0  ? 
48 OE2 ? A GLU 59 ? A GLU 59  ? 1_555 CD ? G CD . ? A CD 106 ? 1_555 O   ? M HOH .  ? A HOH 133 ? 1_555 96.5  ? 
49 OE1 ? A GLU 59 ? A GLU 59  ? 1_555 CD ? G CD . ? A CD 106 ? 1_555 O   ? M HOH .  ? A HOH 133 ? 1_555 92.0  ? 
50 O   ? M HOH .  ? A HOH 131 ? 1_555 CD ? G CD . ? A CD 106 ? 1_555 O   ? M HOH .  ? A HOH 133 ? 1_555 166.8 ? 
51 O   ? M HOH .  ? A HOH 132 ? 1_555 CD ? G CD . ? A CD 106 ? 1_555 O   ? M HOH .  ? A HOH 133 ? 1_555 82.8  ? 
52 OD2 ? A ASP 65 ? A ASP 65  ? 1_555 CD ? H CD . ? A CD 107 ? 1_555 O   ? A THR 71 ? A THR 71  ? 1_555 76.9  ? 
53 OD2 ? A ASP 65 ? A ASP 65  ? 1_555 CD ? H CD . ? A CD 107 ? 1_555 OE1 ? A GLU 76 ? A GLU 76  ? 1_555 102.4 ? 
54 O   ? A THR 71 ? A THR 71  ? 1_555 CD ? H CD . ? A CD 107 ? 1_555 OE1 ? A GLU 76 ? A GLU 76  ? 1_555 96.4  ? 
55 OD2 ? A ASP 65 ? A ASP 65  ? 1_555 CD ? H CD . ? A CD 107 ? 1_555 OE2 ? A GLU 76 ? A GLU 76  ? 1_555 89.6  ? 
56 O   ? A THR 71 ? A THR 71  ? 1_555 CD ? H CD . ? A CD 107 ? 1_555 OE2 ? A GLU 76 ? A GLU 76  ? 1_555 142.2 ? 
57 OE1 ? A GLU 76 ? A GLU 76  ? 1_555 CD ? H CD . ? A CD 107 ? 1_555 OE2 ? A GLU 76 ? A GLU 76  ? 1_555 51.8  ? 
58 OD2 ? A ASP 65 ? A ASP 65  ? 1_555 CD ? H CD . ? A CD 107 ? 1_555 O   ? M HOH .  ? A HOH 147 ? 1_555 88.0  ? 
59 O   ? A THR 71 ? A THR 71  ? 1_555 CD ? H CD . ? A CD 107 ? 1_555 O   ? M HOH .  ? A HOH 147 ? 1_555 157.8 ? 
60 OE1 ? A GLU 76 ? A GLU 76  ? 1_555 CD ? H CD . ? A CD 107 ? 1_555 O   ? M HOH .  ? A HOH 147 ? 1_555 102.7 ? 
61 OE2 ? A GLU 76 ? A GLU 76  ? 1_555 CD ? H CD . ? A CD 107 ? 1_555 O   ? M HOH .  ? A HOH 147 ? 1_555 52.0  ? 
62 OD2 ? A ASP 65 ? A ASP 65  ? 1_555 CD ? H CD . ? A CD 107 ? 1_555 O   ? M HOH .  ? A HOH 148 ? 1_555 78.3  ? 
63 O   ? A THR 71 ? A THR 71  ? 1_555 CD ? H CD . ? A CD 107 ? 1_555 O   ? M HOH .  ? A HOH 148 ? 1_555 72.6  ? 
64 OE1 ? A GLU 76 ? A GLU 76  ? 1_555 CD ? H CD . ? A CD 107 ? 1_555 O   ? M HOH .  ? A HOH 148 ? 1_555 168.7 ? 
65 OE2 ? A GLU 76 ? A GLU 76  ? 1_555 CD ? H CD . ? A CD 107 ? 1_555 O   ? M HOH .  ? A HOH 148 ? 1_555 139.4 ? 
66 O   ? M HOH .  ? A HOH 147 ? 1_555 CD ? H CD . ? A CD 107 ? 1_555 O   ? M HOH .  ? A HOH 148 ? 1_555 88.6  ? 
67 OD2 ? A ASP 65 ? A ASP 65  ? 1_555 CD ? H CD . ? A CD 107 ? 1_555 O   ? M HOH .  ? A HOH 151 ? 1_555 162.6 ? 
68 O   ? A THR 71 ? A THR 71  ? 1_555 CD ? H CD . ? A CD 107 ? 1_555 O   ? M HOH .  ? A HOH 151 ? 1_555 96.3  ? 
69 OE1 ? A GLU 76 ? A GLU 76  ? 1_555 CD ? H CD . ? A CD 107 ? 1_555 O   ? M HOH .  ? A HOH 151 ? 1_555 94.3  ? 
70 OE2 ? A GLU 76 ? A GLU 76  ? 1_555 CD ? H CD . ? A CD 107 ? 1_555 O   ? M HOH .  ? A HOH 151 ? 1_555 104.9 ? 
71 O   ? M HOH .  ? A HOH 147 ? 1_555 CD ? H CD . ? A CD 107 ? 1_555 O   ? M HOH .  ? A HOH 151 ? 1_555 93.4  ? 
72 O   ? M HOH .  ? A HOH 148 ? 1_555 CD ? H CD . ? A CD 107 ? 1_555 O   ? M HOH .  ? A HOH 151 ? 1_555 84.3  ? 
73 OE2 ? A GLU 66 ? A GLU 66  ? 1_555 CD ? F CD . ? A CD 105 ? 1_555 OD2 ? A ASP 73 ? A ASP 73  ? 1_555 129.5 ? 
74 OE2 ? A GLU 66 ? A GLU 66  ? 1_555 CD ? F CD . ? A CD 105 ? 1_555 OD1 ? A ASP 73 ? A ASP 73  ? 1_555 105.2 ? 
75 OD2 ? A ASP 73 ? A ASP 73  ? 1_555 CD ? F CD . ? A CD 105 ? 1_555 OD1 ? A ASP 73 ? A ASP 73  ? 1_555 52.5  ? 
76 OE2 ? A GLU 66 ? A GLU 66  ? 1_555 CD ? F CD . ? A CD 105 ? 1_555 OD2 ? A ASP 75 ? A ASP 75  ? 1_555 76.1  ? 
77 OD2 ? A ASP 73 ? A ASP 73  ? 1_555 CD ? F CD . ? A CD 105 ? 1_555 OD2 ? A ASP 75 ? A ASP 75  ? 1_555 137.2 ? 
78 OD1 ? A ASP 73 ? A ASP 73  ? 1_555 CD ? F CD . ? A CD 105 ? 1_555 OD2 ? A ASP 75 ? A ASP 75  ? 1_555 91.1  ? 
79 OE2 ? A GLU 66 ? A GLU 66  ? 1_555 CD ? F CD . ? A CD 105 ? 1_555 OD1 ? A ASP 75 ? A ASP 75  ? 1_555 129.5 ? 
80 OD2 ? A ASP 73 ? A ASP 73  ? 1_555 CD ? F CD . ? A CD 105 ? 1_555 OD1 ? A ASP 75 ? A ASP 75  ? 1_555 89.1  ? 
81 OD1 ? A ASP 73 ? A ASP 73  ? 1_555 CD ? F CD . ? A CD 105 ? 1_555 OD1 ? A ASP 75 ? A ASP 75  ? 1_555 70.7  ? 
82 OD2 ? A ASP 75 ? A ASP 75  ? 1_555 CD ? F CD . ? A CD 105 ? 1_555 OD1 ? A ASP 75 ? A ASP 75  ? 1_555 54.3  ? 
# 
_struct_sheet.id               A 
_struct_sheet.type             ? 
_struct_sheet.number_strands   2 
_struct_sheet.details          ? 
# 
_struct_sheet_order.sheet_id     A 
_struct_sheet_order.range_id_1   1 
_struct_sheet_order.range_id_2   2 
_struct_sheet_order.offset       ? 
_struct_sheet_order.sense        anti-parallel 
# 
loop_
_struct_sheet_range.sheet_id 
_struct_sheet_range.id 
_struct_sheet_range.beg_label_comp_id 
_struct_sheet_range.beg_label_asym_id 
_struct_sheet_range.beg_label_seq_id 
_struct_sheet_range.pdbx_beg_PDB_ins_code 
_struct_sheet_range.end_label_comp_id 
_struct_sheet_range.end_label_asym_id 
_struct_sheet_range.end_label_seq_id 
_struct_sheet_range.pdbx_end_PDB_ins_code 
_struct_sheet_range.beg_auth_comp_id 
_struct_sheet_range.beg_auth_asym_id 
_struct_sheet_range.beg_auth_seq_id 
_struct_sheet_range.end_auth_comp_id 
_struct_sheet_range.end_auth_asym_id 
_struct_sheet_range.end_auth_seq_id 
A 1 CYS A 35 ? SER A 37 ? CYS A 35 SER A 37 
A 2 THR A 71 ? ASP A 73 ? THR A 71 ASP A 73 
# 
_pdbx_struct_sheet_hbond.sheet_id                A 
_pdbx_struct_sheet_hbond.range_id_1              1 
_pdbx_struct_sheet_hbond.range_id_2              2 
_pdbx_struct_sheet_hbond.range_1_label_atom_id   N 
_pdbx_struct_sheet_hbond.range_1_label_comp_id   ILE 
_pdbx_struct_sheet_hbond.range_1_label_asym_id   A 
_pdbx_struct_sheet_hbond.range_1_label_seq_id    36 
_pdbx_struct_sheet_hbond.range_1_PDB_ins_code    ? 
_pdbx_struct_sheet_hbond.range_1_auth_atom_id    N 
_pdbx_struct_sheet_hbond.range_1_auth_comp_id    ILE 
_pdbx_struct_sheet_hbond.range_1_auth_asym_id    A 
_pdbx_struct_sheet_hbond.range_1_auth_seq_id     36 
_pdbx_struct_sheet_hbond.range_2_label_atom_id   O 
_pdbx_struct_sheet_hbond.range_2_label_comp_id   VAL 
_pdbx_struct_sheet_hbond.range_2_label_asym_id   A 
_pdbx_struct_sheet_hbond.range_2_label_seq_id    72 
_pdbx_struct_sheet_hbond.range_2_PDB_ins_code    ? 
_pdbx_struct_sheet_hbond.range_2_auth_atom_id    O 
_pdbx_struct_sheet_hbond.range_2_auth_comp_id    VAL 
_pdbx_struct_sheet_hbond.range_2_auth_asym_id    A 
_pdbx_struct_sheet_hbond.range_2_auth_seq_id     72 
# 
loop_
_struct_site.id 
_struct_site.pdbx_evidence_code 
_struct_site.pdbx_auth_asym_id 
_struct_site.pdbx_auth_comp_id 
_struct_site.pdbx_auth_seq_id 
_struct_site.pdbx_auth_ins_code 
_struct_site.pdbx_num_residues 
_struct_site.details 
AC1 Software A CD  101 ? 5 'BINDING SITE FOR RESIDUE CD A 101' 
AC2 Software A CD  102 ? 5 'BINDING SITE FOR RESIDUE CD A 102' 
AC3 Software A CD  103 ? 6 'BINDING SITE FOR RESIDUE CD A 103' 
AC4 Software A CD  104 ? 4 'BINDING SITE FOR RESIDUE CD A 104' 
AC5 Software A CD  105 ? 4 'BINDING SITE FOR RESIDUE CD A 105' 
AC6 Software A CD  106 ? 6 'BINDING SITE FOR RESIDUE CD A 106' 
AC7 Software A CD  107 ? 6 'BINDING SITE FOR RESIDUE CD A 107' 
AC8 Software A ACT 90  ? 8 'BINDING SITE FOR RESIDUE ACT A 90' 
AC9 Software A ACT 91  ? 6 'BINDING SITE FOR RESIDUE ACT A 91' 
BC1 Software A CA  93  ? 4 'BINDING SITE FOR RESIDUE CA A 93'  
BC2 Software A CA  94  ? 6 'BINDING SITE FOR RESIDUE CA A 94'  
# 
loop_
_struct_site_gen.id 
_struct_site_gen.site_id 
_struct_site_gen.pdbx_num_res 
_struct_site_gen.label_comp_id 
_struct_site_gen.label_asym_id 
_struct_site_gen.label_seq_id 
_struct_site_gen.pdbx_auth_ins_code 
_struct_site_gen.auth_comp_id 
_struct_site_gen.auth_asym_id 
_struct_site_gen.auth_seq_id 
_struct_site_gen.label_atom_id 
_struct_site_gen.label_alt_id 
_struct_site_gen.symmetry 
_struct_site_gen.details 
1  AC1 5 PHE A 27 ? PHE A 27  . ? 1_555  ? 
2  AC1 5 GLU A 40 ? GLU A 40  . ? 1_555  ? 
3  AC1 5 GLU A 63 ? GLU A 63  . ? 6_665  ? 
4  AC1 5 HOH M .  ? HOH A 125 . ? 1_555  ? 
5  AC1 5 HOH M .  ? HOH A 145 . ? 1_555  ? 
6  AC2 5 GLU A 56 ? GLU A 56  . ? 1_555  ? 
7  AC2 5 CYS A 84 ? CYS A 84  . ? 1_555  ? 
8  AC2 5 ASP A 87 ? ASP A 87  . ? 1_555  ? 
9  AC2 5 SER A 89 ? SER A 89  . ? 8_675  ? 
10 AC2 5 CD  D .  ? CD  A 103 . ? 1_555  ? 
11 AC3 6 GLN A 50 ? GLN A 50  . ? 1_555  ? 
12 AC3 6 CYS A 84 ? CYS A 84  . ? 1_555  ? 
13 AC3 6 ASP A 87 ? ASP A 87  . ? 1_555  ? 
14 AC3 6 ASP A 88 ? ASP A 88  . ? 8_675  ? 
15 AC3 6 SER A 89 ? SER A 89  . ? 8_675  ? 
16 AC3 6 CD  C .  ? CD  A 102 . ? 1_555  ? 
17 AC4 4 ASP A 33 ? ASP A 33  . ? 1_555  ? 
18 AC4 4 CYS A 35 ? CYS A 35  . ? 1_555  ? 
19 AC4 4 ACT I .  ? ACT A 90  . ? 1_555  ? 
20 AC4 4 HOH M .  ? HOH A 97  . ? 1_555  ? 
21 AC5 4 CYS A 35 ? CYS A 35  . ? 12_565 ? 
22 AC5 4 GLU A 66 ? GLU A 66  . ? 1_555  ? 
23 AC5 4 ASP A 73 ? ASP A 73  . ? 1_555  ? 
24 AC5 4 ASP A 75 ? ASP A 75  . ? 1_555  ? 
25 AC6 6 MET A 1  ? MET A 1   . ? 8_565  ? 
26 AC6 6 GLU A 59 ? GLU A 59  . ? 1_555  ? 
27 AC6 6 HOH M .  ? HOH A 131 . ? 1_555  ? 
28 AC6 6 HOH M .  ? HOH A 132 . ? 1_555  ? 
29 AC6 6 HOH M .  ? HOH A 133 . ? 1_555  ? 
30 AC6 6 HOH M .  ? HOH A 146 . ? 1_555  ? 
31 AC7 6 ASP A 65 ? ASP A 65  . ? 1_555  ? 
32 AC7 6 THR A 71 ? THR A 71  . ? 1_555  ? 
33 AC7 6 GLU A 76 ? GLU A 76  . ? 1_555  ? 
34 AC7 6 HOH M .  ? HOH A 147 . ? 1_555  ? 
35 AC7 6 HOH M .  ? HOH A 148 . ? 1_555  ? 
36 AC7 6 HOH M .  ? HOH A 151 . ? 1_555  ? 
37 AC8 8 MET A 1  ? MET A 1   . ? 12_565 ? 
38 AC8 8 ASP A 33 ? ASP A 33  . ? 1_555  ? 
39 AC8 8 CYS A 35 ? CYS A 35  . ? 1_555  ? 
40 AC8 8 THR A 71 ? THR A 71  . ? 1_555  ? 
41 AC8 8 CD  E .  ? CD  A 104 . ? 1_555  ? 
42 AC8 8 HOH M .  ? HOH A 125 . ? 1_555  ? 
43 AC8 8 HOH M .  ? HOH A 145 . ? 1_555  ? 
44 AC8 8 HOH M .  ? HOH A 146 . ? 6_665  ? 
45 AC9 6 GLU A 15 ? GLU A 15  . ? 1_555  ? 
46 AC9 6 GLU A 15 ? GLU A 15  . ? 8_675  ? 
47 AC9 6 GLU A 19 ? GLU A 19  . ? 8_675  ? 
48 AC9 6 CA  K .  ? CA  A 93  . ? 8_675  ? 
49 AC9 6 CA  L .  ? CA  A 94  . ? 8_675  ? 
50 AC9 6 CA  L .  ? CA  A 94  . ? 1_555  ? 
51 BC1 4 GLU A 10 ? GLU A 10  . ? 6_665  ? 
52 BC1 4 GLU A 19 ? GLU A 19  . ? 1_555  ? 
53 BC1 4 ACT J .  ? ACT A 91  . ? 8_675  ? 
54 BC1 4 HOH M .  ? HOH A 129 . ? 1_555  ? 
55 BC2 6 GLU A 15 ? GLU A 15  . ? 1_555  ? 
56 BC2 6 GLU A 15 ? GLU A 15  . ? 8_675  ? 
57 BC2 6 GLU A 19 ? GLU A 19  . ? 1_555  ? 
58 BC2 6 GLU A 19 ? GLU A 19  . ? 8_675  ? 
59 BC2 6 ACT J .  ? ACT A 91  . ? 8_675  ? 
60 BC2 6 ACT J .  ? ACT A 91  . ? 1_555  ? 
# 
loop_
_pdbx_validate_close_contact.id 
_pdbx_validate_close_contact.PDB_model_num 
_pdbx_validate_close_contact.auth_atom_id_1 
_pdbx_validate_close_contact.auth_asym_id_1 
_pdbx_validate_close_contact.auth_comp_id_1 
_pdbx_validate_close_contact.auth_seq_id_1 
_pdbx_validate_close_contact.PDB_ins_code_1 
_pdbx_validate_close_contact.label_alt_id_1 
_pdbx_validate_close_contact.auth_atom_id_2 
_pdbx_validate_close_contact.auth_asym_id_2 
_pdbx_validate_close_contact.auth_comp_id_2 
_pdbx_validate_close_contact.auth_seq_id_2 
_pdbx_validate_close_contact.PDB_ins_code_2 
_pdbx_validate_close_contact.label_alt_id_2 
_pdbx_validate_close_contact.dist 
1 1 OE2 A GLU 59 ? ? O A HOH 146 ? ? 1.85 
2 1 OE2 A GLU 76 ? ? O A HOH 147 ? ? 2.12 
# 
_pdbx_validate_symm_contact.id                1 
_pdbx_validate_symm_contact.PDB_model_num     1 
_pdbx_validate_symm_contact.auth_atom_id_1    O 
_pdbx_validate_symm_contact.auth_asym_id_1    A 
_pdbx_validate_symm_contact.auth_comp_id_1    HOH 
_pdbx_validate_symm_contact.auth_seq_id_1     145 
_pdbx_validate_symm_contact.PDB_ins_code_1    ? 
_pdbx_validate_symm_contact.label_alt_id_1    ? 
_pdbx_validate_symm_contact.site_symmetry_1   1_555 
_pdbx_validate_symm_contact.auth_atom_id_2    O 
_pdbx_validate_symm_contact.auth_asym_id_2    A 
_pdbx_validate_symm_contact.auth_comp_id_2    HOH 
_pdbx_validate_symm_contact.auth_seq_id_2     146 
_pdbx_validate_symm_contact.PDB_ins_code_2    ? 
_pdbx_validate_symm_contact.label_alt_id_2    ? 
_pdbx_validate_symm_contact.site_symmetry_2   6_665 
_pdbx_validate_symm_contact.dist              2.18 
# 
loop_
_pdbx_struct_special_symmetry.id 
_pdbx_struct_special_symmetry.PDB_model_num 
_pdbx_struct_special_symmetry.auth_asym_id 
_pdbx_struct_special_symmetry.auth_comp_id 
_pdbx_struct_special_symmetry.auth_seq_id 
_pdbx_struct_special_symmetry.PDB_ins_code 
_pdbx_struct_special_symmetry.label_asym_id 
_pdbx_struct_special_symmetry.label_comp_id 
_pdbx_struct_special_symmetry.label_seq_id 
1 1 A CA  94  ? L CA  . 
2 1 A HOH 113 ? M HOH . 
# 
loop_
_pdbx_unobs_or_zero_occ_residues.id 
_pdbx_unobs_or_zero_occ_residues.PDB_model_num 
_pdbx_unobs_or_zero_occ_residues.polymer_flag 
_pdbx_unobs_or_zero_occ_residues.occupancy_flag 
_pdbx_unobs_or_zero_occ_residues.auth_asym_id 
_pdbx_unobs_or_zero_occ_residues.auth_comp_id 
_pdbx_unobs_or_zero_occ_residues.auth_seq_id 
_pdbx_unobs_or_zero_occ_residues.PDB_ins_code 
_pdbx_unobs_or_zero_occ_residues.label_asym_id 
_pdbx_unobs_or_zero_occ_residues.label_comp_id 
_pdbx_unobs_or_zero_occ_residues.label_seq_id 
1 1 Y 1 A ASP 67 ? A ASP 67 
2 1 Y 1 A GLY 68 ? A GLY 68 
3 1 Y 1 A SER 69 ? A SER 69 
# 
loop_
_chem_comp_atom.comp_id 
_chem_comp_atom.atom_id 
_chem_comp_atom.type_symbol 
_chem_comp_atom.pdbx_aromatic_flag 
_chem_comp_atom.pdbx_stereo_config 
_chem_comp_atom.pdbx_ordinal 
ACT C    C  N N 1   
ACT O    O  N N 2   
ACT OXT  O  N N 3   
ACT CH3  C  N N 4   
ACT H1   H  N N 5   
ACT H2   H  N N 6   
ACT H3   H  N N 7   
ALA N    N  N N 8   
ALA CA   C  N S 9   
ALA C    C  N N 10  
ALA O    O  N N 11  
ALA CB   C  N N 12  
ALA OXT  O  N N 13  
ALA H    H  N N 14  
ALA H2   H  N N 15  
ALA HA   H  N N 16  
ALA HB1  H  N N 17  
ALA HB2  H  N N 18  
ALA HB3  H  N N 19  
ALA HXT  H  N N 20  
ARG N    N  N N 21  
ARG CA   C  N S 22  
ARG C    C  N N 23  
ARG O    O  N N 24  
ARG CB   C  N N 25  
ARG CG   C  N N 26  
ARG CD   C  N N 27  
ARG NE   N  N N 28  
ARG CZ   C  N N 29  
ARG NH1  N  N N 30  
ARG NH2  N  N N 31  
ARG OXT  O  N N 32  
ARG H    H  N N 33  
ARG H2   H  N N 34  
ARG HA   H  N N 35  
ARG HB2  H  N N 36  
ARG HB3  H  N N 37  
ARG HG2  H  N N 38  
ARG HG3  H  N N 39  
ARG HD2  H  N N 40  
ARG HD3  H  N N 41  
ARG HE   H  N N 42  
ARG HH11 H  N N 43  
ARG HH12 H  N N 44  
ARG HH21 H  N N 45  
ARG HH22 H  N N 46  
ARG HXT  H  N N 47  
ASN N    N  N N 48  
ASN CA   C  N S 49  
ASN C    C  N N 50  
ASN O    O  N N 51  
ASN CB   C  N N 52  
ASN CG   C  N N 53  
ASN OD1  O  N N 54  
ASN ND2  N  N N 55  
ASN OXT  O  N N 56  
ASN H    H  N N 57  
ASN H2   H  N N 58  
ASN HA   H  N N 59  
ASN HB2  H  N N 60  
ASN HB3  H  N N 61  
ASN HD21 H  N N 62  
ASN HD22 H  N N 63  
ASN HXT  H  N N 64  
ASP N    N  N N 65  
ASP CA   C  N S 66  
ASP C    C  N N 67  
ASP O    O  N N 68  
ASP CB   C  N N 69  
ASP CG   C  N N 70  
ASP OD1  O  N N 71  
ASP OD2  O  N N 72  
ASP OXT  O  N N 73  
ASP H    H  N N 74  
ASP H2   H  N N 75  
ASP HA   H  N N 76  
ASP HB2  H  N N 77  
ASP HB3  H  N N 78  
ASP HD2  H  N N 79  
ASP HXT  H  N N 80  
CA  CA   CA N N 81  
CD  CD   CD N N 82  
CYS N    N  N N 83  
CYS CA   C  N R 84  
CYS C    C  N N 85  
CYS O    O  N N 86  
CYS CB   C  N N 87  
CYS SG   S  N N 88  
CYS OXT  O  N N 89  
CYS H    H  N N 90  
CYS H2   H  N N 91  
CYS HA   H  N N 92  
CYS HB2  H  N N 93  
CYS HB3  H  N N 94  
CYS HG   H  N N 95  
CYS HXT  H  N N 96  
GLN N    N  N N 97  
GLN CA   C  N S 98  
GLN C    C  N N 99  
GLN O    O  N N 100 
GLN CB   C  N N 101 
GLN CG   C  N N 102 
GLN CD   C  N N 103 
GLN OE1  O  N N 104 
GLN NE2  N  N N 105 
GLN OXT  O  N N 106 
GLN H    H  N N 107 
GLN H2   H  N N 108 
GLN HA   H  N N 109 
GLN HB2  H  N N 110 
GLN HB3  H  N N 111 
GLN HG2  H  N N 112 
GLN HG3  H  N N 113 
GLN HE21 H  N N 114 
GLN HE22 H  N N 115 
GLN HXT  H  N N 116 
GLU N    N  N N 117 
GLU CA   C  N S 118 
GLU C    C  N N 119 
GLU O    O  N N 120 
GLU CB   C  N N 121 
GLU CG   C  N N 122 
GLU CD   C  N N 123 
GLU OE1  O  N N 124 
GLU OE2  O  N N 125 
GLU OXT  O  N N 126 
GLU H    H  N N 127 
GLU H2   H  N N 128 
GLU HA   H  N N 129 
GLU HB2  H  N N 130 
GLU HB3  H  N N 131 
GLU HG2  H  N N 132 
GLU HG3  H  N N 133 
GLU HE2  H  N N 134 
GLU HXT  H  N N 135 
GLY N    N  N N 136 
GLY CA   C  N N 137 
GLY C    C  N N 138 
GLY O    O  N N 139 
GLY OXT  O  N N 140 
GLY H    H  N N 141 
GLY H2   H  N N 142 
GLY HA2  H  N N 143 
GLY HA3  H  N N 144 
GLY HXT  H  N N 145 
HOH O    O  N N 146 
HOH H1   H  N N 147 
HOH H2   H  N N 148 
ILE N    N  N N 149 
ILE CA   C  N S 150 
ILE C    C  N N 151 
ILE O    O  N N 152 
ILE CB   C  N S 153 
ILE CG1  C  N N 154 
ILE CG2  C  N N 155 
ILE CD1  C  N N 156 
ILE OXT  O  N N 157 
ILE H    H  N N 158 
ILE H2   H  N N 159 
ILE HA   H  N N 160 
ILE HB   H  N N 161 
ILE HG12 H  N N 162 
ILE HG13 H  N N 163 
ILE HG21 H  N N 164 
ILE HG22 H  N N 165 
ILE HG23 H  N N 166 
ILE HD11 H  N N 167 
ILE HD12 H  N N 168 
ILE HD13 H  N N 169 
ILE HXT  H  N N 170 
LEU N    N  N N 171 
LEU CA   C  N S 172 
LEU C    C  N N 173 
LEU O    O  N N 174 
LEU CB   C  N N 175 
LEU CG   C  N N 176 
LEU CD1  C  N N 177 
LEU CD2  C  N N 178 
LEU OXT  O  N N 179 
LEU H    H  N N 180 
LEU H2   H  N N 181 
LEU HA   H  N N 182 
LEU HB2  H  N N 183 
LEU HB3  H  N N 184 
LEU HG   H  N N 185 
LEU HD11 H  N N 186 
LEU HD12 H  N N 187 
LEU HD13 H  N N 188 
LEU HD21 H  N N 189 
LEU HD22 H  N N 190 
LEU HD23 H  N N 191 
LEU HXT  H  N N 192 
LYS N    N  N N 193 
LYS CA   C  N S 194 
LYS C    C  N N 195 
LYS O    O  N N 196 
LYS CB   C  N N 197 
LYS CG   C  N N 198 
LYS CD   C  N N 199 
LYS CE   C  N N 200 
LYS NZ   N  N N 201 
LYS OXT  O  N N 202 
LYS H    H  N N 203 
LYS H2   H  N N 204 
LYS HA   H  N N 205 
LYS HB2  H  N N 206 
LYS HB3  H  N N 207 
LYS HG2  H  N N 208 
LYS HG3  H  N N 209 
LYS HD2  H  N N 210 
LYS HD3  H  N N 211 
LYS HE2  H  N N 212 
LYS HE3  H  N N 213 
LYS HZ1  H  N N 214 
LYS HZ2  H  N N 215 
LYS HZ3  H  N N 216 
LYS HXT  H  N N 217 
MET N    N  N N 218 
MET CA   C  N S 219 
MET C    C  N N 220 
MET O    O  N N 221 
MET CB   C  N N 222 
MET CG   C  N N 223 
MET SD   S  N N 224 
MET CE   C  N N 225 
MET OXT  O  N N 226 
MET H    H  N N 227 
MET H2   H  N N 228 
MET HA   H  N N 229 
MET HB2  H  N N 230 
MET HB3  H  N N 231 
MET HG2  H  N N 232 
MET HG3  H  N N 233 
MET HE1  H  N N 234 
MET HE2  H  N N 235 
MET HE3  H  N N 236 
MET HXT  H  N N 237 
PHE N    N  N N 238 
PHE CA   C  N S 239 
PHE C    C  N N 240 
PHE O    O  N N 241 
PHE CB   C  N N 242 
PHE CG   C  Y N 243 
PHE CD1  C  Y N 244 
PHE CD2  C  Y N 245 
PHE CE1  C  Y N 246 
PHE CE2  C  Y N 247 
PHE CZ   C  Y N 248 
PHE OXT  O  N N 249 
PHE H    H  N N 250 
PHE H2   H  N N 251 
PHE HA   H  N N 252 
PHE HB2  H  N N 253 
PHE HB3  H  N N 254 
PHE HD1  H  N N 255 
PHE HD2  H  N N 256 
PHE HE1  H  N N 257 
PHE HE2  H  N N 258 
PHE HZ   H  N N 259 
PHE HXT  H  N N 260 
PRO N    N  N N 261 
PRO CA   C  N S 262 
PRO C    C  N N 263 
PRO O    O  N N 264 
PRO CB   C  N N 265 
PRO CG   C  N N 266 
PRO CD   C  N N 267 
PRO OXT  O  N N 268 
PRO H    H  N N 269 
PRO HA   H  N N 270 
PRO HB2  H  N N 271 
PRO HB3  H  N N 272 
PRO HG2  H  N N 273 
PRO HG3  H  N N 274 
PRO HD2  H  N N 275 
PRO HD3  H  N N 276 
PRO HXT  H  N N 277 
SER N    N  N N 278 
SER CA   C  N S 279 
SER C    C  N N 280 
SER O    O  N N 281 
SER CB   C  N N 282 
SER OG   O  N N 283 
SER OXT  O  N N 284 
SER H    H  N N 285 
SER H2   H  N N 286 
SER HA   H  N N 287 
SER HB2  H  N N 288 
SER HB3  H  N N 289 
SER HG   H  N N 290 
SER HXT  H  N N 291 
THR N    N  N N 292 
THR CA   C  N S 293 
THR C    C  N N 294 
THR O    O  N N 295 
THR CB   C  N R 296 
THR OG1  O  N N 297 
THR CG2  C  N N 298 
THR OXT  O  N N 299 
THR H    H  N N 300 
THR H2   H  N N 301 
THR HA   H  N N 302 
THR HB   H  N N 303 
THR HG1  H  N N 304 
THR HG21 H  N N 305 
THR HG22 H  N N 306 
THR HG23 H  N N 307 
THR HXT  H  N N 308 
TYR N    N  N N 309 
TYR CA   C  N S 310 
TYR C    C  N N 311 
TYR O    O  N N 312 
TYR CB   C  N N 313 
TYR CG   C  Y N 314 
TYR CD1  C  Y N 315 
TYR CD2  C  Y N 316 
TYR CE1  C  Y N 317 
TYR CE2  C  Y N 318 
TYR CZ   C  Y N 319 
TYR OH   O  N N 320 
TYR OXT  O  N N 321 
TYR H    H  N N 322 
TYR H2   H  N N 323 
TYR HA   H  N N 324 
TYR HB2  H  N N 325 
TYR HB3  H  N N 326 
TYR HD1  H  N N 327 
TYR HD2  H  N N 328 
TYR HE1  H  N N 329 
TYR HE2  H  N N 330 
TYR HH   H  N N 331 
TYR HXT  H  N N 332 
VAL N    N  N N 333 
VAL CA   C  N S 334 
VAL C    C  N N 335 
VAL O    O  N N 336 
VAL CB   C  N N 337 
VAL CG1  C  N N 338 
VAL CG2  C  N N 339 
VAL OXT  O  N N 340 
VAL H    H  N N 341 
VAL H2   H  N N 342 
VAL HA   H  N N 343 
VAL HB   H  N N 344 
VAL HG11 H  N N 345 
VAL HG12 H  N N 346 
VAL HG13 H  N N 347 
VAL HG21 H  N N 348 
VAL HG22 H  N N 349 
VAL HG23 H  N N 350 
VAL HXT  H  N N 351 
# 
loop_
_chem_comp_bond.comp_id 
_chem_comp_bond.atom_id_1 
_chem_comp_bond.atom_id_2 
_chem_comp_bond.value_order 
_chem_comp_bond.pdbx_aromatic_flag 
_chem_comp_bond.pdbx_stereo_config 
_chem_comp_bond.pdbx_ordinal 
ACT C   O    doub N N 1   
ACT C   OXT  sing N N 2   
ACT C   CH3  sing N N 3   
ACT CH3 H1   sing N N 4   
ACT CH3 H2   sing N N 5   
ACT CH3 H3   sing N N 6   
ALA N   CA   sing N N 7   
ALA N   H    sing N N 8   
ALA N   H2   sing N N 9   
ALA CA  C    sing N N 10  
ALA CA  CB   sing N N 11  
ALA CA  HA   sing N N 12  
ALA C   O    doub N N 13  
ALA C   OXT  sing N N 14  
ALA CB  HB1  sing N N 15  
ALA CB  HB2  sing N N 16  
ALA CB  HB3  sing N N 17  
ALA OXT HXT  sing N N 18  
ARG N   CA   sing N N 19  
ARG N   H    sing N N 20  
ARG N   H2   sing N N 21  
ARG CA  C    sing N N 22  
ARG CA  CB   sing N N 23  
ARG CA  HA   sing N N 24  
ARG C   O    doub N N 25  
ARG C   OXT  sing N N 26  
ARG CB  CG   sing N N 27  
ARG CB  HB2  sing N N 28  
ARG CB  HB3  sing N N 29  
ARG CG  CD   sing N N 30  
ARG CG  HG2  sing N N 31  
ARG CG  HG3  sing N N 32  
ARG CD  NE   sing N N 33  
ARG CD  HD2  sing N N 34  
ARG CD  HD3  sing N N 35  
ARG NE  CZ   sing N N 36  
ARG NE  HE   sing N N 37  
ARG CZ  NH1  sing N N 38  
ARG CZ  NH2  doub N N 39  
ARG NH1 HH11 sing N N 40  
ARG NH1 HH12 sing N N 41  
ARG NH2 HH21 sing N N 42  
ARG NH2 HH22 sing N N 43  
ARG OXT HXT  sing N N 44  
ASN N   CA   sing N N 45  
ASN N   H    sing N N 46  
ASN N   H2   sing N N 47  
ASN CA  C    sing N N 48  
ASN CA  CB   sing N N 49  
ASN CA  HA   sing N N 50  
ASN C   O    doub N N 51  
ASN C   OXT  sing N N 52  
ASN CB  CG   sing N N 53  
ASN CB  HB2  sing N N 54  
ASN CB  HB3  sing N N 55  
ASN CG  OD1  doub N N 56  
ASN CG  ND2  sing N N 57  
ASN ND2 HD21 sing N N 58  
ASN ND2 HD22 sing N N 59  
ASN OXT HXT  sing N N 60  
ASP N   CA   sing N N 61  
ASP N   H    sing N N 62  
ASP N   H2   sing N N 63  
ASP CA  C    sing N N 64  
ASP CA  CB   sing N N 65  
ASP CA  HA   sing N N 66  
ASP C   O    doub N N 67  
ASP C   OXT  sing N N 68  
ASP CB  CG   sing N N 69  
ASP CB  HB2  sing N N 70  
ASP CB  HB3  sing N N 71  
ASP CG  OD1  doub N N 72  
ASP CG  OD2  sing N N 73  
ASP OD2 HD2  sing N N 74  
ASP OXT HXT  sing N N 75  
CYS N   CA   sing N N 76  
CYS N   H    sing N N 77  
CYS N   H2   sing N N 78  
CYS CA  C    sing N N 79  
CYS CA  CB   sing N N 80  
CYS CA  HA   sing N N 81  
CYS C   O    doub N N 82  
CYS C   OXT  sing N N 83  
CYS CB  SG   sing N N 84  
CYS CB  HB2  sing N N 85  
CYS CB  HB3  sing N N 86  
CYS SG  HG   sing N N 87  
CYS OXT HXT  sing N N 88  
GLN N   CA   sing N N 89  
GLN N   H    sing N N 90  
GLN N   H2   sing N N 91  
GLN CA  C    sing N N 92  
GLN CA  CB   sing N N 93  
GLN CA  HA   sing N N 94  
GLN C   O    doub N N 95  
GLN C   OXT  sing N N 96  
GLN CB  CG   sing N N 97  
GLN CB  HB2  sing N N 98  
GLN CB  HB3  sing N N 99  
GLN CG  CD   sing N N 100 
GLN CG  HG2  sing N N 101 
GLN CG  HG3  sing N N 102 
GLN CD  OE1  doub N N 103 
GLN CD  NE2  sing N N 104 
GLN NE2 HE21 sing N N 105 
GLN NE2 HE22 sing N N 106 
GLN OXT HXT  sing N N 107 
GLU N   CA   sing N N 108 
GLU N   H    sing N N 109 
GLU N   H2   sing N N 110 
GLU CA  C    sing N N 111 
GLU CA  CB   sing N N 112 
GLU CA  HA   sing N N 113 
GLU C   O    doub N N 114 
GLU C   OXT  sing N N 115 
GLU CB  CG   sing N N 116 
GLU CB  HB2  sing N N 117 
GLU CB  HB3  sing N N 118 
GLU CG  CD   sing N N 119 
GLU CG  HG2  sing N N 120 
GLU CG  HG3  sing N N 121 
GLU CD  OE1  doub N N 122 
GLU CD  OE2  sing N N 123 
GLU OE2 HE2  sing N N 124 
GLU OXT HXT  sing N N 125 
GLY N   CA   sing N N 126 
GLY N   H    sing N N 127 
GLY N   H2   sing N N 128 
GLY CA  C    sing N N 129 
GLY CA  HA2  sing N N 130 
GLY CA  HA3  sing N N 131 
GLY C   O    doub N N 132 
GLY C   OXT  sing N N 133 
GLY OXT HXT  sing N N 134 
HOH O   H1   sing N N 135 
HOH O   H2   sing N N 136 
ILE N   CA   sing N N 137 
ILE N   H    sing N N 138 
ILE N   H2   sing N N 139 
ILE CA  C    sing N N 140 
ILE CA  CB   sing N N 141 
ILE CA  HA   sing N N 142 
ILE C   O    doub N N 143 
ILE C   OXT  sing N N 144 
ILE CB  CG1  sing N N 145 
ILE CB  CG2  sing N N 146 
ILE CB  HB   sing N N 147 
ILE CG1 CD1  sing N N 148 
ILE CG1 HG12 sing N N 149 
ILE CG1 HG13 sing N N 150 
ILE CG2 HG21 sing N N 151 
ILE CG2 HG22 sing N N 152 
ILE CG2 HG23 sing N N 153 
ILE CD1 HD11 sing N N 154 
ILE CD1 HD12 sing N N 155 
ILE CD1 HD13 sing N N 156 
ILE OXT HXT  sing N N 157 
LEU N   CA   sing N N 158 
LEU N   H    sing N N 159 
LEU N   H2   sing N N 160 
LEU CA  C    sing N N 161 
LEU CA  CB   sing N N 162 
LEU CA  HA   sing N N 163 
LEU C   O    doub N N 164 
LEU C   OXT  sing N N 165 
LEU CB  CG   sing N N 166 
LEU CB  HB2  sing N N 167 
LEU CB  HB3  sing N N 168 
LEU CG  CD1  sing N N 169 
LEU CG  CD2  sing N N 170 
LEU CG  HG   sing N N 171 
LEU CD1 HD11 sing N N 172 
LEU CD1 HD12 sing N N 173 
LEU CD1 HD13 sing N N 174 
LEU CD2 HD21 sing N N 175 
LEU CD2 HD22 sing N N 176 
LEU CD2 HD23 sing N N 177 
LEU OXT HXT  sing N N 178 
LYS N   CA   sing N N 179 
LYS N   H    sing N N 180 
LYS N   H2   sing N N 181 
LYS CA  C    sing N N 182 
LYS CA  CB   sing N N 183 
LYS CA  HA   sing N N 184 
LYS C   O    doub N N 185 
LYS C   OXT  sing N N 186 
LYS CB  CG   sing N N 187 
LYS CB  HB2  sing N N 188 
LYS CB  HB3  sing N N 189 
LYS CG  CD   sing N N 190 
LYS CG  HG2  sing N N 191 
LYS CG  HG3  sing N N 192 
LYS CD  CE   sing N N 193 
LYS CD  HD2  sing N N 194 
LYS CD  HD3  sing N N 195 
LYS CE  NZ   sing N N 196 
LYS CE  HE2  sing N N 197 
LYS CE  HE3  sing N N 198 
LYS NZ  HZ1  sing N N 199 
LYS NZ  HZ2  sing N N 200 
LYS NZ  HZ3  sing N N 201 
LYS OXT HXT  sing N N 202 
MET N   CA   sing N N 203 
MET N   H    sing N N 204 
MET N   H2   sing N N 205 
MET CA  C    sing N N 206 
MET CA  CB   sing N N 207 
MET CA  HA   sing N N 208 
MET C   O    doub N N 209 
MET C   OXT  sing N N 210 
MET CB  CG   sing N N 211 
MET CB  HB2  sing N N 212 
MET CB  HB3  sing N N 213 
MET CG  SD   sing N N 214 
MET CG  HG2  sing N N 215 
MET CG  HG3  sing N N 216 
MET SD  CE   sing N N 217 
MET CE  HE1  sing N N 218 
MET CE  HE2  sing N N 219 
MET CE  HE3  sing N N 220 
MET OXT HXT  sing N N 221 
PHE N   CA   sing N N 222 
PHE N   H    sing N N 223 
PHE N   H2   sing N N 224 
PHE CA  C    sing N N 225 
PHE CA  CB   sing N N 226 
PHE CA  HA   sing N N 227 
PHE C   O    doub N N 228 
PHE C   OXT  sing N N 229 
PHE CB  CG   sing N N 230 
PHE CB  HB2  sing N N 231 
PHE CB  HB3  sing N N 232 
PHE CG  CD1  doub Y N 233 
PHE CG  CD2  sing Y N 234 
PHE CD1 CE1  sing Y N 235 
PHE CD1 HD1  sing N N 236 
PHE CD2 CE2  doub Y N 237 
PHE CD2 HD2  sing N N 238 
PHE CE1 CZ   doub Y N 239 
PHE CE1 HE1  sing N N 240 
PHE CE2 CZ   sing Y N 241 
PHE CE2 HE2  sing N N 242 
PHE CZ  HZ   sing N N 243 
PHE OXT HXT  sing N N 244 
PRO N   CA   sing N N 245 
PRO N   CD   sing N N 246 
PRO N   H    sing N N 247 
PRO CA  C    sing N N 248 
PRO CA  CB   sing N N 249 
PRO CA  HA   sing N N 250 
PRO C   O    doub N N 251 
PRO C   OXT  sing N N 252 
PRO CB  CG   sing N N 253 
PRO CB  HB2  sing N N 254 
PRO CB  HB3  sing N N 255 
PRO CG  CD   sing N N 256 
PRO CG  HG2  sing N N 257 
PRO CG  HG3  sing N N 258 
PRO CD  HD2  sing N N 259 
PRO CD  HD3  sing N N 260 
PRO OXT HXT  sing N N 261 
SER N   CA   sing N N 262 
SER N   H    sing N N 263 
SER N   H2   sing N N 264 
SER CA  C    sing N N 265 
SER CA  CB   sing N N 266 
SER CA  HA   sing N N 267 
SER C   O    doub N N 268 
SER C   OXT  sing N N 269 
SER CB  OG   sing N N 270 
SER CB  HB2  sing N N 271 
SER CB  HB3  sing N N 272 
SER OG  HG   sing N N 273 
SER OXT HXT  sing N N 274 
THR N   CA   sing N N 275 
THR N   H    sing N N 276 
THR N   H2   sing N N 277 
THR CA  C    sing N N 278 
THR CA  CB   sing N N 279 
THR CA  HA   sing N N 280 
THR C   O    doub N N 281 
THR C   OXT  sing N N 282 
THR CB  OG1  sing N N 283 
THR CB  CG2  sing N N 284 
THR CB  HB   sing N N 285 
THR OG1 HG1  sing N N 286 
THR CG2 HG21 sing N N 287 
THR CG2 HG22 sing N N 288 
THR CG2 HG23 sing N N 289 
THR OXT HXT  sing N N 290 
TYR N   CA   sing N N 291 
TYR N   H    sing N N 292 
TYR N   H2   sing N N 293 
TYR CA  C    sing N N 294 
TYR CA  CB   sing N N 295 
TYR CA  HA   sing N N 296 
TYR C   O    doub N N 297 
TYR C   OXT  sing N N 298 
TYR CB  CG   sing N N 299 
TYR CB  HB2  sing N N 300 
TYR CB  HB3  sing N N 301 
TYR CG  CD1  doub Y N 302 
TYR CG  CD2  sing Y N 303 
TYR CD1 CE1  sing Y N 304 
TYR CD1 HD1  sing N N 305 
TYR CD2 CE2  doub Y N 306 
TYR CD2 HD2  sing N N 307 
TYR CE1 CZ   doub Y N 308 
TYR CE1 HE1  sing N N 309 
TYR CE2 CZ   sing Y N 310 
TYR CE2 HE2  sing N N 311 
TYR CZ  OH   sing N N 312 
TYR OH  HH   sing N N 313 
TYR OXT HXT  sing N N 314 
VAL N   CA   sing N N 315 
VAL N   H    sing N N 316 
VAL N   H2   sing N N 317 
VAL CA  C    sing N N 318 
VAL CA  CB   sing N N 319 
VAL CA  HA   sing N N 320 
VAL C   O    doub N N 321 
VAL C   OXT  sing N N 322 
VAL CB  CG1  sing N N 323 
VAL CB  CG2  sing N N 324 
VAL CB  HB   sing N N 325 
VAL CG1 HG11 sing N N 326 
VAL CG1 HG12 sing N N 327 
VAL CG1 HG13 sing N N 328 
VAL CG2 HG21 sing N N 329 
VAL CG2 HG22 sing N N 330 
VAL CG2 HG23 sing N N 331 
VAL OXT HXT  sing N N 332 
# 
_atom_sites.entry_id                    3SD6 
_atom_sites.fract_transf_matrix[1][1]   -0.00451400 
_atom_sites.fract_transf_matrix[1][2]   -0.00183779 
_atom_sites.fract_transf_matrix[1][3]   -0.02277597 
_atom_sites.fract_transf_matrix[2][1]   -0.01178826 
_atom_sites.fract_transf_matrix[2][2]   0.01685276 
_atom_sites.fract_transf_matrix[2][3]   -0.01093337 
_atom_sites.fract_transf_matrix[3][1]   0.00740934 
_atom_sites.fract_transf_matrix[3][2]   0.00401963 
_atom_sites.fract_transf_matrix[3][3]   -0.00179281 
_atom_sites.fract_transf_vector[1]      0.012529 
_atom_sites.fract_transf_vector[2]      0.716778 
_atom_sites.fract_transf_vector[3]      0.048688 
# 
loop_
_atom_type.symbol 
C  
CA 
CD 
N  
O  
S  
# 
loop_
_atom_site.group_PDB 
_atom_site.id 
_atom_site.type_symbol 
_atom_site.label_atom_id 
_atom_site.label_alt_id 
_atom_site.label_comp_id 
_atom_site.label_asym_id 
_atom_site.label_entity_id 
_atom_site.label_seq_id 
_atom_site.pdbx_PDB_ins_code 
_atom_site.Cartn_x 
_atom_site.Cartn_y 
_atom_site.Cartn_z 
_atom_site.occupancy 
_atom_site.B_iso_or_equiv 
_atom_site.pdbx_formal_charge 
_atom_site.auth_seq_id 
_atom_site.auth_comp_id 
_atom_site.auth_asym_id 
_atom_site.auth_atom_id 
_atom_site.pdbx_PDB_model_num 
ATOM   1   N  N   . MET A 1 1  ? 0.364   -15.892 1.343   1.00 39.15  ? 1   MET A N   1 
ATOM   2   C  CA  . MET A 1 1  ? -0.232  -14.620 1.838   1.00 41.38  ? 1   MET A CA  1 
ATOM   3   C  C   . MET A 1 1  ? -0.653  -14.845 3.284   1.00 40.67  ? 1   MET A C   1 
ATOM   4   O  O   . MET A 1 1  ? -1.239  -15.884 3.604   1.00 41.02  ? 1   MET A O   1 
ATOM   5   C  CB  . MET A 1 1  ? -1.457  -14.293 0.985   1.00 40.21  ? 1   MET A CB  1 
ATOM   6   C  CG  . MET A 1 1  ? -2.123  -12.952 1.282   1.00 45.60  ? 1   MET A CG  1 
ATOM   7   S  SD  . MET A 1 1  ? -1.185  -11.594 0.561   1.00 49.73  ? 1   MET A SD  1 
ATOM   8   C  CE  . MET A 1 1  ? -2.428  -10.352 0.238   1.00 43.12  ? 1   MET A CE  1 
ATOM   9   N  N   . ASP A 1 2  ? -0.410  -13.862 4.144   1.00 42.25  ? 2   ASP A N   1 
ATOM   10  C  CA  . ASP A 1 2  ? -0.893  -13.929 5.520   1.00 43.22  ? 2   ASP A CA  1 
ATOM   11  C  C   . ASP A 1 2  ? -2.418  -13.832 5.546   1.00 42.34  ? 2   ASP A C   1 
ATOM   12  O  O   . ASP A 1 2  ? -2.998  -12.907 4.976   1.00 38.90  ? 2   ASP A O   1 
ATOM   13  C  CB  . ASP A 1 2  ? -0.278  -12.809 6.361   1.00 44.09  ? 2   ASP A CB  1 
ATOM   14  C  CG  . ASP A 1 2  ? -1.246  -12.249 7.384   0.50 45.99  ? 2   ASP A CG  1 
ATOM   15  O  OD1 . ASP A 1 2  ? -0.819  -11.985 8.527   1.00 50.51  ? 2   ASP A OD1 1 
ATOM   16  O  OD2 . ASP A 1 2  ? -2.435  -12.072 7.045   1.00 48.47  ? 2   ASP A OD2 1 
ATOM   17  N  N   . ASP A 1 3  ? -3.065  -14.790 6.205   1.00 41.92  ? 3   ASP A N   1 
ATOM   18  C  CA  . ASP A 1 3  ? -4.535  -14.838 6.259   1.00 40.96  ? 3   ASP A CA  1 
ATOM   19  C  C   . ASP A 1 3  ? -5.252  -13.508 6.599   1.00 39.25  ? 3   ASP A C   1 
ATOM   20  O  O   . ASP A 1 3  ? -6.345  -13.227 6.100   0.50 37.66  ? 3   ASP A O   1 
ATOM   21  C  CB  . ASP A 1 3  ? -4.982  -15.937 7.228   1.00 41.43  ? 3   ASP A CB  1 
ATOM   22  N  N   . ILE A 1 4  ? -4.690  -12.717 7.503   1.00 40.91  ? 4   ILE A N   1 
ATOM   23  C  CA  . ILE A 1 4  ? -5.317  -11.434 7.841   1.00 38.79  ? 4   ILE A CA  1 
ATOM   24  C  C   . ILE A 1 4  ? -5.236  -10.488 6.651   1.00 37.70  ? 4   ILE A C   1 
ATOM   25  O  O   . ILE A 1 4  ? -6.236  -9.850  6.269   1.00 37.25  ? 4   ILE A O   1 
ATOM   26  C  CB  . ILE A 1 4  ? -4.698  -10.767 9.098   1.00 41.52  ? 4   ILE A CB  1 
ATOM   27  N  N   . TYR A 1 5  ? -4.061  -10.430 6.026   1.00 29.99  ? 5   TYR A N   1 
ATOM   28  C  CA  . TYR A 1 5  ? -3.942  -9.578  4.859   1.00 30.94  ? 5   TYR A CA  1 
ATOM   29  C  C   . TYR A 1 5  ? -4.926  -10.106 3.827   1.00 32.31  ? 5   TYR A C   1 
ATOM   30  O  O   . TYR A 1 5  ? -5.532  -9.331  3.096   1.00 34.04  ? 5   TYR A O   1 
ATOM   31  C  CB  . TYR A 1 5  ? -2.543  -9.643  4.236   1.00 31.89  ? 5   TYR A CB  1 
ATOM   32  C  CG  . TYR A 1 5  ? -1.431  -8.896  4.946   1.00 31.81  ? 5   TYR A CG  1 
ATOM   33  C  CD1 . TYR A 1 5  ? -0.130  -8.926  4.425   1.00 32.70  ? 5   TYR A CD1 1 
ATOM   34  C  CD2 . TYR A 1 5  ? -1.626  -8.307  6.199   1.00 32.55  ? 5   TYR A CD2 1 
ATOM   35  C  CE1 . TYR A 1 5  ? 0.938   -8.359  5.102   1.00 33.35  ? 5   TYR A CE1 1 
ATOM   36  C  CE2 . TYR A 1 5  ? -0.550  -7.719  6.885   1.00 31.06  ? 5   TYR A CE2 1 
ATOM   37  C  CZ  . TYR A 1 5  ? 0.722   -7.752  6.324   1.00 36.58  ? 5   TYR A CZ  1 
ATOM   38  O  OH  . TYR A 1 5  ? 1.781   -7.167  6.985   0.50 39.79  ? 5   TYR A OH  1 
ATOM   39  N  N   . LYS A 1 6  ? -4.993  -11.425 3.683   1.00 37.18  ? 6   LYS A N   1 
ATOM   40  C  CA  . LYS A 1 6  ? -5.730  -12.018 2.576   1.00 38.90  ? 6   LYS A CA  1 
ATOM   41  C  C   . LYS A 1 6  ? -7.142  -11.437 2.531   1.00 39.93  ? 6   LYS A C   1 
ATOM   42  O  O   . LYS A 1 6  ? -7.669  -11.132 1.456   1.00 41.06  ? 6   LYS A O   1 
ATOM   43  C  CB  . LYS A 1 6  ? -5.762  -13.548 2.721   1.00 38.66  ? 6   LYS A CB  1 
ATOM   44  C  CG  . LYS A 1 6  ? -5.603  -14.306 1.411   1.00 44.79  ? 6   LYS A CG  1 
ATOM   45  C  CD  . LYS A 1 6  ? -5.226  -15.763 1.664   1.00 45.52  ? 6   LYS A CD  1 
ATOM   46  C  CE  . LYS A 1 6  ? -5.728  -16.685 0.552   1.00 49.80  ? 6   LYS A CE  1 
ATOM   47  N  NZ  . LYS A 1 6  ? -6.069  -18.030 1.084   1.00 53.35  ? 6   LYS A NZ  1 
ATOM   48  N  N   . ALA A 1 7  ? -7.708  -11.153 3.699   1.00 39.03  ? 7   ALA A N   1 
ATOM   49  C  CA  . ALA A 1 7  ? -9.063  -10.592 3.768   1.00 40.50  ? 7   ALA A CA  1 
ATOM   50  C  C   . ALA A 1 7  ? -9.223  -9.090  3.536   1.00 36.41  ? 7   ALA A C   1 
ATOM   51  O  O   . ALA A 1 7  ? -10.280 -8.647  3.061   1.00 40.88  ? 7   ALA A O   1 
ATOM   52  C  CB  . ALA A 1 7  ? -9.732  -10.991 5.070   1.00 39.91  ? 7   ALA A CB  1 
ATOM   53  N  N   . ALA A 1 8  ? -8.240  -8.288  3.942   1.00 33.74  ? 8   ALA A N   1 
ATOM   54  C  CA  . ALA A 1 8  ? -8.185  -6.892  3.501   1.00 30.25  ? 8   ALA A CA  1 
ATOM   55  C  C   . ALA A 1 8  ? -8.143  -6.867  1.982   1.00 26.01  ? 8   ALA A C   1 
ATOM   56  O  O   . ALA A 1 8  ? -8.931  -6.178  1.320   1.00 26.67  ? 8   ALA A O   1 
ATOM   57  C  CB  . ALA A 1 8  ? -6.968  -6.191  4.067   1.00 29.55  ? 8   ALA A CB  1 
ATOM   58  N  N   . VAL A 1 9  ? -7.258  -7.682  1.422   1.00 28.04  ? 9   VAL A N   1 
ATOM   59  C  CA  . VAL A 1 9  ? -7.066  -7.715  -0.024  1.00 28.24  ? 9   VAL A CA  1 
ATOM   60  C  C   . VAL A 1 9  ? -8.319  -8.194  -0.774  1.00 28.99  ? 9   VAL A C   1 
ATOM   61  O  O   . VAL A 1 9  ? -8.562  -7.767  -1.898  1.00 28.03  ? 9   VAL A O   1 
ATOM   62  C  CB  . VAL A 1 9  ? -5.805  -8.525  -0.384  1.00 32.47  ? 9   VAL A CB  1 
ATOM   63  C  CG1 . VAL A 1 9  ? -5.651  -8.648  -1.880  1.00 34.52  ? 9   VAL A CG1 1 
ATOM   64  C  CG2 . VAL A 1 9  ? -4.573  -7.861  0.248   1.00 33.93  ? 9   VAL A CG2 1 
ATOM   65  N  N   . GLU A 1 10 ? -9.209  -8.902  -0.079  1.00 28.29  ? 10  GLU A N   1 
ATOM   66  C  CA  . GLU A 1 10 ? -10.475 -9.353  -0.656  1.00 32.67  ? 10  GLU A CA  1 
ATOM   67  C  C   . GLU A 1 10 ? -11.468 -8.212  -0.937  1.00 33.40  ? 10  GLU A C   1 
ATOM   68  O  O   . GLU A 1 10 ? -12.376 -8.382  -1.737  1.00 38.07  ? 10  GLU A O   1 
ATOM   69  C  CB  . GLU A 1 10 ? -11.114 -10.443 0.208   1.00 35.52  ? 10  GLU A CB  1 
ATOM   70  C  CG  . GLU A 1 10 ? -12.451 -10.047 0.798   0.50 37.82  ? 10  GLU A CG  1 
ATOM   71  C  CD  . GLU A 1 10 ? -12.978 -11.051 1.798   0.50 42.99  ? 10  GLU A CD  1 
ATOM   72  O  OE1 . GLU A 1 10 ? -13.451 -10.610 2.868   1.00 45.87  ? 10  GLU A OE1 1 
ATOM   73  O  OE2 . GLU A 1 10 ? -12.952 -12.269 1.507   1.00 47.70  ? 10  GLU A OE2 1 
ATOM   74  N  N   . GLN A 1 11 ? -11.239 -7.038  -0.353  1.00 30.84  ? 11  GLN A N   1 
ATOM   75  C  CA  . GLN A 1 11 ? -12.006 -5.823  -0.638  1.00 31.53  ? 11  GLN A CA  1 
ATOM   76  C  C   . GLN A 1 11 ? -11.748 -5.296  -2.043  1.00 30.46  ? 11  GLN A C   1 
ATOM   77  O  O   . GLN A 1 11 ? -12.474 -4.410  -2.527  1.00 33.96  ? 11  GLN A O   1 
ATOM   78  C  CB  . GLN A 1 11 ? -11.630 -4.729  0.369   1.00 32.21  ? 11  GLN A CB  1 
ATOM   79  C  CG  . GLN A 1 11 ? -11.863 -5.075  1.825   1.00 37.02  ? 11  GLN A CG  1 
ATOM   80  C  CD  . GLN A 1 11 ? -13.226 -4.636  2.321   1.00 37.78  ? 11  GLN A CD  1 
ATOM   81  O  OE1 . GLN A 1 11 ? -13.709 -3.543  2.004   1.00 39.10  ? 11  GLN A OE1 1 
ATOM   82  N  NE2 . GLN A 1 11 ? -13.901 -5.543  3.002   1.00 36.57  ? 11  GLN A NE2 1 
ATOM   83  N  N   . LEU A 1 12 ? -10.627 -5.698  -2.628  1.00 27.32  ? 12  LEU A N   1 
ATOM   84  C  CA  . LEU A 1 12 ? -10.187 -5.097  -3.884  1.00 24.69  ? 12  LEU A CA  1 
ATOM   85  C  C   . LEU A 1 12 ? -10.631 -5.982  -5.021  1.00 25.30  ? 12  LEU A C   1 
ATOM   86  O  O   . LEU A 1 12 ? -10.483 -7.204  -4.951  1.00 29.74  ? 12  LEU A O   1 
ATOM   87  C  CB  . LEU A 1 12 ? -8.677  -4.889  -3.925  1.00 21.46  ? 12  LEU A CB  1 
ATOM   88  C  CG  . LEU A 1 12 ? -8.122  -4.001  -2.820  1.00 20.85  ? 12  LEU A CG  1 
ATOM   89  C  CD1 . LEU A 1 12 ? -6.604  -3.961  -2.825  1.00 23.62  ? 12  LEU A CD1 1 
ATOM   90  C  CD2 . LEU A 1 12 ? -8.724  -2.597  -2.910  1.00 24.46  ? 12  LEU A CD2 1 
ATOM   91  N  N   . THR A 1 13 ? -11.035 -5.354  -6.117  1.00 27.45  ? 13  THR A N   1 
ATOM   92  C  CA  . THR A 1 13 ? -11.218 -6.083  -7.372  1.00 29.45  ? 13  THR A CA  1 
ATOM   93  C  C   . THR A 1 13 ? -9.877  -6.421  -8.038  1.00 29.54  ? 13  THR A C   1 
ATOM   94  O  O   . THR A 1 13 ? -8.877  -5.756  -7.773  1.00 27.17  ? 13  THR A O   1 
ATOM   95  C  CB  . THR A 1 13 ? -12.080 -5.275  -8.353  1.00 31.78  ? 13  THR A CB  1 
ATOM   96  O  OG1 . THR A 1 13 ? -11.355 -4.109  -8.771  1.00 33.86  ? 13  THR A OG1 1 
ATOM   97  C  CG2 . THR A 1 13 ? -13.368 -4.851  -7.677  1.00 34.23  ? 13  THR A CG2 1 
ATOM   98  N  N   . GLU A 1 14 ? -9.872  -7.411  -8.939  1.00 31.11  ? 14  GLU A N   1 
ATOM   99  C  CA  . GLU A 1 14 ? -8.670  -7.727  -9.713  1.00 31.26  ? 14  GLU A CA  1 
ATOM   100 C  C   . GLU A 1 14 ? -8.175  -6.468  -10.419 1.00 30.56  ? 14  GLU A C   1 
ATOM   101 O  O   . GLU A 1 14 ? -6.974  -6.218  -10.513 1.00 29.65  ? 14  GLU A O   1 
ATOM   102 C  CB  . GLU A 1 14 ? -8.915  -8.840  -10.746 1.00 33.20  ? 14  GLU A CB  1 
ATOM   103 C  CG  . GLU A 1 14 ? -8.826  -10.278 -10.209 1.00 39.78  ? 14  GLU A CG  1 
ATOM   104 C  CD  . GLU A 1 14 ? -7.825  -10.487 -9.077  1.00 47.21  ? 14  GLU A CD  1 
ATOM   105 O  OE1 . GLU A 1 14 ? -6.599  -10.519 -9.345  1.00 52.28  ? 14  GLU A OE1 1 
ATOM   106 O  OE2 . GLU A 1 14 ? -8.282  -10.726 -7.932  1.00 51.21  ? 14  GLU A OE2 1 
ATOM   107 N  N   . GLU A 1 15 ? -9.112  -5.690  -10.944 1.00 29.37  ? 15  GLU A N   1 
ATOM   108 C  CA  . GLU A 1 15 ? -8.745  -4.469  -11.636 1.00 29.37  ? 15  GLU A CA  1 
ATOM   109 C  C   . GLU A 1 15 ? -8.105  -3.412  -10.730 1.00 26.88  ? 15  GLU A C   1 
ATOM   110 O  O   . GLU A 1 15 ? -7.164  -2.724  -11.130 1.00 27.32  ? 15  GLU A O   1 
ATOM   111 C  CB  . GLU A 1 15 ? -9.946  -3.888  -12.339 1.00 32.45  ? 15  GLU A CB  1 
ATOM   112 C  CG  . GLU A 1 15 ? -9.541  -2.822  -13.305 1.00 34.39  ? 15  GLU A CG  1 
ATOM   113 C  CD  . GLU A 1 15 ? -10.742 -2.206  -13.963 1.00 45.46  ? 15  GLU A CD  1 
ATOM   114 O  OE1 . GLU A 1 15 ? -11.681 -2.964  -14.293 1.00 49.76  ? 15  GLU A OE1 1 
ATOM   115 O  OE2 . GLU A 1 15 ? -10.751 -0.970  -14.109 1.00 48.40  ? 15  GLU A OE2 1 
ATOM   116 N  N   . GLN A 1 16 ? -8.655  -3.232  -9.537  1.00 24.43  ? 16  GLN A N   1 
ATOM   117 C  CA  . GLN A 1 16 ? -8.005  -2.367  -8.559  1.00 21.88  ? 16  GLN A CA  1 
ATOM   118 C  C   . GLN A 1 16 ? -6.597  -2.883  -8.234  1.00 20.49  ? 16  GLN A C   1 
ATOM   119 O  O   . GLN A 1 16 ? -5.635  -2.116  -8.199  1.00 19.78  ? 16  GLN A O   1 
ATOM   120 C  CB  . GLN A 1 16 ? -8.834  -2.312  -7.278  1.00 21.20  ? 16  GLN A CB  1 
ATOM   121 C  CG  . GLN A 1 16 ? -10.031 -1.400  -7.397  1.00 24.94  ? 16  GLN A CG  1 
ATOM   122 C  CD  . GLN A 1 16 ? -10.901 -1.427  -6.154  1.00 26.21  ? 16  GLN A CD  1 
ATOM   123 O  OE1 . GLN A 1 16 ? -11.278 -2.491  -5.670  1.00 31.70  ? 16  GLN A OE1 1 
ATOM   124 N  NE2 . GLN A 1 16 ? -11.325 -0.261  -5.717  1.00 32.25  ? 16  GLN A NE2 1 
ATOM   125 N  N   . LYS A 1 17 ? -6.450  -4.189  -8.046  1.00 21.41  ? 17  LYS A N   1 
ATOM   126 C  CA  . LYS A 1 17 ? -5.119  -4.704  -7.719  1.00 20.97  ? 17  LYS A CA  1 
ATOM   127 C  C   . LYS A 1 17 ? -4.142  -4.411  -8.854  1.00 22.41  ? 17  LYS A C   1 
ATOM   128 O  O   . LYS A 1 17 ? -2.993  -4.032  -8.625  1.00 22.26  ? 17  LYS A O   1 
ATOM   129 C  CB  . LYS A 1 17 ? -5.149  -6.217  -7.452  1.00 23.70  ? 17  LYS A CB  1 
ATOM   130 C  CG  . LYS A 1 17 ? -5.935  -6.578  -6.202  1.00 25.44  ? 17  LYS A CG  1 
ATOM   131 C  CD  . LYS A 1 17 ? -5.947  -8.066  -5.967  1.00 31.82  ? 17  LYS A CD  1 
ATOM   132 C  CE  . LYS A 1 17 ? -7.284  -8.529  -5.436  1.00 37.80  ? 17  LYS A CE  1 
ATOM   133 N  NZ  . LYS A 1 17 ? -7.446  -9.992  -5.669  1.00 40.07  ? 17  LYS A NZ  1 
ATOM   134 N  N   . ASN A 1 18 ? -4.606  -4.566  -10.086 1.00 22.68  ? 18  ASN A N   1 
ATOM   135 C  CA  . ASN A 1 18 ? -3.739  -4.301  -11.231 1.00 24.64  ? 18  ASN A CA  1 
ATOM   136 C  C   . ASN A 1 18 ? -3.383  -2.816  -11.313 1.00 22.58  ? 18  ASN A C   1 
ATOM   137 O  O   . ASN A 1 18 ? -2.229  -2.449  -11.545 1.00 22.85  ? 18  ASN A O   1 
ATOM   138 C  CB  . ASN A 1 18 ? -4.428  -4.729  -12.531 1.00 26.59  ? 18  ASN A CB  1 
ATOM   139 C  CG  . ASN A 1 18 ? -4.459  -6.236  -12.724 1.00 37.39  ? 18  ASN A CG  1 
ATOM   140 O  OD1 . ASN A 1 18 ? -5.222  -6.743  -13.555 1.00 46.54  ? 18  ASN A OD1 1 
ATOM   141 N  ND2 . ASN A 1 18 ? -3.601  -6.956  -12.008 1.00 40.61  ? 18  ASN A ND2 1 
ATOM   142 N  N   . GLU A 1 19 ? -4.355  -1.965  -11.091 1.00 20.72  ? 19  GLU A N   1 
ATOM   143 C  CA  . GLU A 1 19 ? -4.076  -0.553  -11.062 1.00 20.54  ? 19  GLU A CA  1 
ATOM   144 C  C   . GLU A 1 19 ? -3.108  -0.173  -9.951  1.00 21.11  ? 19  GLU A C   1 
ATOM   145 O  O   . GLU A 1 19 ? -2.257  0.612   -10.133 1.00 19.67  ? 19  GLU A O   1 
ATOM   146 C  CB  . GLU A 1 19 ? -5.383  0.201   -10.882 1.00 22.67  ? 19  GLU A CB  1 
ATOM   147 C  CG  A GLU A 1 19 ? -6.200  0.268   -12.153 0.50 22.81  ? 19  GLU A CG  1 
ATOM   148 C  CG  B GLU A 1 19 ? -5.378  1.763   -10.964 0.50 22.36  ? 19  GLU A CG  1 
ATOM   149 C  CD  A GLU A 1 19 ? -7.671  0.404   -11.908 0.50 28.13  ? 19  GLU A CD  1 
ATOM   150 C  CD  B GLU A 1 19 ? -5.357  2.323   -12.381 0.50 25.78  ? 19  GLU A CD  1 
ATOM   151 O  OE1 A GLU A 1 19 ? -8.168  0.357   -10.784 0.50 30.95  ? 19  GLU A OE1 1 
ATOM   152 O  OE1 B GLU A 1 19 ? -5.368  1.535   -13.356 0.50 27.00  ? 19  GLU A OE1 1 
ATOM   153 O  OE2 A GLU A 1 19 ? -8.379  0.570   -12.900 0.50 33.16  ? 19  GLU A OE2 1 
ATOM   154 O  OE2 B GLU A 1 19 ? -5.257  3.563   -12.514 0.50 28.54  ? 19  GLU A OE2 1 
ATOM   155 N  N   . PHE A 1 20 ? -3.334  -0.755  -8.795  1.00 19.31  ? 20  PHE A N   1 
ATOM   156 C  CA  . PHE A 1 20 ? -2.466  -0.413  -7.687  1.00 18.98  ? 20  PHE A CA  1 
ATOM   157 C  C   . PHE A 1 20 ? -1.022  -0.870  -7.954  1.00 18.53  ? 20  PHE A C   1 
ATOM   158 O  O   . PHE A 1 20 ? -0.054  -0.162  -7.649  1.00 19.77  ? 20  PHE A O   1 
ATOM   159 C  CB  . PHE A 1 20 ? -3.004  -1.019  -6.376  1.00 18.23  ? 20  PHE A CB  1 
ATOM   160 C  CG  . PHE A 1 20 ? -4.311  -0.433  -5.893  1.00 18.51  ? 20  PHE A CG  1 
ATOM   161 C  CD1 . PHE A 1 20 ? -5.001  0.519   -6.629  1.00 19.31  ? 20  PHE A CD1 1 
ATOM   162 C  CD2 . PHE A 1 20 ? -4.825  -0.783  -4.648  1.00 18.06  ? 20  PHE A CD2 1 
ATOM   163 C  CE1 . PHE A 1 20 ? -6.195  1.059   -6.139  1.00 20.18  ? 20  PHE A CE1 1 
ATOM   164 C  CE2 . PHE A 1 20 ? -6.034  -0.277  -4.192  1.00 20.69  ? 20  PHE A CE2 1 
ATOM   165 C  CZ  . PHE A 1 20 ? -6.713  0.657   -4.931  1.00 20.75  ? 20  PHE A CZ  1 
ATOM   166 N  N   . LYS A 1 21 ? -0.883  -2.042  -8.572  1.00 19.90  ? 21  LYS A N   1 
ATOM   167 C  CA  . LYS A 1 21 ? 0.423   -2.551  -8.916  1.00 20.01  ? 21  LYS A CA  1 
ATOM   168 C  C   . LYS A 1 21 ? 1.151   -1.690  -9.925  1.00 20.13  ? 21  LYS A C   1 
ATOM   169 O  O   . LYS A 1 21 ? 2.349   -1.422  -9.777  1.00 19.41  ? 21  LYS A O   1 
ATOM   170 C  CB  . LYS A 1 21 ? 0.326   -4.000  -9.383  1.00 21.49  ? 21  LYS A CB  1 
ATOM   171 C  CG  . LYS A 1 21 ? 1.699   -4.586  -9.650  1.00 29.10  ? 21  LYS A CG  1 
ATOM   172 C  CD  . LYS A 1 21 ? 1.797   -6.071  -9.470  1.00 37.98  ? 21  LYS A CD  1 
ATOM   173 C  CE  . LYS A 1 21 ? 3.205   -6.386  -8.991  1.00 40.05  ? 21  LYS A CE  1 
ATOM   174 N  NZ  . LYS A 1 21 ? 4.222   -5.915  -9.992  1.00 43.31  ? 21  LYS A NZ  1 
ATOM   175 N  N   . ALA A 1 22 ? 0.413   -1.151  -10.888 1.00 19.79  ? 22  ALA A N   1 
ATOM   176 C  CA  . ALA A 1 22 ? 1.060   -0.292  -11.867 1.00 21.70  ? 22  ALA A CA  1 
ATOM   177 C  C   . ALA A 1 22 ? 1.630   0.976   -11.237 1.00 19.68  ? 22  ALA A C   1 
ATOM   178 O  O   . ALA A 1 22 ? 2.704   1.436   -11.630 1.00 22.29  ? 22  ALA A O   1 
ATOM   179 C  CB  . ALA A 1 22 ? 0.125   0.032   -13.013 1.00 23.01  ? 22  ALA A CB  1 
ATOM   180 N  N   . ALA A 1 23 ? 0.951   1.510   -10.217 1.00 19.95  ? 23  ALA A N   1 
ATOM   181 C  CA  . ALA A 1 23 ? 1.444   2.706   -9.540  1.00 19.61  ? 23  ALA A CA  1 
ATOM   182 C  C   . ALA A 1 23 ? 2.634   2.349   -8.662  1.00 18.03  ? 23  ALA A C   1 
ATOM   183 O  O   . ALA A 1 23 ? 3.645   3.044   -8.683  1.00 19.51  ? 23  ALA A O   1 
ATOM   184 C  CB  . ALA A 1 23 ? 0.342   3.350   -8.698  1.00 20.39  ? 23  ALA A CB  1 
ATOM   185 N  N   . PHE A 1 24 ? 2.527   1.245   -7.920  1.00 18.72  ? 24  PHE A N   1 
ATOM   186 C  CA  . PHE A 1 24 ? 3.619   0.801   -7.054  1.00 18.24  ? 24  PHE A CA  1 
ATOM   187 C  C   . PHE A 1 24 ? 4.889   0.602   -7.891  1.00 18.62  ? 24  PHE A C   1 
ATOM   188 O  O   . PHE A 1 24 ? 6.001   0.967   -7.469  1.00 18.12  ? 24  PHE A O   1 
ATOM   189 C  CB  . PHE A 1 24 ? 3.190   -0.499  -6.377  1.00 18.68  ? 24  PHE A CB  1 
ATOM   190 C  CG  . PHE A 1 24 ? 4.205   -1.091  -5.462  1.00 17.79  ? 24  PHE A CG  1 
ATOM   191 C  CD1 . PHE A 1 24 ? 4.121   -0.873  -4.102  1.00 16.74  ? 24  PHE A CD1 1 
ATOM   192 C  CD2 . PHE A 1 24 ? 5.123   -2.015  -5.933  1.00 19.45  ? 24  PHE A CD2 1 
ATOM   193 C  CE1 . PHE A 1 24 ? 5.011   -1.462  -3.207  1.00 18.11  ? 24  PHE A CE1 1 
ATOM   194 C  CE2 . PHE A 1 24 ? 6.025   -2.624  -5.046  1.00 18.41  ? 24  PHE A CE2 1 
ATOM   195 C  CZ  . PHE A 1 24 ? 5.956   -2.358  -3.680  1.00 18.66  ? 24  PHE A CZ  1 
ATOM   196 N  N   . ASP A 1 25 ? 4.724   -0.013  -9.060  1.00 19.10  ? 25  ASP A N   1 
ATOM   197 C  CA  . ASP A 1 25 ? 5.854   -0.347  -9.932  1.00 20.10  ? 25  ASP A CA  1 
ATOM   198 C  C   . ASP A 1 25 ? 6.667   0.849   -10.363 1.00 20.69  ? 25  ASP A C   1 
ATOM   199 O  O   . ASP A 1 25 ? 7.819   0.737   -10.719 1.00 22.56  ? 25  ASP A O   1 
ATOM   200 C  CB  . ASP A 1 25 ? 5.393   -1.145  -11.145 1.00 22.71  ? 25  ASP A CB  1 
ATOM   201 C  CG  . ASP A 1 25 ? 5.108   -2.590  -10.810 1.00 29.99  ? 25  ASP A CG  1 
ATOM   202 O  OD1 . ASP A 1 25 ? 5.429   -3.028  -9.685  1.00 30.80  ? 25  ASP A OD1 1 
ATOM   203 O  OD2 . ASP A 1 25 ? 4.472   -3.267  -11.643 1.00 35.16  ? 25  ASP A OD2 1 
ATOM   204 N  N   . ILE A 1 26 ? 6.051   2.020   -10.335 1.00 20.33  ? 26  ILE A N   1 
ATOM   205 C  CA  . ILE A 1 26 ? 6.742   3.235   -10.709 1.00 21.19  ? 26  ILE A CA  1 
ATOM   206 C  C   . ILE A 1 26 ? 7.869   3.518   -9.709  1.00 20.61  ? 26  ILE A C   1 
ATOM   207 O  O   . ILE A 1 26 ? 8.828   4.212   -10.029 1.00 24.44  ? 26  ILE A O   1 
ATOM   208 C  CB  . ILE A 1 26 ? 5.695   4.402   -10.809 1.00 23.14  ? 26  ILE A CB  1 
ATOM   209 C  CG1 . ILE A 1 26 ? 4.798   4.140   -12.016 1.00 26.32  ? 26  ILE A CG1 1 
ATOM   210 C  CG2 . ILE A 1 26 ? 6.358   5.757   -10.786 1.00 24.57  ? 26  ILE A CG2 1 
ATOM   211 C  CD1 . ILE A 1 26 ? 5.570   4.228   -13.274 1.00 30.61  ? 26  ILE A CD1 1 
ATOM   212 N  N   . PHE A 1 27 ? 7.689   3.079   -8.465  1.00 20.08  ? 27  PHE A N   1 
ATOM   213 C  CA  . PHE A 1 27 ? 8.577   3.475   -7.377  1.00 18.41  ? 27  PHE A CA  1 
ATOM   214 C  C   . PHE A 1 27 ? 9.547   2.380   -6.945  1.00 20.18  ? 27  PHE A C   1 
ATOM   215 O  O   . PHE A 1 27 ? 10.145  2.485   -5.890  1.00 18.90  ? 27  PHE A O   1 
ATOM   216 C  CB  . PHE A 1 27 ? 7.765   3.916   -6.153  1.00 18.52  ? 27  PHE A CB  1 
ATOM   217 C  CG  . PHE A 1 27 ? 6.964   5.158   -6.397  1.00 18.15  ? 27  PHE A CG  1 
ATOM   218 C  CD1 . PHE A 1 27 ? 7.471   6.389   -6.037  1.00 21.34  ? 27  PHE A CD1 1 
ATOM   219 C  CD2 . PHE A 1 27 ? 5.701   5.094   -6.967  1.00 19.19  ? 27  PHE A CD2 1 
ATOM   220 C  CE1 . PHE A 1 27 ? 6.742   7.551   -6.264  1.00 22.52  ? 27  PHE A CE1 1 
ATOM   221 C  CE2 . PHE A 1 27 ? 4.960   6.248   -7.200  1.00 21.16  ? 27  PHE A CE2 1 
ATOM   222 C  CZ  . PHE A 1 27 ? 5.473   7.471   -6.789  1.00 21.12  ? 27  PHE A CZ  1 
ATOM   223 N  N   . VAL A 1 28 ? 9.774   1.362   -7.773  1.00 21.46  ? 28  VAL A N   1 
ATOM   224 C  CA  . VAL A 1 28 ? 10.828  0.383   -7.496  1.00 22.17  ? 28  VAL A CA  1 
ATOM   225 C  C   . VAL A 1 28 ? 11.539  0.139   -8.811  1.00 23.68  ? 28  VAL A C   1 
ATOM   226 O  O   . VAL A 1 28 ? 10.934  0.265   -9.883  1.00 23.89  ? 28  VAL A O   1 
ATOM   227 C  CB  . VAL A 1 28 ? 10.294  -0.996  -7.040  1.00 24.67  ? 28  VAL A CB  1 
ATOM   228 C  CG1 . VAL A 1 28 ? 9.966   -1.020  -5.574  1.00 28.37  ? 28  VAL A CG1 1 
ATOM   229 C  CG2 . VAL A 1 28 ? 9.118   -1.434  -7.862  1.00 27.41  ? 28  VAL A CG2 1 
ATOM   230 N  N   . LEU A 1 29 ? 12.804  -0.260  -8.718  1.00 23.65  ? 29  LEU A N   1 
ATOM   231 C  CA  . LEU A 1 29 ? 13.456  -0.944  -9.831  1.00 23.17  ? 29  LEU A CA  1 
ATOM   232 C  C   . LEU A 1 29 ? 13.077  -2.423  -9.794  1.00 25.37  ? 29  LEU A C   1 
ATOM   233 O  O   . LEU A 1 29 ? 13.715  -3.205  -9.108  1.00 22.99  ? 29  LEU A O   1 
ATOM   234 C  CB  . LEU A 1 29 ? 14.974  -0.752  -9.754  1.00 24.08  ? 29  LEU A CB  1 
ATOM   235 C  CG  . LEU A 1 29 ? 15.791  -1.290  -10.924 1.00 27.64  ? 29  LEU A CG  1 
ATOM   236 C  CD1 . LEU A 1 29 ? 15.426  -0.510  -12.156 1.00 31.95  ? 29  LEU A CD1 1 
ATOM   237 C  CD2 . LEU A 1 29 ? 17.263  -1.120  -10.617 1.00 30.13  ? 29  LEU A CD2 1 
ATOM   238 N  N   . GLY A 1 30 ? 11.971  -2.786  -10.434 1.00 26.80  ? 30  GLY A N   1 
ATOM   239 C  CA  . GLY A 1 30 ? 11.382  -4.117  -10.240 1.00 28.32  ? 30  GLY A CA  1 
ATOM   240 C  C   . GLY A 1 30 ? 12.264  -5.303  -10.609 1.00 26.92  ? 30  GLY A C   1 
ATOM   241 O  O   . GLY A 1 30 ? 12.126  -6.408  -10.052 1.00 26.17  ? 30  GLY A O   1 
ATOM   242 N  N   . ALA A 1 31 ? 13.230  -5.075  -11.496 1.00 26.98  ? 31  ALA A N   1 
ATOM   243 C  CA  . ALA A 1 31 ? 14.220  -6.108  -11.811 1.00 27.67  ? 31  ALA A CA  1 
ATOM   244 C  C   . ALA A 1 31 ? 15.112  -6.497  -10.634 1.00 27.86  ? 31  ALA A C   1 
ATOM   245 O  O   . ALA A 1 31 ? 15.720  -7.572  -10.637 1.00 28.64  ? 31  ALA A O   1 
ATOM   246 C  CB  . ALA A 1 31 ? 15.074  -5.647  -12.961 1.00 27.86  ? 31  ALA A CB  1 
ATOM   247 N  N   . GLU A 1 32 ? 15.158  -5.683  -9.589  1.00 25.57  ? 32  GLU A N   1 
ATOM   248 C  CA  . GLU A 1 32 ? 15.936  -6.027  -8.454  1.00 26.06  ? 32  GLU A CA  1 
ATOM   249 C  C   . GLU A 1 32 ? 15.382  -5.607  -7.106  1.00 20.91  ? 32  GLU A C   1 
ATOM   250 O  O   . GLU A 1 32 ? 16.048  -5.797  -6.156  1.00 23.94  ? 32  GLU A O   1 
ATOM   251 C  CB  . GLU A 1 32 ? 17.355  -5.548  -8.641  1.00 29.45  ? 32  GLU A CB  1 
ATOM   252 C  CG  . GLU A 1 32 ? 17.552  -4.104  -8.684  1.00 31.30  ? 32  GLU A CG  1 
ATOM   253 C  CD  . GLU A 1 32 ? 19.001  -3.675  -9.027  1.00 42.10  ? 32  GLU A CD  1 
ATOM   254 O  OE1 . GLU A 1 32 ? 19.499  -4.024  -10.077 1.00 43.99  ? 32  GLU A OE1 1 
ATOM   255 O  OE2 . GLU A 1 32 ? 19.603  -2.953  -8.249  1.00 44.06  ? 32  GLU A OE2 1 
ATOM   256 N  N   . ASP A 1 33 ? 14.190  -5.033  -7.025  1.00 20.45  ? 33  ASP A N   1 
ATOM   257 C  CA  . ASP A 1 33 ? 13.710  -4.511  -5.745  1.00 19.59  ? 33  ASP A CA  1 
ATOM   258 C  C   . ASP A 1 33 ? 12.223  -4.798  -5.594  1.00 18.02  ? 33  ASP A C   1 
ATOM   259 O  O   . ASP A 1 33 ? 11.437  -4.496  -6.500  1.00 22.06  ? 33  ASP A O   1 
ATOM   260 C  CB  . ASP A 1 33 ? 14.034  -3.017  -5.641  1.00 19.74  ? 33  ASP A CB  1 
ATOM   261 C  CG  . ASP A 1 33 ? 13.754  -2.435  -4.270  1.00 17.34  ? 33  ASP A CG  1 
ATOM   262 O  OD1 . ASP A 1 33 ? 13.390  -3.174  -3.332  1.00 19.22  ? 33  ASP A OD1 1 
ATOM   263 O  OD2 . ASP A 1 33 ? 13.982  -1.226  -4.105  1.00 20.22  ? 33  ASP A OD2 1 
ATOM   264 N  N   . GLY A 1 34 ? 11.842  -5.352  -4.448  1.00 16.92  ? 34  GLY A N   1 
ATOM   265 C  CA  . GLY A 1 34 ? 10.442  -5.628  -4.149  1.00 16.44  ? 34  GLY A CA  1 
ATOM   266 C  C   . GLY A 1 34 ? 9.773   -4.660  -3.179  1.00 16.66  ? 34  GLY A C   1 
ATOM   267 O  O   . GLY A 1 34 ? 8.601   -4.821  -2.864  1.00 18.57  ? 34  GLY A O   1 
ATOM   268 N  N   . CYS A 1 35 ? 10.516  -3.687  -2.667  1.00 15.51  ? 35  CYS A N   1 
ATOM   269 C  CA  . CYS A 1 35 ? 9.936   -2.771  -1.667  1.00 17.10  ? 35  CYS A CA  1 
ATOM   270 C  C   . CYS A 1 35 ? 10.153  -1.314  -2.000  1.00 15.89  ? 35  CYS A C   1 
ATOM   271 O  O   . CYS A 1 35 ? 11.172  -0.943  -2.600  1.00 16.76  ? 35  CYS A O   1 
ATOM   272 C  CB  . CYS A 1 35 ? 10.394  -3.090  -0.236  1.00 17.57  ? 35  CYS A CB  1 
ATOM   273 S  SG  . CYS A 1 35 ? 12.136  -2.817  0.116   1.00 17.05  ? 35  CYS A SG  1 
ATOM   274 N  N   . ILE A 1 36 ? 9.169   -0.507  -1.620  1.00 16.62  ? 36  ILE A N   1 
ATOM   275 C  CA  . ILE A 1 36 ? 9.326   0.939   -1.653  1.00 16.62  ? 36  ILE A CA  1 
ATOM   276 C  C   . ILE A 1 36 ? 9.732   1.427   -0.262  1.00 18.54  ? 36  ILE A C   1 
ATOM   277 O  O   . ILE A 1 36 ? 9.542   0.710   0.724   1.00 20.24  ? 36  ILE A O   1 
ATOM   278 C  CB  . ILE A 1 36 ? 8.029   1.626   -2.117  1.00 15.96  ? 36  ILE A CB  1 
ATOM   279 C  CG1 . ILE A 1 36 ? 6.887   1.383   -1.115  1.00 18.70  ? 36  ILE A CG1 1 
ATOM   280 C  CG2 . ILE A 1 36 ? 7.727   1.200   -3.542  1.00 18.36  ? 36  ILE A CG2 1 
ATOM   281 C  CD1 . ILE A 1 36 ? 5.567   2.056   -1.481  1.00 22.20  ? 36  ILE A CD1 1 
ATOM   282 N  N   . SER A 1 37 ? 10.237  2.654   -0.178  1.00 18.32  ? 37  SER A N   1 
ATOM   283 C  CA  . SER A 1 37 ? 10.610  3.243   1.087   1.00 21.51  ? 37  SER A CA  1 
ATOM   284 C  C   . SER A 1 37 ? 9.366   3.754   1.795   1.00 20.95  ? 37  SER A C   1 
ATOM   285 O  O   . SER A 1 37 ? 8.316   4.008   1.188   1.00 20.46  ? 37  SER A O   1 
ATOM   286 C  CB  . SER A 1 37 ? 11.550  4.430   0.884   1.00 22.29  ? 37  SER A CB  1 
ATOM   287 O  OG  . SER A 1 37 ? 10.891  5.459   0.166   1.00 22.64  ? 37  SER A OG  1 
ATOM   288 N  N   . THR A 1 38 ? 9.515   4.016   3.087   1.00 27.64  ? 38  THR A N   1 
ATOM   289 C  CA  . THR A 1 38 ? 8.402   4.627   3.809   1.00 29.01  ? 38  THR A CA  1 
ATOM   290 C  C   . THR A 1 38 ? 8.015   6.034   3.306   1.00 31.20  ? 38  THR A C   1 
ATOM   291 O  O   . THR A 1 38 ? 6.831   6.327   3.183   1.00 33.15  ? 38  THR A O   1 
ATOM   292 C  CB  . THR A 1 38 ? 8.559   4.508   5.340   1.00 31.39  ? 38  THR A CB  1 
ATOM   293 O  OG1 . THR A 1 38 ? 9.942   4.638   5.669   1.00 35.22  ? 38  THR A OG1 1 
ATOM   294 C  CG2 . THR A 1 38 ? 8.145   3.133   5.796   1.00 37.90  ? 38  THR A CG2 1 
ATOM   295 N  N   . LYS A 1 39 ? 8.982   6.772   2.755   1.00 32.45  ? 39  LYS A N   1 
ATOM   296 C  CA  . LYS A 1 39 ? 8.694   8.057   2.114   1.00 32.89  ? 39  LYS A CA  1 
ATOM   297 C  C   . LYS A 1 39 ? 7.907   7.861   0.815   1.00 30.65  ? 39  LYS A C   1 
ATOM   298 O  O   . LYS A 1 39 ? 7.049   8.654   0.446   1.00 33.86  ? 39  LYS A O   1 
ATOM   299 C  CB  . LYS A 1 39 ? 10.000  8.803   1.795   1.00 36.93  ? 39  LYS A CB  1 
ATOM   300 C  CG  . LYS A 1 39 ? 10.546  9.678   2.917   1.00 41.90  ? 39  LYS A CG  1 
ATOM   301 N  N   . GLU A 1 40 ? 8.241   6.820   0.069   1.00 23.39  ? 40  GLU A N   1 
ATOM   302 C  CA  . GLU A 1 40 ? 7.528   6.561   -1.166  1.00 21.54  ? 40  GLU A CA  1 
ATOM   303 C  C   . GLU A 1 40 ? 6.104   6.100   -0.901  1.00 21.48  ? 40  GLU A C   1 
ATOM   304 O  O   . GLU A 1 40 ? 5.228   6.297   -1.753  1.00 23.90  ? 40  GLU A O   1 
ATOM   305 C  CB  . GLU A 1 40 ? 8.290   5.566   -2.025  1.00 19.18  ? 40  GLU A CB  1 
ATOM   306 C  CG  . GLU A 1 40 ? 9.524   6.191   -2.641  1.00 17.81  ? 40  GLU A CG  1 
ATOM   307 C  CD  . GLU A 1 40 ? 10.391  5.160   -3.360  1.00 18.09  ? 40  GLU A CD  1 
ATOM   308 O  OE1 . GLU A 1 40 ? 10.424  3.988   -2.926  1.00 18.36  ? 40  GLU A OE1 1 
ATOM   309 O  OE2 . GLU A 1 40 ? 10.994  5.505   -4.389  1.00 19.16  ? 40  GLU A OE2 1 
ATOM   310 N  N   . LEU A 1 41 ? 5.868   5.523   0.279   1.00 22.59  ? 41  LEU A N   1 
ATOM   311 C  CA  . LEU A 1 41 ? 4.557   4.956   0.588   1.00 20.63  ? 41  LEU A CA  1 
ATOM   312 C  C   . LEU A 1 41 ? 3.460   6.020   0.393   1.00 18.58  ? 41  LEU A C   1 
ATOM   313 O  O   . LEU A 1 41 ? 2.453   5.794   -0.288  1.00 18.58  ? 41  LEU A O   1 
ATOM   314 C  CB  . LEU A 1 41 ? 4.516   4.396   2.015   1.00 23.19  ? 41  LEU A CB  1 
ATOM   315 C  CG  . LEU A 1 41 ? 3.144   4.007   2.577   1.00 21.65  ? 41  LEU A CG  1 
ATOM   316 C  CD1 . LEU A 1 41 ? 2.565   2.838   1.783   1.00 25.12  ? 41  LEU A CD1 1 
ATOM   317 C  CD2 . LEU A 1 41 ? 3.216   3.666   4.061   1.00 24.12  ? 41  LEU A CD2 1 
ATOM   318 N  N   . GLY A 1 42 ? 3.647   7.191   0.980   1.00 19.51  ? 42  GLY A N   1 
ATOM   319 C  CA  . GLY A 1 42 ? 2.594   8.199   0.860   1.00 17.90  ? 42  GLY A CA  1 
ATOM   320 C  C   . GLY A 1 42 ? 2.469   8.648   -0.585  1.00 16.57  ? 42  GLY A C   1 
ATOM   321 O  O   . GLY A 1 42 ? 1.379   9.006   -1.002  1.00 16.73  ? 42  GLY A O   1 
ATOM   322 N  N   . LYS A 1 43 ? 3.572   8.643   -1.339  1.00 16.84  ? 43  LYS A N   1 
ATOM   323 C  CA  . LYS A 1 43 ? 3.537   9.050   -2.737  1.00 18.59  ? 43  LYS A CA  1 
ATOM   324 C  C   . LYS A 1 43 ? 2.694   8.121   -3.591  1.00 18.40  ? 43  LYS A C   1 
ATOM   325 O  O   . LYS A 1 43 ? 1.875   8.588   -4.390  1.00 18.82  ? 43  LYS A O   1 
ATOM   326 C  CB  . LYS A 1 43 ? 4.929   9.179   -3.351  1.00 19.68  ? 43  LYS A CB  1 
ATOM   327 C  CG  . LYS A 1 43 ? 5.903   9.974   -2.531  1.00 21.70  ? 43  LYS A CG  1 
ATOM   328 C  CD  . LYS A 1 43 ? 7.204   10.165  -3.314  1.00 21.94  ? 43  LYS A CD  1 
ATOM   329 C  CE  . LYS A 1 43 ? 8.318   10.667  -2.425  1.00 26.01  ? 43  LYS A CE  1 
ATOM   330 N  NZ  . LYS A 1 43 ? 9.435   11.270  -3.204  1.00 29.26  ? 43  LYS A NZ  1 
ATOM   331 N  N   . VAL A 1 44 ? 2.879   6.812   -3.412  1.00 17.47  ? 44  VAL A N   1 
ATOM   332 C  CA  . VAL A 1 44 ? 2.116   5.852   -4.211  1.00 18.59  ? 44  VAL A CA  1 
ATOM   333 C  C   . VAL A 1 44 ? 0.647   5.938   -3.794  1.00 18.14  ? 44  VAL A C   1 
ATOM   334 O  O   . VAL A 1 44 ? -0.266  5.890   -4.637  1.00 18.69  ? 44  VAL A O   1 
ATOM   335 C  CB  . VAL A 1 44 ? 2.599   4.404   -4.037  1.00 20.81  ? 44  VAL A CB  1 
ATOM   336 C  CG1 . VAL A 1 44 ? 1.999   3.600   -5.185  1.00 22.73  ? 44  VAL A CG1 1 
ATOM   337 C  CG2 . VAL A 1 44 ? 4.119   4.385   -4.074  1.00 25.29  ? 44  VAL A CG2 1 
ATOM   338 N  N   . MET A 1 45 ? 0.390   6.115   -2.492  1.00 16.78  ? 45  MET A N   1 
ATOM   339 C  CA  . MET A 1 45 ? -1.003  6.206   -2.053  1.00 16.36  ? 45  MET A CA  1 
ATOM   340 C  C   . MET A 1 45 ? -1.660  7.435   -2.681  1.00 15.69  ? 45  MET A C   1 
ATOM   341 O  O   . MET A 1 45 ? -2.795  7.333   -3.144  1.00 16.67  ? 45  MET A O   1 
ATOM   342 C  CB  . MET A 1 45 ? -1.121  6.194   -0.516  1.00 15.92  ? 45  MET A CB  1 
ATOM   343 C  CG  . MET A 1 45 ? -0.563  4.859   0.060   1.00 16.29  ? 45  MET A CG  1 
ATOM   344 S  SD  . MET A 1 45 ? -0.691  4.778   1.825   0.94 17.35  ? 45  MET A SD  1 
ATOM   345 C  CE  . MET A 1 45 ? -2.455  4.614   2.001   1.00 21.45  ? 45  MET A CE  1 
ATOM   346 N  N   . ARG A 1 46 ? -0.952  8.566   -2.696  1.00 15.91  ? 46  ARG A N   1 
ATOM   347 C  CA  . ARG A 1 46 ? -1.512  9.799   -3.263  1.00 16.13  ? 46  ARG A CA  1 
ATOM   348 C  C   . ARG A 1 46 ? -1.666  9.687   -4.788  1.00 17.87  ? 46  ARG A C   1 
ATOM   349 O  O   . ARG A 1 46 ? -2.631  10.183  -5.370  1.00 19.72  ? 46  ARG A O   1 
ATOM   350 C  CB  . ARG A 1 46 ? -0.655  11.016  -2.909  1.00 15.56  ? 46  ARG A CB  1 
ATOM   351 C  CG  . ARG A 1 46 ? -0.850  11.456  -1.461  1.00 17.34  ? 46  ARG A CG  1 
ATOM   352 C  CD  . ARG A 1 46 ? -0.159  12.722  -1.121  1.00 23.12  ? 46  ARG A CD  1 
ATOM   353 N  NE  . ARG A 1 46 ? 1.271   12.512  -0.981  1.00 23.91  ? 46  ARG A NE  1 
ATOM   354 C  CZ  . ARG A 1 46 ? 1.883   12.035  0.107   1.00 25.07  ? 46  ARG A CZ  1 
ATOM   355 N  NH1 . ARG A 1 46 ? 1.193   11.750  1.215   1.00 24.98  ? 46  ARG A NH1 1 
ATOM   356 N  NH2 . ARG A 1 46 ? 3.200   11.853  0.064   1.00 26.25  ? 46  ARG A NH2 1 
ATOM   357 N  N   . MET A 1 47 ? -0.784  8.926   -5.433  1.00 19.02  ? 47  MET A N   1 
ATOM   358 C  CA  . MET A 1 47 ? -0.943  8.685   -6.861  1.00 20.55  ? 47  MET A CA  1 
ATOM   359 C  C   . MET A 1 47 ? -2.255  7.979   -7.142  1.00 19.92  ? 47  MET A C   1 
ATOM   360 O  O   . MET A 1 47 ? -2.901  8.186   -8.177  1.00 24.08  ? 47  MET A O   1 
ATOM   361 C  CB  . MET A 1 47 ? 0.200   7.832   -7.372  1.00 22.64  ? 47  MET A CB  1 
ATOM   362 C  CG  . MET A 1 47 ? 0.234   7.736   -8.891  1.00 27.53  ? 47  MET A CG  1 
ATOM   363 S  SD  . MET A 1 47 ? 1.812   7.022   -9.377  1.00 32.11  ? 47  MET A SD  1 
ATOM   364 C  CE  . MET A 1 47 ? 1.456   6.800   -11.114 1.00 39.36  ? 47  MET A CE  1 
ATOM   365 N  N   . LEU A 1 48 ? -2.646  7.127   -6.215  1.00 19.22  ? 48  LEU A N   1 
ATOM   366 C  CA  . LEU A 1 48 ? -3.864  6.384   -6.337  1.00 19.94  ? 48  LEU A CA  1 
ATOM   367 C  C   . LEU A 1 48 ? -5.061  7.086   -5.734  1.00 20.46  ? 48  LEU A C   1 
ATOM   368 O  O   . LEU A 1 48 ? -6.128  6.483   -5.682  1.00 26.82  ? 48  LEU A O   1 
ATOM   369 C  CB  . LEU A 1 48 ? -3.692  4.989   -5.729  1.00 20.48  ? 48  LEU A CB  1 
ATOM   370 C  CG  . LEU A 1 48 ? -2.673  4.137   -6.481  1.00 19.62  ? 48  LEU A CG  1 
ATOM   371 C  CD1 . LEU A 1 48 ? -2.327  2.929   -5.618  1.00 19.73  ? 48  LEU A CD1 1 
ATOM   372 C  CD2 . LEU A 1 48 ? -3.279  3.649   -7.790  1.00 21.11  ? 48  LEU A CD2 1 
ATOM   373 N  N   . GLY A 1 49 ? -4.922  8.370   -5.381  1.00 18.53  ? 49  GLY A N   1 
ATOM   374 C  CA  . GLY A 1 49 ? -6.039  9.177   -4.907  1.00 20.12  ? 49  GLY A CA  1 
ATOM   375 C  C   . GLY A 1 49 ? -6.296  9.209   -3.412  1.00 19.68  ? 49  GLY A C   1 
ATOM   376 O  O   . GLY A 1 49 ? -7.252  9.861   -2.958  1.00 22.75  ? 49  GLY A O   1 
ATOM   377 N  N   . GLN A 1 50 ? -5.384  8.653   -2.618  1.00 18.78  ? 50  GLN A N   1 
ATOM   378 C  CA  . GLN A 1 50 ? -5.560  8.650   -1.168  1.00 18.27  ? 50  GLN A CA  1 
ATOM   379 C  C   . GLN A 1 50 ? -4.755  9.793   -0.528  1.00 19.18  ? 50  GLN A C   1 
ATOM   380 O  O   . GLN A 1 50 ? -3.813  10.319  -1.126  1.00 23.60  ? 50  GLN A O   1 
ATOM   381 C  CB  . GLN A 1 50 ? -5.088  7.299   -0.636  1.00 19.64  ? 50  GLN A CB  1 
ATOM   382 C  CG  . GLN A 1 50 ? -5.924  6.128   -1.065  1.00 18.77  ? 50  GLN A CG  1 
ATOM   383 C  CD  . GLN A 1 50 ? -7.348  6.188   -0.579  1.00 18.16  ? 50  GLN A CD  1 
ATOM   384 O  OE1 . GLN A 1 50 ? -7.609  6.091   0.603   1.00 18.53  ? 50  GLN A OE1 1 
ATOM   385 N  NE2 . GLN A 1 50 ? -8.288  6.400   -1.507  1.00 20.29  ? 50  GLN A NE2 1 
ATOM   386 N  N   . ASN A 1 51 ? -5.106  10.195  0.684   1.00 18.71  ? 51  ASN A N   1 
ATOM   387 C  CA  . ASN A 1 51 ? -4.471  11.342  1.280   1.00 18.06  ? 51  ASN A CA  1 
ATOM   388 C  C   . ASN A 1 51 ? -4.062  11.081  2.715   1.00 18.73  ? 51  ASN A C   1 
ATOM   389 O  O   . ASN A 1 51 ? -4.491  11.782  3.637   1.00 19.21  ? 51  ASN A O   1 
ATOM   390 C  CB  . ASN A 1 51 ? -5.440  12.535  1.200   1.00 19.84  ? 51  ASN A CB  1 
ATOM   391 C  CG  A ASN A 1 51 ? -5.384  13.209  -0.161  0.50 23.79  ? 51  ASN A CG  1 
ATOM   392 C  CG  B ASN A 1 51 ? -5.006  13.747  2.002   0.50 17.09  ? 51  ASN A CG  1 
ATOM   393 O  OD1 A ASN A 1 51 ? -4.357  13.814  -0.521  0.50 29.88  ? 51  ASN A OD1 1 
ATOM   394 O  OD1 B ASN A 1 51 ? -3.876  14.217  1.841   0.50 21.79  ? 51  ASN A OD1 1 
ATOM   395 N  ND2 A ASN A 1 51 ? -6.418  12.993  -0.980  0.50 24.82  ? 51  ASN A ND2 1 
ATOM   396 N  ND2 B ASN A 1 51 ? -5.994  14.421  2.635   0.50 21.44  ? 51  ASN A ND2 1 
ATOM   397 N  N   . PRO A 1 52 ? -3.246  10.036  2.929   1.00 18.63  ? 52  PRO A N   1 
ATOM   398 C  CA  . PRO A 1 52 ? -2.954  9.661   4.322   1.00 19.04  ? 52  PRO A CA  1 
ATOM   399 C  C   . PRO A 1 52 ? -2.184  10.753  5.044   1.00 19.86  ? 52  PRO A C   1 
ATOM   400 O  O   . PRO A 1 52 ? -1.355  11.430  4.458   1.00 22.77  ? 52  PRO A O   1 
ATOM   401 C  CB  . PRO A 1 52 ? -2.069  8.411   4.151   1.00 19.48  ? 52  PRO A CB  1 
ATOM   402 C  CG  . PRO A 1 52 ? -1.407  8.613   2.809   1.00 19.33  ? 52  PRO A CG  1 
ATOM   403 C  CD  . PRO A 1 52 ? -2.575  9.135   1.973   1.00 18.52  ? 52  PRO A CD  1 
ATOM   404 N  N   . THR A 1 53 ? -2.472  10.926  6.327   1.00 23.59  ? 53  THR A N   1 
ATOM   405 C  CA  . THR A 1 53 ? -1.817  11.944  7.109   1.00 26.48  ? 53  THR A CA  1 
ATOM   406 C  C   . THR A 1 53 ? -0.467  11.435  7.604   1.00 28.20  ? 53  THR A C   1 
ATOM   407 O  O   . THR A 1 53 ? -0.183  10.218  7.630   1.00 25.53  ? 53  THR A O   1 
ATOM   408 C  CB  . THR A 1 53 ? -2.678  12.371  8.315   1.00 29.22  ? 53  THR A CB  1 
ATOM   409 O  OG1 . THR A 1 53 ? -2.764  11.272  9.229   1.00 31.80  ? 53  THR A OG1 1 
ATOM   410 C  CG2 . THR A 1 53 ? -4.071  12.804  7.875   1.00 29.80  ? 53  THR A CG2 1 
ATOM   411 N  N   . PRO A 1 54 ? 0.378   12.365  8.048   1.00 31.00  ? 54  PRO A N   1 
ATOM   412 C  CA  . PRO A 1 54 ? 1.687   11.905  8.514   1.00 31.72  ? 54  PRO A CA  1 
ATOM   413 C  C   . PRO A 1 54 ? 1.610   10.989  9.739   1.00 31.46  ? 54  PRO A C   1 
ATOM   414 O  O   . PRO A 1 54 ? 2.290   9.974   9.771   1.00 30.34  ? 54  PRO A O   1 
ATOM   415 C  CB  . PRO A 1 54 ? 2.415   13.214  8.834   1.00 33.42  ? 54  PRO A CB  1 
ATOM   416 C  CG  . PRO A 1 54 ? 1.805   14.194  7.848   1.00 34.47  ? 54  PRO A CG  1 
ATOM   417 C  CD  . PRO A 1 54 ? 0.348   13.816  7.789   1.00 31.29  ? 54  PRO A CD  1 
ATOM   418 N  N   . GLU A 1 55 ? 0.741   11.277  10.706  1.00 30.85  ? 55  GLU A N   1 
ATOM   419 C  CA  . GLU A 1 55 ? 0.658   10.371  11.855  1.00 30.88  ? 55  GLU A CA  1 
ATOM   420 C  C   . GLU A 1 55 ? 0.167   9.010   11.364  1.00 27.69  ? 55  GLU A C   1 
ATOM   421 O  O   . GLU A 1 55 ? 0.608   7.958   11.844  1.00 27.27  ? 55  GLU A O   1 
ATOM   422 C  CB  . GLU A 1 55 ? -0.262  10.905  12.952  1.00 33.62  ? 55  GLU A CB  1 
ATOM   423 N  N   . GLU A 1 56 ? -0.711  9.024   10.363  1.00 24.32  ? 56  GLU A N   1 
ATOM   424 C  CA  . GLU A 1 56 ? -1.378  7.800   9.988   1.00 23.21  ? 56  GLU A CA  1 
ATOM   425 C  C   . GLU A 1 56 ? -0.361  6.898   9.311   1.00 22.61  ? 56  GLU A C   1 
ATOM   426 O  O   . GLU A 1 56 ? -0.416  5.696   9.468   1.00 20.02  ? 56  GLU A O   1 
ATOM   427 C  CB  . GLU A 1 56 ? -2.570  8.074   9.064   1.00 19.46  ? 56  GLU A CB  1 
ATOM   428 C  CG  . GLU A 1 56 ? -3.283  6.799   8.650   1.00 19.18  ? 56  GLU A CG  1 
ATOM   429 C  CD  . GLU A 1 56 ? -4.182  7.011   7.434   1.00 20.74  ? 56  GLU A CD  1 
ATOM   430 O  OE1 . GLU A 1 56 ? -4.062  8.052   6.780   1.00 19.73  ? 56  GLU A OE1 1 
ATOM   431 O  OE2 . GLU A 1 56 ? -5.016  6.149   7.105   1.00 23.06  ? 56  GLU A OE2 1 
ATOM   432 N  N   . LEU A 1 57 ? 0.508   7.461   8.481   1.00 24.68  ? 57  LEU A N   1 
ATOM   433 C  CA  . LEU A 1 57 ? 1.494   6.642   7.788   1.00 24.50  ? 57  LEU A CA  1 
ATOM   434 C  C   . LEU A 1 57 ? 2.358   5.903   8.801   1.00 25.36  ? 57  LEU A C   1 
ATOM   435 O  O   . LEU A 1 57 ? 2.603   4.696   8.679   1.00 24.91  ? 57  LEU A O   1 
ATOM   436 C  CB  . LEU A 1 57 ? 2.369   7.512   6.877   1.00 28.02  ? 57  LEU A CB  1 
ATOM   437 C  CG  . LEU A 1 57 ? 1.643   8.029   5.630   1.00 25.98  ? 57  LEU A CG  1 
ATOM   438 C  CD1 . LEU A 1 57 ? 2.387   9.219   4.994   1.00 29.64  ? 57  LEU A CD1 1 
ATOM   439 C  CD2 . LEU A 1 57 ? 1.450   6.880   4.641   1.00 26.64  ? 57  LEU A CD2 1 
ATOM   440 N  N   . GLN A 1 58 ? 2.781   6.607   9.842   1.00 25.80  ? 58  GLN A N   1 
ATOM   441 C  CA  . GLN A 1 58 ? 3.608   5.949   10.858  1.00 28.02  ? 58  GLN A CA  1 
ATOM   442 C  C   . GLN A 1 58 ? 2.830   4.861   11.599  1.00 25.04  ? 58  GLN A C   1 
ATOM   443 O  O   . GLN A 1 58 ? 3.347   3.783   11.887  1.00 26.13  ? 58  GLN A O   1 
ATOM   444 C  CB  . GLN A 1 58 ? 4.171   6.961   11.850  1.00 29.53  ? 58  GLN A CB  1 
ATOM   445 C  CG  . GLN A 1 58 ? 5.220   6.355   12.780  1.00 38.28  ? 58  GLN A CG  1 
ATOM   446 C  CD  . GLN A 1 58 ? 6.362   5.699   12.018  1.00 43.23  ? 58  GLN A CD  1 
ATOM   447 O  OE1 . GLN A 1 58 ? 7.123   6.374   11.326  1.00 46.94  ? 58  GLN A OE1 1 
ATOM   448 N  NE2 . GLN A 1 58 ? 6.484   4.378   12.139  1.00 42.13  ? 58  GLN A NE2 1 
ATOM   449 N  N   . GLU A 1 59 ? 1.548   5.116   11.835  1.00 23.97  ? 59  GLU A N   1 
ATOM   450 C  CA  . GLU A 1 59 ? 0.715   4.165   12.529  1.00 23.01  ? 59  GLU A CA  1 
ATOM   451 C  C   . GLU A 1 59 ? 0.518   2.888   11.702  1.00 23.89  ? 59  GLU A C   1 
ATOM   452 O  O   . GLU A 1 59 ? 0.548   1.770   12.232  1.00 23.51  ? 59  GLU A O   1 
ATOM   453 C  CB  . GLU A 1 59 ? -0.607  4.852   12.852  1.00 25.79  ? 59  GLU A CB  1 
ATOM   454 C  CG  . GLU A 1 59 ? -1.387  4.217   13.941  1.00 27.06  ? 59  GLU A CG  1 
ATOM   455 C  CD  . GLU A 1 59 ? -0.768  4.371   15.309  1.00 25.05  ? 59  GLU A CD  1 
ATOM   456 O  OE1 . GLU A 1 59 ? 0.300   5.024   15.494  1.00 32.70  ? 59  GLU A OE1 1 
ATOM   457 O  OE2 . GLU A 1 59 ? -1.346  3.784   16.228  1.00 30.50  ? 59  GLU A OE2 1 
ATOM   458 N  N   . MET A 1 60 ? 0.301   3.056   10.396  1.00 20.75  ? 60  MET A N   1 
ATOM   459 C  CA  . MET A 1 60 ? 0.131   1.909   9.500   1.00 22.67  ? 60  MET A CA  1 
ATOM   460 C  C   . MET A 1 60 ? 1.417   1.090   9.420   1.00 23.91  ? 60  MET A C   1 
ATOM   461 O  O   . MET A 1 60 ? 1.391   -0.142  9.380   1.00 24.59  ? 60  MET A O   1 
ATOM   462 C  CB  . MET A 1 60 ? -0.293  2.380   8.117   1.00 23.03  ? 60  MET A CB  1 
ATOM   463 C  CG  . MET A 1 60 ? -1.736  2.868   8.111   1.00 22.48  ? 60  MET A CG  1 
ATOM   464 S  SD  . MET A 1 60 ? -2.330  3.054   6.413   1.00 27.72  ? 60  MET A SD  1 
ATOM   465 C  CE  . MET A 1 60 ? -0.987  4.096   5.862   1.00 29.06  ? 60  MET A CE  1 
ATOM   466 N  N   . ILE A 1 61 ? 2.549   1.780   9.333   1.00 24.15  ? 61  ILE A N   1 
ATOM   467 C  CA  . ILE A 1 61 ? 3.822   1.094   9.381   1.00 27.33  ? 61  ILE A CA  1 
ATOM   468 C  C   . ILE A 1 61 ? 3.977   0.275   10.662  1.00 27.83  ? 61  ILE A C   1 
ATOM   469 O  O   . ILE A 1 61 ? 4.334   -0.921  10.611  1.00 29.00  ? 61  ILE A O   1 
ATOM   470 C  CB  . ILE A 1 61 ? 4.972   2.081   9.146   1.00 28.53  ? 61  ILE A CB  1 
ATOM   471 C  CG1 . ILE A 1 61 ? 4.924   2.554   7.689   1.00 30.30  ? 61  ILE A CG1 1 
ATOM   472 C  CG2 . ILE A 1 61 ? 6.306   1.413   9.396   1.00 30.10  ? 61  ILE A CG2 1 
ATOM   473 C  CD1 . ILE A 1 61 ? 5.491   3.937   7.460   1.00 33.64  ? 61  ILE A CD1 1 
ATOM   474 N  N   . ASP A 1 62 ? 3.627   0.871   11.797  1.00 25.71  ? 62  ASP A N   1 
ATOM   475 C  CA  . ASP A 1 62 ? 3.730   0.171   13.084  1.00 25.83  ? 62  ASP A CA  1 
ATOM   476 C  C   . ASP A 1 62 ? 2.866   -1.093  13.081  1.00 24.55  ? 62  ASP A C   1 
ATOM   477 O  O   . ASP A 1 62 ? 3.239   -2.138  13.629  1.00 26.89  ? 62  ASP A O   1 
ATOM   478 C  CB  . ASP A 1 62 ? 3.272   1.061   14.234  1.00 27.09  ? 62  ASP A CB  1 
ATOM   479 C  CG  . ASP A 1 62 ? 4.228   2.196   14.528  1.00 31.48  ? 62  ASP A CG  1 
ATOM   480 O  OD1 . ASP A 1 62 ? 5.370   2.173   14.026  1.00 30.75  ? 62  ASP A OD1 1 
ATOM   481 O  OD2 . ASP A 1 62 ? 3.812   3.130   15.264  1.00 36.68  ? 62  ASP A OD2 1 
ATOM   482 N  N   . GLU A 1 63 ? 1.673   -0.990  12.505  1.00 23.38  ? 63  GLU A N   1 
ATOM   483 C  CA  . GLU A 1 63 ? 0.659   -2.032  12.671  1.00 24.77  ? 63  GLU A CA  1 
ATOM   484 C  C   . GLU A 1 63 ? 0.580   -3.076  11.557  1.00 26.01  ? 63  GLU A C   1 
ATOM   485 O  O   . GLU A 1 63 ? 0.074   -4.177  11.771  1.00 29.79  ? 63  GLU A O   1 
ATOM   486 C  CB  . GLU A 1 63 ? -0.720  -1.395  12.878  1.00 22.92  ? 63  GLU A CB  1 
ATOM   487 C  CG  . GLU A 1 63 ? -0.784  -0.422  14.044  1.00 20.60  ? 63  GLU A CG  1 
ATOM   488 C  CD  . GLU A 1 63 ? -2.189  0.089   14.299  1.00 20.37  ? 63  GLU A CD  1 
ATOM   489 O  OE1 . GLU A 1 63 ? -2.961  0.221   13.326  1.00 23.05  ? 63  GLU A OE1 1 
ATOM   490 O  OE2 . GLU A 1 63 ? -2.521  0.359   15.473  1.00 20.45  ? 63  GLU A OE2 1 
ATOM   491 N  N   . VAL A 1 64 ? 1.068   -2.731  10.372  1.00 27.21  ? 64  VAL A N   1 
ATOM   492 C  CA  . VAL A 1 64 ? 0.938   -3.623  9.198   1.00 28.71  ? 64  VAL A CA  1 
ATOM   493 C  C   . VAL A 1 64 ? 2.252   -4.317  8.859   1.00 34.74  ? 64  VAL A C   1 
ATOM   494 O  O   . VAL A 1 64 ? 2.269   -5.452  8.378   0.50 32.47  ? 64  VAL A O   1 
ATOM   495 C  CB  . VAL A 1 64 ? 0.336   -2.881  7.965   1.00 27.79  ? 64  VAL A CB  1 
ATOM   496 C  CG1 . VAL A 1 64 ? 0.260   -3.805  6.738   1.00 29.99  ? 64  VAL A CG1 1 
ATOM   497 C  CG2 . VAL A 1 64 ? -1.046  -2.341  8.326   1.00 30.51  ? 64  VAL A CG2 1 
ATOM   498 N  N   . ASP A 1 65 ? 3.357   -3.626  9.101   1.00 37.25  ? 65  ASP A N   1 
ATOM   499 C  CA  . ASP A 1 65 ? 4.637   -4.086  8.588   1.00 38.19  ? 65  ASP A CA  1 
ATOM   500 C  C   . ASP A 1 65 ? 4.986   -5.446  9.136   1.00 39.82  ? 65  ASP A C   1 
ATOM   501 O  O   . ASP A 1 65 ? 4.799   -5.716  10.315  1.00 40.48  ? 65  ASP A O   1 
ATOM   502 C  CB  . ASP A 1 65 ? 5.760   -3.112  8.920   1.00 37.70  ? 65  ASP A CB  1 
ATOM   503 C  CG  . ASP A 1 65 ? 6.344   -2.479  7.687   0.50 39.22  ? 65  ASP A CG  1 
ATOM   504 O  OD1 . ASP A 1 65 ? 6.042   -1.291  7.458   0.50 41.51  ? 65  ASP A OD1 1 
ATOM   505 O  OD2 . ASP A 1 65 ? 7.019   -3.196  6.917   0.50 30.73  ? 65  ASP A OD2 1 
ATOM   506 N  N   . GLU A 1 66 ? 5.555   -6.268  8.267   1.00 38.77  ? 66  GLU A N   1 
ATOM   507 C  CA  . GLU A 1 66 ? 5.971   -7.626  8.597   0.50 37.15  ? 66  GLU A CA  1 
ATOM   508 C  C   . GLU A 1 66 ? 7.228   -7.638  9.453   1.00 40.66  ? 66  GLU A C   1 
ATOM   509 O  O   . GLU A 1 66 ? 7.177   -7.985  10.636  1.00 43.35  ? 66  GLU A O   1 
ATOM   510 C  CB  . GLU A 1 66 ? 6.199   -8.408  7.309   0.50 35.18  ? 66  GLU A CB  1 
ATOM   511 C  CG  . GLU A 1 66 ? 4.906   -8.599  6.556   0.50 28.10  ? 66  GLU A CG  1 
ATOM   512 C  CD  . GLU A 1 66 ? 5.060   -8.666  5.044   0.50 27.53  ? 66  GLU A CD  1 
ATOM   513 O  OE1 . GLU A 1 66 ? 6.123   -8.435  4.451   1.00 35.34  ? 66  GLU A OE1 1 
ATOM   514 O  OE2 . GLU A 1 66 ? 4.070   -9.000  4.424   1.00 31.85  ? 66  GLU A OE2 1 
ATOM   515 N  N   . GLY A 1 70 ? 11.532  0.429   7.705   1.00 34.26  ? 70  GLY A N   1 
ATOM   516 C  CA  . GLY A 1 70 ? 11.588  1.478   6.690   1.00 32.66  ? 70  GLY A CA  1 
ATOM   517 C  C   . GLY A 1 70 ? 11.206  1.054   5.279   1.00 30.55  ? 70  GLY A C   1 
ATOM   518 O  O   . GLY A 1 70 ? 11.553  1.750   4.307   0.50 28.62  ? 70  GLY A O   1 
ATOM   519 N  N   . THR A 1 71 ? 10.492  -0.067  5.136   1.00 27.61  ? 71  THR A N   1 
ATOM   520 C  CA  . THR A 1 71 ? 10.215  -0.628  3.806   1.00 23.17  ? 71  THR A CA  1 
ATOM   521 C  C   . THR A 1 71 ? 8.817   -1.237  3.700   1.00 19.86  ? 71  THR A C   1 
ATOM   522 O  O   . THR A 1 71 ? 8.346   -1.889  4.638   1.00 23.24  ? 71  THR A O   1 
ATOM   523 C  CB  . THR A 1 71 ? 11.247  -1.704  3.399   1.00 24.12  ? 71  THR A CB  1 
ATOM   524 O  OG1 . THR A 1 71 ? 11.059  -2.874  4.199   1.00 30.78  ? 71  THR A OG1 1 
ATOM   525 C  CG2 . THR A 1 71 ? 12.668  -1.221  3.542   1.00 28.87  ? 71  THR A CG2 1 
ATOM   526 N  N   . VAL A 1 72 ? 8.245   -1.232  2.495   1.00 17.79  ? 72  VAL A N   1 
ATOM   527 C  CA  . VAL A 1 72 ? 6.896   -1.717  2.276   1.00 16.24  ? 72  VAL A CA  1 
ATOM   528 C  C   . VAL A 1 72 ? 6.892   -2.541  0.983   1.00 14.88  ? 72  VAL A C   1 
ATOM   529 O  O   . VAL A 1 72 ? 7.199   -1.988  -0.084  1.00 16.46  ? 72  VAL A O   1 
ATOM   530 C  CB  . VAL A 1 72 ? 5.881   -0.530  2.147   1.00 17.48  ? 72  VAL A CB  1 
ATOM   531 C  CG1 . VAL A 1 72 ? 4.500   -1.072  1.951   1.00 18.94  ? 72  VAL A CG1 1 
ATOM   532 C  CG2 . VAL A 1 72 ? 5.939   0.381   3.396   1.00 20.81  ? 72  VAL A CG2 1 
ATOM   533 N  N   . ASP A 1 73 ? 6.475   -3.804  1.069   1.00 14.95  ? 73  ASP A N   1 
ATOM   534 C  CA  . ASP A 1 73 ? 6.302   -4.596  -0.141  1.00 15.51  ? 73  ASP A CA  1 
ATOM   535 C  C   . ASP A 1 73 ? 4.856   -4.545  -0.642  1.00 15.51  ? 73  ASP A C   1 
ATOM   536 O  O   . ASP A 1 73 ? 4.011   -3.817  -0.101  1.00 15.67  ? 73  ASP A O   1 
ATOM   537 C  CB  . ASP A 1 73 ? 6.844   -6.028  -0.017  1.00 18.26  ? 73  ASP A CB  1 
ATOM   538 C  CG  . ASP A 1 73 ? 6.039   -6.923  0.907   1.00 16.97  ? 73  ASP A CG  1 
ATOM   539 O  OD1 . ASP A 1 73 ? 4.947   -6.553  1.391   1.00 17.79  ? 73  ASP A OD1 1 
ATOM   540 O  OD2 . ASP A 1 73 ? 6.503   -8.070  1.128   1.00 19.77  ? 73  ASP A OD2 1 
ATOM   541 N  N   . PHE A 1 74 ? 4.596   -5.225  -1.756  1.00 15.66  ? 74  PHE A N   1 
ATOM   542 C  CA  . PHE A 1 74 ? 3.356   -4.977  -2.454  1.00 15.90  ? 74  PHE A CA  1 
ATOM   543 C  C   . PHE A 1 74 ? 2.135   -5.360  -1.644  1.00 15.58  ? 74  PHE A C   1 
ATOM   544 O  O   . PHE A 1 74 ? 1.146   -4.631  -1.640  1.00 15.27  ? 74  PHE A O   1 
ATOM   545 C  CB  . PHE A 1 74 ? 3.363   -5.613  -3.822  1.00 17.89  ? 74  PHE A CB  1 
ATOM   546 C  CG  . PHE A 1 74 ? 2.130   -5.299  -4.624  1.00 19.83  ? 74  PHE A CG  1 
ATOM   547 C  CD1 . PHE A 1 74 ? 1.761   -3.981  -4.868  1.00 20.37  ? 74  PHE A CD1 1 
ATOM   548 C  CD2 . PHE A 1 74 ? 1.290   -6.318  -5.057  1.00 23.82  ? 74  PHE A CD2 1 
ATOM   549 C  CE1 . PHE A 1 74 ? 0.617   -3.694  -5.564  1.00 23.95  ? 74  PHE A CE1 1 
ATOM   550 C  CE2 . PHE A 1 74 ? 0.135   -6.026  -5.739  1.00 26.17  ? 74  PHE A CE2 1 
ATOM   551 C  CZ  . PHE A 1 74 ? -0.216  -4.711  -5.944  1.00 24.90  ? 74  PHE A CZ  1 
ATOM   552 N  N   . ASP A 1 75 ? 2.151   -6.525  -1.003  1.00 16.29  ? 75  ASP A N   1 
ATOM   553 C  CA  . ASP A 1 75 ? 0.993   -6.906  -0.209  1.00 15.61  ? 75  ASP A CA  1 
ATOM   554 C  C   . ASP A 1 75 ? 0.791   -5.973  0.989   1.00 15.68  ? 75  ASP A C   1 
ATOM   555 O  O   . ASP A 1 75 ? -0.362  -5.663  1.314   1.00 17.21  ? 75  ASP A O   1 
ATOM   556 C  CB  . ASP A 1 75 ? 1.065   -8.376  0.214   1.00 16.45  ? 75  ASP A CB  1 
ATOM   557 C  CG  . ASP A 1 75 ? 2.404   -8.733  0.812   1.00 16.88  ? 75  ASP A CG  1 
ATOM   558 O  OD1 . ASP A 1 75 ? 3.433   -8.726  0.102   1.00 19.38  ? 75  ASP A OD1 1 
ATOM   559 O  OD2 . ASP A 1 75 ? 2.458   -8.975  2.025   1.00 19.90  ? 75  ASP A OD2 1 
ATOM   560 N  N   . GLU A 1 76 ? 1.871   -5.558  1.653   1.00 16.00  ? 76  GLU A N   1 
ATOM   561 C  CA  . GLU A 1 76 ? 1.725   -4.579  2.756   1.00 16.12  ? 76  GLU A CA  1 
ATOM   562 C  C   . GLU A 1 76 ? 1.062   -3.308  2.215   1.00 14.98  ? 76  GLU A C   1 
ATOM   563 O  O   . GLU A 1 76 ? 0.192   -2.721  2.872   1.00 16.11  ? 76  GLU A O   1 
ATOM   564 C  CB  . GLU A 1 76 ? 3.099   -4.264  3.350   1.00 16.02  ? 76  GLU A CB  1 
ATOM   565 C  CG  . GLU A 1 76 ? 3.696   -5.385  4.168   1.00 15.96  ? 76  GLU A CG  1 
ATOM   566 C  CD  . GLU A 1 76 ? 5.128   -5.131  4.527   1.00 17.19  ? 76  GLU A CD  1 
ATOM   567 O  OE1 . GLU A 1 76 ? 5.831   -4.342  3.884   1.00 20.64  ? 76  GLU A OE1 1 
ATOM   568 O  OE2 . GLU A 1 76 ? 5.626   -5.865  5.389   1.00 27.92  ? 76  GLU A OE2 1 
ATOM   569 N  N   . PHE A 1 77 ? 1.518   -2.886  1.036   1.00 14.92  ? 77  PHE A N   1 
ATOM   570 C  CA  . PHE A 1 77 ? 0.976   -1.700  0.383   1.00 15.43  ? 77  PHE A CA  1 
ATOM   571 C  C   . PHE A 1 77 ? -0.522  -1.875  0.128   1.00 14.26  ? 77  PHE A C   1 
ATOM   572 O  O   . PHE A 1 77 ? -1.311  -0.945  0.353   1.00 15.96  ? 77  PHE A O   1 
ATOM   573 C  CB  . PHE A 1 77 ? 1.739   -1.462  -0.923  1.00 16.54  ? 77  PHE A CB  1 
ATOM   574 C  CG  . PHE A 1 77 ? 1.224   -0.298  -1.684  1.00 18.14  ? 77  PHE A CG  1 
ATOM   575 C  CD1 . PHE A 1 77 ? 1.447   0.971   -1.159  1.00 20.79  ? 77  PHE A CD1 1 
ATOM   576 C  CD2 . PHE A 1 77 ? 0.385   -0.452  -2.757  1.00 24.36  ? 77  PHE A CD2 1 
ATOM   577 C  CE1 . PHE A 1 77 ? 0.966   2.096   -1.779  1.00 21.90  ? 77  PHE A CE1 1 
ATOM   578 C  CE2 . PHE A 1 77 ? -0.192  0.718   -3.371  1.00 22.24  ? 77  PHE A CE2 1 
ATOM   579 C  CZ  . PHE A 1 77 ? 0.113   1.964   -2.889  1.00 21.35  ? 77  PHE A CZ  1 
ATOM   580 N  N   . LEU A 1 78 ? -0.933  -3.039  -0.381  1.00 16.08  ? 78  LEU A N   1 
ATOM   581 C  CA  . LEU A 1 78 ? -2.364  -3.275  -0.593  1.00 15.02  ? 78  LEU A CA  1 
ATOM   582 C  C   . LEU A 1 78 ? -3.176  -3.155  0.703   1.00 15.08  ? 78  LEU A C   1 
ATOM   583 O  O   . LEU A 1 78 ? -4.262  -2.559  0.720   1.00 16.71  ? 78  LEU A O   1 
ATOM   584 C  CB  . LEU A 1 78 ? -2.655  -4.623  -1.274  1.00 16.48  ? 78  LEU A CB  1 
ATOM   585 C  CG  . LEU A 1 78 ? -2.163  -4.858  -2.707  1.00 18.52  ? 78  LEU A CG  1 
ATOM   586 C  CD1 . LEU A 1 78 ? -2.581  -6.272  -3.209  1.00 18.92  ? 78  LEU A CD1 1 
ATOM   587 C  CD2 . LEU A 1 78 ? -2.794  -3.788  -3.618  1.00 19.11  ? 78  LEU A CD2 1 
ATOM   588 N  N   . VAL A 1 79 ? -2.661  -3.703  1.798   1.00 16.83  ? 79  VAL A N   1 
ATOM   589 C  CA  . VAL A 1 79 ? -3.390  -3.621  3.060   1.00 16.81  ? 79  VAL A CA  1 
ATOM   590 C  C   . VAL A 1 79 ? -3.499  -2.159  3.502   1.00 15.32  ? 79  VAL A C   1 
ATOM   591 O  O   . VAL A 1 79 ? -4.564  -1.713  3.952   1.00 16.36  ? 79  VAL A O   1 
ATOM   592 C  CB  . VAL A 1 79 ? -2.720  -4.486  4.133   1.00 17.93  ? 79  VAL A CB  1 
ATOM   593 C  CG1 . VAL A 1 79 ? -3.378  -4.259  5.506   1.00 19.68  ? 79  VAL A CG1 1 
ATOM   594 C  CG2 . VAL A 1 79 ? -2.826  -5.950  3.747   1.00 21.22  ? 79  VAL A CG2 1 
ATOM   595 N  N   . MET A 1 80 ? -2.429  -1.395  3.314   1.00 14.89  ? 80  MET A N   1 
ATOM   596 C  CA  . MET A 1 80 ? -2.463  0.019   3.730   1.00 15.31  ? 80  MET A CA  1 
ATOM   597 C  C   . MET A 1 80 ? -3.429  0.820   2.838   1.00 15.01  ? 80  MET A C   1 
ATOM   598 O  O   . MET A 1 80 ? -4.150  1.690   3.345   1.00 16.61  ? 80  MET A O   1 
ATOM   599 C  CB  . MET A 1 80 ? -1.083  0.618   3.701   1.00 16.17  ? 80  MET A CB  1 
ATOM   600 C  CG  . MET A 1 80 ? -0.193  -0.017  4.770   1.00 19.67  ? 80  MET A CG  1 
ATOM   601 S  SD  . MET A 1 80 ? 1.496   0.565   4.623   0.77 23.20  ? 80  MET A SD  1 
ATOM   602 C  CE  . MET A 1 80 ? 2.298   -0.619  5.684   1.00 28.00  ? 80  MET A CE  1 
ATOM   603 N  N   . MET A 1 81 ? -3.458  0.532   1.543   1.00 14.87  ? 81  MET A N   1 
ATOM   604 C  CA  . MET A 1 81 ? -4.469  1.122   0.683   1.00 15.62  ? 81  MET A CA  1 
ATOM   605 C  C   . MET A 1 81 ? -5.881  0.801   1.137   1.00 15.45  ? 81  MET A C   1 
ATOM   606 O  O   . MET A 1 81 ? -6.725  1.698   1.209   1.00 16.85  ? 81  MET A O   1 
ATOM   607 C  CB  . MET A 1 81 ? -4.287  0.688   -0.762  1.00 15.80  ? 81  MET A CB  1 
ATOM   608 C  CG  . MET A 1 81 ? -3.170  1.374   -1.533  1.00 18.03  ? 81  MET A CG  1 
ATOM   609 S  SD  . MET A 1 81 ? -3.496  3.119   -1.757  1.00 17.81  ? 81  MET A SD  1 
ATOM   610 C  CE  . MET A 1 81 ? -4.986  3.067   -2.766  1.00 18.72  ? 81  MET A CE  1 
ATOM   611 N  N   . VAL A 1 82 ? -6.168  -0.463  1.436   1.00 15.51  ? 82  VAL A N   1 
ATOM   612 C  CA  . VAL A 1 82 ? -7.493  -0.820  1.890   1.00 17.58  ? 82  VAL A CA  1 
ATOM   613 C  C   . VAL A 1 82 ? -7.879  -0.075  3.162   1.00 14.87  ? 82  VAL A C   1 
ATOM   614 O  O   . VAL A 1 82 ? -8.954  0.535   3.232   1.00 17.92  ? 82  VAL A O   1 
ATOM   615 C  CB  . VAL A 1 82 ? -7.652  -2.333  2.084   1.00 19.76  ? 82  VAL A CB  1 
ATOM   616 C  CG1 . VAL A 1 82 ? -8.982  -2.658  2.761   1.00 21.89  ? 82  VAL A CG1 1 
ATOM   617 C  CG2 . VAL A 1 82 ? -7.545  -3.030  0.728   1.00 20.18  ? 82  VAL A CG2 1 
ATOM   618 N  N   . ARG A 1 83 ? -6.983  -0.042  4.146   1.00 14.79  ? 83  ARG A N   1 
ATOM   619 C  CA  . ARG A 1 83 ? -7.225  0.756   5.352   1.00 15.00  ? 83  ARG A CA  1 
ATOM   620 C  C   . ARG A 1 83 ? -7.558  2.209   4.999   1.00 14.02  ? 83  ARG A C   1 
ATOM   621 O  O   . ARG A 1 83 ? -8.541  2.773   5.489   1.00 15.70  ? 83  ARG A O   1 
ATOM   622 C  CB  . ARG A 1 83 ? -6.000  0.751   6.256   1.00 16.75  ? 83  ARG A CB  1 
ATOM   623 C  CG  . ARG A 1 83 ? -5.764  -0.570  6.980   1.00 18.55  ? 83  ARG A CG  1 
ATOM   624 C  CD  . ARG A 1 83 ? -4.472  -0.551  7.757   1.00 19.46  ? 83  ARG A CD  1 
ATOM   625 N  NE  . ARG A 1 83 ? -4.493  0.507   8.763   1.00 21.46  ? 83  ARG A NE  1 
ATOM   626 C  CZ  . ARG A 1 83 ? -3.932  0.427   9.970   1.00 19.74  ? 83  ARG A CZ  1 
ATOM   627 N  NH1 . ARG A 1 83 ? -3.453  -0.725  10.403  1.00 24.31  ? 83  ARG A NH1 1 
ATOM   628 N  NH2 . ARG A 1 83 ? -3.874  1.500   10.740  1.00 23.23  ? 83  ARG A NH2 1 
ATOM   629 N  N   . CYS A 1 84 ? -6.723  2.824   4.163   1.00 14.38  ? 84  CYS A N   1 
ATOM   630 C  CA  . CYS A 1 84 ? -6.881  4.243   3.860   1.00 14.97  ? 84  CYS A CA  1 
ATOM   631 C  C   . CYS A 1 84 ? -8.145  4.513   3.060   1.00 14.45  ? 84  CYS A C   1 
ATOM   632 O  O   . CYS A 1 84 ? -8.825  5.546   3.264   1.00 15.10  ? 84  CYS A O   1 
ATOM   633 C  CB  . CYS A 1 84 ? -5.625  4.778   3.156   1.00 15.93  ? 84  CYS A CB  1 
ATOM   634 S  SG  . CYS A 1 84 ? -5.534  6.577   3.138   1.00 16.20  ? 84  CYS A SG  1 
ATOM   635 N  N   . MET A 1 85 ? -8.544  3.563   2.228   1.00 14.17  ? 85  MET A N   1 
ATOM   636 C  CA  . MET A 1 85 ? -9.739  3.770   1.435   1.00 14.30  ? 85  MET A CA  1 
ATOM   637 C  C   . MET A 1 85 ? -10.984 3.900   2.310   1.00 15.77  ? 85  MET A C   1 
ATOM   638 O  O   . MET A 1 85 ? -12.012 4.422   1.886   1.00 19.70  ? 85  MET A O   1 
ATOM   639 C  CB  . MET A 1 85 ? -9.889  2.630   0.447   1.00 16.15  ? 85  MET A CB  1 
ATOM   640 C  CG  . MET A 1 85 ? -8.904  2.742   -0.701  1.00 18.53  ? 85  MET A CG  1 
ATOM   641 S  SD  . MET A 1 85 ? -8.645  1.168   -1.575  1.00 20.59  ? 85  MET A SD  1 
ATOM   642 C  CE  . MET A 1 85 ? -10.199 1.097   -2.400  1.00 25.10  ? 85  MET A CE  1 
ATOM   643 N  N   . LYS A 1 86 ? -10.904 3.416   3.543   1.00 15.56  ? 86  LYS A N   1 
ATOM   644 C  CA  . LYS A 1 86 ? -12.037 3.461   4.452   1.00 15.83  ? 86  LYS A CA  1 
ATOM   645 C  C   . LYS A 1 86 ? -12.123 4.730   5.295   1.00 16.34  ? 86  LYS A C   1 
ATOM   646 O  O   . LYS A 1 86 ? -12.919 4.776   6.239   1.00 19.73  ? 86  LYS A O   1 
ATOM   647 C  CB  . LYS A 1 86 ? -12.056 2.222   5.335   1.00 18.12  ? 86  LYS A CB  1 
ATOM   648 C  CG  . LYS A 1 86 ? -11.973 0.931   4.569   1.00 22.40  ? 86  LYS A CG  1 
ATOM   649 C  CD  . LYS A 1 86 ? -13.065 0.725   3.562   1.00 23.53  ? 86  LYS A CD  1 
ATOM   650 C  CE  . LYS A 1 86 ? -12.648 -0.386  2.591   1.00 31.00  ? 86  LYS A CE  1 
ATOM   651 N  NZ  . LYS A 1 86 ? -13.588 -0.601  1.460   1.00 36.96  ? 86  LYS A NZ  1 
ATOM   652 N  N   . ASP A 1 87 ? -11.287 5.685   5.048   1.00 15.43  ? 87  ASP A N   1 
ATOM   653 C  CA  . ASP A 1 87 ? -11.362 6.951   5.749   1.00 16.12  ? 87  ASP A CA  1 
ATOM   654 C  C   . ASP A 1 87 ? -11.805 8.106   4.862   1.00 17.18  ? 87  ASP A C   1 
ATOM   655 O  O   . ASP A 1 87 ? -11.641 9.229   5.212   1.00 19.15  ? 87  ASP A O   1 
ATOM   656 C  CB  . ASP A 1 87 ? -10.071 7.270   6.556   1.00 16.36  ? 87  ASP A CB  1 
ATOM   657 C  CG  . ASP A 1 87 ? -8.824  7.404   5.707   1.00 16.64  ? 87  ASP A CG  1 
ATOM   658 O  OD1 . ASP A 1 87 ? -8.828  7.925   4.581   1.00 19.67  ? 87  ASP A OD1 1 
ATOM   659 O  OD2 . ASP A 1 87 ? -7.785  6.979   6.184   1.00 19.22  ? 87  ASP A OD2 1 
ATOM   660 N  N   . ASP A 1 88 ? -12.351 7.796   3.689   1.00 17.26  ? 88  ASP A N   1 
ATOM   661 C  CA  . ASP A 1 88 ? -12.895 8.851   2.875   1.00 17.62  ? 88  ASP A CA  1 
ATOM   662 C  C   . ASP A 1 88 ? -14.122 9.428   3.560   1.00 20.60  ? 88  ASP A C   1 
ATOM   663 O  O   . ASP A 1 88 ? -14.798 8.732   4.322   1.00 23.51  ? 88  ASP A O   1 
ATOM   664 C  CB  . ASP A 1 88 ? -13.237 8.288   1.495   1.00 17.91  ? 88  ASP A CB  1 
ATOM   665 C  CG  . ASP A 1 88 ? -13.876 9.360   0.619   1.00 15.01  ? 88  ASP A CG  1 
ATOM   666 O  OD1 . ASP A 1 88 ? -13.217 10.388  0.383   1.00 17.60  ? 88  ASP A OD1 1 
ATOM   667 O  OD2 . ASP A 1 88 ? -15.053 9.236   0.254   1.00 17.53  ? 88  ASP A OD2 1 
ATOM   668 N  N   . SER A 1 89 ? -14.389 10.710  3.313   1.00 17.67  ? 89  SER A N   1 
ATOM   669 C  CA  . SER A 1 89 ? -15.563 11.399  3.843   1.00 19.79  ? 89  SER A CA  1 
ATOM   670 C  C   . SER A 1 89 ? -16.445 11.891  2.699   1.00 19.08  ? 89  SER A C   1 
ATOM   671 O  O   . SER A 1 89 ? -16.553 11.203  1.672   1.00 20.52  ? 89  SER A O   1 
ATOM   672 C  CB  . SER A 1 89 ? -15.142 12.606  4.693   1.00 21.14  ? 89  SER A CB  1 
ATOM   673 O  OG  . SER A 1 89 ? -14.480 12.179  5.884   1.00 27.40  ? 89  SER A OG  1 
ATOM   674 O  OXT . SER A 1 89 ? -17.008 13.004  2.769   1.00 19.66  ? 89  SER A OXT 1 
HETATM 675 CD CD  . CD  B 2 .  ? 11.915  3.465   -4.718  1.00 19.05  ? 101 CD  A CD  1 
HETATM 676 CD CD  . CD  C 2 .  ? -5.822  7.544   5.418   1.00 18.23  ? 102 CD  A CD  1 
HETATM 677 CD CD  . CD  D 2 .  ? -7.828  7.491   2.539   1.00 15.96  ? 103 CD  A CD  1 
HETATM 678 CD CD  . CD  E 2 .  ? 13.382  -1.575  -1.729  1.00 18.50  ? 104 CD  A CD  1 
HETATM 679 CD CD  . CD  F 2 .  ? 4.754   -9.073  2.136   1.00 18.43  ? 105 CD  A CD  1 
HETATM 680 CD CD  . CD  G 2 .  ? 0.069   4.448   17.904  0.60 26.64  ? 106 CD  A CD  1 
HETATM 681 CD CD  . CD  H 2 .  ? 7.693   -4.290  5.177   0.50 21.59  ? 107 CD  A CD  1 
HETATM 682 C  C   . ACT I 3 .  ? 13.921  1.346   -0.514  1.00 24.56  ? 90  ACT A C   1 
HETATM 683 O  O   . ACT I 3 .  ? 14.286  2.522   -0.756  1.00 25.73  ? 90  ACT A O   1 
HETATM 684 O  OXT . ACT I 3 .  ? 13.752  0.681   -1.507  1.00 21.36  ? 90  ACT A OXT 1 
HETATM 685 C  CH3 . ACT I 3 .  ? 13.710  0.704   0.818   1.00 28.03  ? 90  ACT A CH3 1 
HETATM 686 C  C   . ACT J 3 .  ? -12.817 -1.694  -15.685 1.00 33.13  ? 91  ACT A C   1 
HETATM 687 O  O   . ACT J 3 .  ? -12.672 -0.475  -15.451 1.00 32.25  ? 91  ACT A O   1 
HETATM 688 O  OXT . ACT J 3 .  ? -13.739 -2.265  -15.064 1.00 40.55  ? 91  ACT A OXT 1 
HETATM 689 C  CH3 . ACT J 3 .  ? -11.936 -2.428  -16.652 1.00 34.62  ? 91  ACT A CH3 1 
HETATM 690 CA CA  . CA  K 4 .  ? -4.874  3.473   -14.882 1.00 24.84  ? 93  CA  A CA  1 
HETATM 691 CA CA  . CA  L 4 .  ? -10.326 1.049   -13.161 0.50 32.76  ? 94  CA  A CA  1 
HETATM 692 O  O   . HOH M 5 .  ? -1.508  12.605  1.984   1.00 21.49  ? 96  HOH A O   1 
HETATM 693 O  O   . HOH M 5 .  ? 15.565  -2.179  -0.889  1.00 23.41  ? 97  HOH A O   1 
HETATM 694 O  O   . HOH M 5 .  ? 6.618   -6.400  -3.437  1.00 19.02  ? 98  HOH A O   1 
HETATM 695 O  O   . HOH M 5 .  ? 14.371  0.260   -6.334  1.00 22.21  ? 99  HOH A O   1 
HETATM 696 O  O   . HOH M 5 .  ? 6.066   -6.797  -6.192  1.00 29.46  ? 100 HOH A O   1 
HETATM 697 O  O   . HOH M 5 .  ? -2.159  2.863   -11.967 1.00 32.32  ? 108 HOH A O   1 
HETATM 698 O  O   . HOH M 5 .  ? -12.520 5.026   -0.774  1.00 31.94  ? 109 HOH A O   1 
HETATM 699 O  O   . HOH M 5 .  ? -14.221 5.667   3.503   1.00 28.14  ? 110 HOH A O   1 
HETATM 700 O  O   . HOH M 5 .  ? 14.898  -9.316  -12.695 1.00 34.00  ? 111 HOH A O   1 
HETATM 701 O  O   . HOH M 5 .  ? -0.368  -3.868  -13.199 1.00 37.36  ? 112 HOH A O   1 
HETATM 702 O  O   . HOH M 5 .  ? -11.860 11.836  5.290   0.50 21.32  ? 113 HOH A O   1 
HETATM 703 O  O   . HOH M 5 .  ? -8.241  6.436   -4.375  1.00 29.87  ? 114 HOH A O   1 
HETATM 704 O  O   . HOH M 5 .  ? -3.431  14.325  4.829   1.00 32.93  ? 115 HOH A O   1 
HETATM 705 O  O   . HOH M 5 .  ? 5.344   8.454   3.073   1.00 33.89  ? 116 HOH A O   1 
HETATM 706 O  O   . HOH M 5 .  ? 21.325  -2.276  -10.831 1.00 36.73  ? 117 HOH A O   1 
HETATM 707 O  O   . HOH M 5 .  ? 9.122   -2.083  -11.790 1.00 34.31  ? 118 HOH A O   1 
HETATM 708 O  O   . HOH M 5 .  ? 10.272  2.824   -12.315 1.00 48.02  ? 119 HOH A O   1 
HETATM 709 O  O   . HOH M 5 .  ? -9.611  3.969   -4.571  1.00 48.81  ? 120 HOH A O   1 
HETATM 710 O  O   . HOH M 5 .  ? -12.017 4.169   -3.189  1.00 38.50  ? 121 HOH A O   1 
HETATM 711 O  O   . HOH M 5 .  ? 13.089  6.284   -1.441  1.00 34.12  ? 122 HOH A O   1 
HETATM 712 O  O   . HOH M 5 .  ? -5.188  16.354  5.252   1.00 47.91  ? 123 HOH A O   1 
HETATM 713 O  O   . HOH M 5 .  ? 17.282  1.151   -7.030  1.00 38.63  ? 124 HOH A O   1 
HETATM 714 O  O   . HOH M 5 .  ? 12.263  1.330   -3.819  1.00 19.28  ? 125 HOH A O   1 
HETATM 715 O  O   . HOH M 5 .  ? 7.944   -3.835  -9.729  1.00 38.68  ? 126 HOH A O   1 
HETATM 716 O  O   . HOH M 5 .  ? -12.606 -7.792  4.034   1.00 40.62  ? 127 HOH A O   1 
HETATM 717 O  O   . HOH M 5 .  ? -12.714 -2.033  -10.116 1.00 47.91  ? 128 HOH A O   1 
HETATM 718 O  O   . HOH M 5 .  ? -2.789  2.577   -14.748 1.00 52.52  ? 129 HOH A O   1 
HETATM 719 O  O   . HOH M 5 .  ? 11.927  -0.040  -13.105 1.00 45.62  ? 130 HOH A O   1 
HETATM 720 O  O   . HOH M 5 .  ? 1.605   2.705   17.409  1.00 34.68  ? 131 HOH A O   1 
HETATM 721 O  O   . HOH M 5 .  ? 2.003   5.836   17.824  1.00 38.25  ? 132 HOH A O   1 
HETATM 722 O  O   . HOH M 5 .  ? -1.010  6.484   18.373  1.00 37.86  ? 133 HOH A O   1 
HETATM 723 O  O   . HOH M 5 .  ? 3.104   5.899   15.341  1.00 50.25  ? 134 HOH A O   1 
HETATM 724 O  O   . HOH M 5 .  ? -9.842  2.406   -6.821  1.00 48.01  ? 135 HOH A O   1 
HETATM 725 O  O   . HOH M 5 .  ? 3.468   0.765   -14.227 1.00 40.31  ? 136 HOH A O   1 
HETATM 726 O  O   . HOH M 5 .  ? -5.848  7.592   11.057  1.00 80.76  ? 137 HOH A O   1 
HETATM 727 O  O   . HOH M 5 .  ? -14.249 1.295   -3.764  1.00 104.17 ? 138 HOH A O   1 
HETATM 728 O  O   . HOH M 5 .  ? -4.885  10.709  7.703   1.00 41.26  ? 139 HOH A O   1 
HETATM 729 O  O   . HOH M 5 .  ? 5.853   12.730  0.778   1.00 57.48  ? 140 HOH A O   1 
HETATM 730 O  O   . HOH M 5 .  ? 9.712   0.217   -11.875 1.00 25.76  ? 141 HOH A O   1 
HETATM 731 O  O   . HOH M 5 .  ? -7.125  9.611   8.545   1.00 36.38  ? 142 HOH A O   1 
HETATM 732 O  O   . HOH M 5 .  ? -13.841 1.362   -0.484  1.00 112.25 ? 143 HOH A O   1 
HETATM 733 O  O   . HOH M 5 .  ? -4.092  12.511  -3.841  1.00 85.98  ? 144 HOH A O   1 
HETATM 734 O  O   . HOH M 5 .  ? 13.634  4.122   -3.265  1.00 26.54  ? 145 HOH A O   1 
HETATM 735 O  O   . HOH M 5 .  ? -2.597  4.127   17.549  1.00 19.52  ? 146 HOH A O   1 
HETATM 736 O  O   . HOH M 5 .  ? 7.518   -6.062  6.316   1.00 31.78  ? 147 HOH A O   1 
HETATM 737 O  O   . HOH M 5 .  ? 9.451   -3.909  6.131   1.00 29.84  ? 148 HOH A O   1 
HETATM 738 O  O   . HOH M 5 .  ? -5.572  3.426   9.036   1.00 32.47  ? 149 HOH A O   1 
HETATM 739 O  O   . HOH M 5 .  ? -11.014 6.762   -0.643  1.00 38.71  ? 150 HOH A O   1 
HETATM 740 O  O   . HOH M 5 .  ? 9.220   -5.417  3.368   1.00 44.39  ? 151 HOH A O   1 
# 
loop_
_atom_site_anisotrop.id 
_atom_site_anisotrop.type_symbol 
_atom_site_anisotrop.pdbx_label_atom_id 
_atom_site_anisotrop.pdbx_label_alt_id 
_atom_site_anisotrop.pdbx_label_comp_id 
_atom_site_anisotrop.pdbx_label_asym_id 
_atom_site_anisotrop.pdbx_label_seq_id 
_atom_site_anisotrop.pdbx_PDB_ins_code 
_atom_site_anisotrop.U[1][1] 
_atom_site_anisotrop.U[2][2] 
_atom_site_anisotrop.U[3][3] 
_atom_site_anisotrop.U[1][2] 
_atom_site_anisotrop.U[1][3] 
_atom_site_anisotrop.U[2][3] 
_atom_site_anisotrop.pdbx_auth_seq_id 
_atom_site_anisotrop.pdbx_auth_comp_id 
_atom_site_anisotrop.pdbx_auth_asym_id 
_atom_site_anisotrop.pdbx_auth_atom_id 
1   N  N   . MET A 1  ? 0.5326 0.3137 0.6411 0.0831  -0.0348 -0.0475 1   MET A N   
2   C  CA  . MET A 1  ? 0.5915 0.3256 0.6549 0.0935  -0.0424 -0.0296 1   MET A CA  
3   C  C   . MET A 1  ? 0.5896 0.3221 0.6333 0.1167  -0.0301 -0.0570 1   MET A C   
4   O  O   . MET A 1  ? 0.5974 0.3374 0.6234 0.1379  -0.0545 -0.0195 1   MET A O   
5   C  CB  . MET A 1  ? 0.5682 0.2911 0.6685 0.1136  -0.0387 -0.0190 1   MET A CB  
6   C  CG  . MET A 1  ? 0.6609 0.3180 0.7534 0.1203  -0.0316 -0.0027 1   MET A CG  
7   S  SD  . MET A 1  ? 0.8007 0.3978 0.6910 0.1180  -0.0806 0.0829  1   MET A SD  
8   C  CE  . MET A 1  ? 0.5893 0.4689 0.5800 0.0852  -0.1213 0.0897  1   MET A CE  
9   N  N   . ASP A 2  ? 0.6224 0.3788 0.6039 0.1034  -0.0404 -0.0648 2   ASP A N   
10  C  CA  . ASP A 2  ? 0.6611 0.3888 0.5920 0.1100  -0.0192 -0.0478 2   ASP A CA  
11  C  C   . ASP A 2  ? 0.6626 0.3711 0.5749 0.0917  -0.0102 -0.0422 2   ASP A C   
12  O  O   . ASP A 2  ? 0.6618 0.2615 0.5546 0.1405  -0.0224 -0.0407 2   ASP A O   
13  C  CB  . ASP A 2  ? 0.6659 0.4116 0.5975 0.1160  -0.0350 -0.0668 2   ASP A CB  
14  C  CG  . ASP A 2  ? 0.6449 0.5105 0.5918 0.1295  -0.0425 -0.0582 2   ASP A CG  
15  O  OD1 . ASP A 2  ? 0.6747 0.6029 0.6413 0.1524  -0.0743 -0.0718 2   ASP A OD1 
16  O  OD2 . ASP A 2  ? 0.6155 0.6264 0.5995 0.2783  -0.0408 -0.0393 2   ASP A OD2 
17  N  N   . ASP A 3  ? 0.6939 0.3429 0.5557 0.0924  0.0246  -0.0300 3   ASP A N   
18  C  CA  . ASP A 3  ? 0.6722 0.3483 0.5354 0.0830  0.0299  -0.0258 3   ASP A CA  
19  C  C   . ASP A 3  ? 0.6828 0.3223 0.4861 0.0616  0.0512  -0.0335 3   ASP A C   
20  O  O   . ASP A 3  ? 0.6834 0.2575 0.4899 0.0709  0.0633  -0.0513 3   ASP A O   
21  C  CB  . ASP A 3  ? 0.6805 0.3571 0.5361 0.0964  0.0426  -0.0331 3   ASP A CB  
22  N  N   . ILE A 4  ? 0.6948 0.3768 0.4828 0.0587  0.0660  -0.0116 4   ILE A N   
23  C  CA  . ILE A 4  ? 0.6712 0.3692 0.4331 0.0863  0.0635  -0.0492 4   ILE A CA  
24  C  C   . ILE A 4  ? 0.6049 0.3723 0.4550 0.1034  0.0501  -0.0326 4   ILE A C   
25  O  O   . ILE A 4  ? 0.6044 0.4116 0.3994 0.1248  0.0457  -0.0683 4   ILE A O   
26  C  CB  . ILE A 4  ? 0.6810 0.4067 0.4899 0.0706  0.0370  -0.0393 4   ILE A CB  
27  N  N   . TYR A 5  ? 0.5355 0.2871 0.3169 0.1344  0.0614  -0.1032 5   TYR A N   
28  C  CA  . TYR A 5  ? 0.4977 0.2589 0.4187 0.1325  -0.0065 0.0245  5   TYR A CA  
29  C  C   . TYR A 5  ? 0.4679 0.2680 0.4915 0.1407  -0.0282 0.0387  5   TYR A C   
30  O  O   . TYR A 5  ? 0.5072 0.3117 0.4743 0.0990  -0.0517 0.1371  5   TYR A O   
31  C  CB  . TYR A 5  ? 0.4741 0.3197 0.4178 0.1356  -0.0337 0.0423  5   TYR A CB  
32  C  CG  . TYR A 5  ? 0.4826 0.3020 0.4239 0.1150  -0.0444 -0.0044 5   TYR A CG  
33  C  CD1 . TYR A 5  ? 0.4476 0.3687 0.4263 0.0838  -0.0108 -0.0331 5   TYR A CD1 
34  C  CD2 . TYR A 5  ? 0.4018 0.3592 0.4758 0.1735  -0.0947 -0.0003 5   TYR A CD2 
35  C  CE1 . TYR A 5  ? 0.4236 0.3249 0.5186 0.1375  -0.0031 -0.0582 5   TYR A CE1 
36  C  CE2 . TYR A 5  ? 0.4864 0.2912 0.4024 0.1551  -0.0707 -0.0072 5   TYR A CE2 
37  C  CZ  . TYR A 5  ? 0.4889 0.4615 0.4394 0.0511  -0.1112 -0.0192 5   TYR A CZ  
38  O  OH  . TYR A 5  ? 0.5021 0.4722 0.5375 -0.0333 -0.0998 -0.0204 5   TYR A OH  
39  N  N   . LYS A 6  ? 0.5439 0.3353 0.5332 0.0535  -0.0550 0.0477  6   LYS A N   
40  C  CA  . LYS A 6  ? 0.5693 0.3605 0.5479 0.0374  -0.0573 0.0361  6   LYS A CA  
41  C  C   . LYS A 6  ? 0.5585 0.4261 0.5323 0.0312  -0.0605 0.0478  6   LYS A C   
42  O  O   . LYS A 6  ? 0.5976 0.4472 0.5150 -0.0003 -0.0678 0.0297  6   LYS A O   
43  C  CB  . LYS A 6  ? 0.5889 0.3268 0.5532 0.0210  -0.0600 0.0263  6   LYS A CB  
44  C  CG  . LYS A 6  ? 0.6540 0.4168 0.6309 0.0210  -0.0327 -0.0015 6   LYS A CG  
45  C  CD  . LYS A 6  ? 0.6744 0.3435 0.7116 0.0339  0.0036  -0.0838 6   LYS A CD  
46  C  CE  . LYS A 6  ? 0.6990 0.4153 0.7778 0.0243  -0.0209 -0.0864 6   LYS A CE  
47  N  NZ  . LYS A 6  ? 0.7496 0.4632 0.8142 0.0329  -0.0339 -0.0410 6   LYS A NZ  
48  N  N   . ALA A 7  ? 0.5277 0.4887 0.4665 0.0199  -0.0522 0.0526  7   ALA A N   
49  C  CA  . ALA A 7  ? 0.5153 0.5381 0.4852 0.0224  -0.0433 0.0702  7   ALA A CA  
50  C  C   . ALA A 7  ? 0.4450 0.5328 0.4056 0.0473  -0.0573 0.1031  7   ALA A C   
51  O  O   . ALA A 7  ? 0.4807 0.5925 0.4801 0.0297  -0.0541 0.1274  7   ALA A O   
52  C  CB  . ALA A 7  ? 0.5295 0.5598 0.4270 0.0321  -0.0414 0.0806  7   ALA A CB  
53  N  N   . ALA A 8  ? 0.4395 0.4938 0.3485 0.0446  -0.0343 0.0781  8   ALA A N   
54  C  CA  . ALA A 8  ? 0.3820 0.4396 0.3275 0.0516  -0.0294 0.0081  8   ALA A CA  
55  C  C   . ALA A 8  ? 0.3656 0.3543 0.2681 0.0813  -0.0602 0.0250  8   ALA A C   
56  O  O   . ALA A 8  ? 0.4060 0.2858 0.3215 0.0797  -0.0502 -0.0133 8   ALA A O   
57  C  CB  . ALA A 8  ? 0.3604 0.4738 0.2885 0.0615  -0.0356 -0.0006 8   ALA A CB  
58  N  N   . VAL A 9  ? 0.4042 0.3517 0.3092 0.0593  -0.0452 -0.0006 9   VAL A N   
59  C  CA  . VAL A 9  ? 0.4148 0.3378 0.3204 0.0824  -0.0411 -0.0055 9   VAL A CA  
60  C  C   . VAL A 9  ? 0.4245 0.3453 0.3317 0.0764  -0.0380 -0.0166 9   VAL A C   
61  O  O   . VAL A 9  ? 0.4294 0.3285 0.3072 0.1093  -0.0439 -0.0292 9   VAL A O   
62  C  CB  . VAL A 9  ? 0.4138 0.4515 0.3681 0.0593  -0.0140 -0.0433 9   VAL A CB  
63  C  CG1 . VAL A 9  ? 0.4415 0.4825 0.3874 0.0682  -0.0276 -0.0368 9   VAL A CG1 
64  C  CG2 . VAL A 9  ? 0.4483 0.4793 0.3613 0.0574  -0.0278 -0.0254 9   VAL A CG2 
65  N  N   . GLU A 10 ? 0.4141 0.3249 0.3359 0.0979  -0.0673 0.0008  10  GLU A N   
66  C  CA  . GLU A 10 ? 0.4328 0.3830 0.4252 0.0710  -0.0679 0.0331  10  GLU A CA  
67  C  C   . GLU A 10 ? 0.4158 0.4428 0.4103 0.0686  -0.0853 0.0301  10  GLU A C   
68  O  O   . GLU A 10 ? 0.4545 0.5156 0.4762 0.0532  -0.1002 0.0532  10  GLU A O   
69  C  CB  . GLU A 10 ? 0.4438 0.4297 0.4759 0.0674  -0.0607 0.0246  10  GLU A CB  
70  C  CG  . GLU A 10 ? 0.4766 0.4142 0.5463 0.0598  -0.0354 -0.0019 10  GLU A CG  
71  C  CD  . GLU A 10 ? 0.5640 0.4244 0.6447 0.0477  -0.0175 0.0081  10  GLU A CD  
72  O  OE1 . GLU A 10 ? 0.6704 0.4352 0.6370 0.0081  -0.0416 -0.0187 10  GLU A OE1 
73  O  OE2 . GLU A 10 ? 0.6031 0.3928 0.8164 0.0342  -0.0014 0.0502  10  GLU A OE2 
74  N  N   . GLN A 11 ? 0.3974 0.4052 0.3689 0.0805  -0.0685 0.0338  11  GLN A N   
75  C  CA  . GLN A 11 ? 0.4094 0.4319 0.3565 0.0768  -0.0584 0.0322  11  GLN A CA  
76  C  C   . GLN A 11 ? 0.3839 0.4125 0.3608 0.0902  -0.0558 0.0273  11  GLN A C   
77  O  O   . GLN A 11 ? 0.4290 0.4719 0.3893 0.1028  -0.0506 0.0587  11  GLN A O   
78  C  CB  . GLN A 11 ? 0.4344 0.4407 0.3485 0.0968  -0.0368 0.0359  11  GLN A CB  
79  C  CG  . GLN A 11 ? 0.4588 0.5361 0.4116 0.1150  0.0267  0.0631  11  GLN A CG  
80  C  CD  . GLN A 11 ? 0.5377 0.4739 0.4238 0.1636  0.0687  0.0254  11  GLN A CD  
81  O  OE1 . GLN A 11 ? 0.6008 0.4718 0.4128 0.1657  0.0182  0.0585  11  GLN A OE1 
82  N  NE2 . GLN A 11 ? 0.4690 0.5280 0.3921 0.1635  0.0918  0.0702  11  GLN A NE2 
83  N  N   . LEU A 12 ? 0.3491 0.3830 0.3058 0.0631  -0.0598 -0.0014 12  LEU A N   
84  C  CA  . LEU A 12 ? 0.3261 0.3360 0.2759 0.0549  -0.0723 -0.0371 12  LEU A CA  
85  C  C   . LEU A 12 ? 0.3481 0.3318 0.2812 0.0321  -0.0911 -0.0370 12  LEU A C   
86  O  O   . LEU A 12 ? 0.4370 0.3650 0.3278 0.0189  -0.0699 -0.0455 12  LEU A O   
87  C  CB  . LEU A 12 ? 0.2881 0.2958 0.2311 0.0686  -0.0553 -0.0614 12  LEU A CB  
88  C  CG  . LEU A 12 ? 0.3083 0.2357 0.2483 0.0672  -0.0592 -0.0606 12  LEU A CG  
89  C  CD1 . LEU A 12 ? 0.3236 0.3533 0.2205 0.0876  -0.0400 -0.0412 12  LEU A CD1 
90  C  CD2 . LEU A 12 ? 0.3677 0.2720 0.2893 0.0874  -0.0432 -0.0290 12  LEU A CD2 
91  N  N   . THR A 13 ? 0.3852 0.3656 0.2920 0.0334  -0.0906 -0.0278 13  THR A N   
92  C  CA  . THR A 13 ? 0.4233 0.3915 0.3039 0.0139  -0.0959 -0.0355 13  THR A CA  
93  C  C   . THR A 13 ? 0.4335 0.3849 0.3039 0.0096  -0.0805 -0.0550 13  THR A C   
94  O  O   . THR A 13 ? 0.4066 0.3711 0.2542 0.0106  -0.0737 -0.0322 13  THR A O   
95  C  CB  . THR A 13 ? 0.4372 0.4375 0.3326 0.0183  -0.1073 -0.0204 13  THR A CB  
96  O  OG1 . THR A 13 ? 0.4965 0.4619 0.3279 0.0012  -0.1664 0.0210  13  THR A OG1 
97  C  CG2 . THR A 13 ? 0.4490 0.4552 0.3961 0.0027  -0.0816 0.0090  13  THR A CG2 
98  N  N   . GLU A 14 ? 0.4894 0.3916 0.3007 -0.0014 -0.0828 -0.0482 14  GLU A N   
99  C  CA  . GLU A 14 ? 0.5176 0.3547 0.3154 0.0098  -0.0834 -0.0418 14  GLU A CA  
100 C  C   . GLU A 14 ? 0.5176 0.3522 0.2911 0.0104  -0.0832 -0.0545 14  GLU A C   
101 O  O   . GLU A 14 ? 0.5247 0.3137 0.2880 0.0030  -0.0916 -0.0874 14  GLU A O   
102 C  CB  . GLU A 14 ? 0.5568 0.3543 0.3503 0.0003  -0.0925 -0.0365 14  GLU A CB  
103 C  CG  . GLU A 14 ? 0.6365 0.4200 0.4550 -0.0071 -0.0782 -0.0325 14  GLU A CG  
104 C  CD  . GLU A 14 ? 0.7493 0.4831 0.5612 0.0154  -0.0881 0.0120  14  GLU A CD  
105 O  OE1 . GLU A 14 ? 0.7440 0.5894 0.6528 0.0274  -0.0777 0.0256  14  GLU A OE1 
106 O  OE2 . GLU A 14 ? 0.8156 0.5464 0.5837 -0.0048 -0.0657 0.0210  14  GLU A OE2 
107 N  N   . GLU A 15 ? 0.5065 0.3353 0.2739 0.0227  -0.0791 -0.0591 15  GLU A N   
108 C  CA  . GLU A 15 ? 0.4866 0.3293 0.3000 0.0291  -0.1166 -0.0512 15  GLU A CA  
109 C  C   . GLU A 15 ? 0.4461 0.3026 0.2727 0.0542  -0.0990 -0.0555 15  GLU A C   
110 O  O   . GLU A 15 ? 0.4437 0.3506 0.2438 0.0392  -0.1055 -0.0223 15  GLU A O   
111 C  CB  . GLU A 15 ? 0.5218 0.3507 0.3603 0.0524  -0.0701 -0.0476 15  GLU A CB  
112 C  CG  . GLU A 15 ? 0.6161 0.3241 0.3663 0.0582  -0.1352 -0.0231 15  GLU A CG  
113 C  CD  . GLU A 15 ? 0.6407 0.4853 0.6012 0.0970  -0.1266 -0.0282 15  GLU A CD  
114 O  OE1 . GLU A 15 ? 0.6868 0.4921 0.7116 0.0422  -0.1704 0.0141  15  GLU A OE1 
115 O  OE2 . GLU A 15 ? 0.7362 0.5173 0.5853 0.0668  -0.1320 0.0006  15  GLU A OE2 
116 N  N   . GLN A 16 ? 0.3957 0.2790 0.2535 0.0765  -0.1204 -0.0237 16  GLN A N   
117 C  CA  . GLN A 16 ? 0.3538 0.2472 0.2301 0.1025  -0.0829 -0.0381 16  GLN A CA  
118 C  C   . GLN A 16 ? 0.3511 0.2194 0.2078 0.1201  -0.0856 -0.0321 16  GLN A C   
119 O  O   . GLN A 16 ? 0.3557 0.2252 0.1706 0.1212  -0.0655 -0.0325 16  GLN A O   
120 C  CB  . GLN A 16 ? 0.3073 0.2563 0.2418 0.1377  -0.0800 -0.0311 16  GLN A CB  
121 C  CG  . GLN A 16 ? 0.3548 0.2675 0.3250 0.1475  -0.0459 -0.0123 16  GLN A CG  
122 C  CD  . GLN A 16 ? 0.2956 0.3709 0.3290 0.1659  -0.0363 0.0466  16  GLN A CD  
123 O  OE1 . GLN A 16 ? 0.4169 0.4146 0.3728 0.1937  -0.0280 0.0943  16  GLN A OE1 
124 N  NE2 . GLN A 16 ? 0.3970 0.4439 0.3843 0.0968  -0.1427 -0.0727 16  GLN A NE2 
125 N  N   . LYS A 17 ? 0.3860 0.2241 0.2032 0.1123  -0.0608 -0.0309 17  LYS A N   
126 C  CA  . LYS A 17 ? 0.3671 0.1898 0.2398 0.1175  -0.0315 0.0017  17  LYS A CA  
127 C  C   . LYS A 17 ? 0.3830 0.2214 0.2468 0.1195  -0.0046 -0.0372 17  LYS A C   
128 O  O   . LYS A 17 ? 0.3664 0.2544 0.2248 0.1322  -0.0352 -0.0290 17  LYS A O   
129 C  CB  . LYS A 17 ? 0.4035 0.1988 0.2980 0.0998  -0.0053 0.0138  17  LYS A CB  
130 C  CG  . LYS A 17 ? 0.4227 0.2876 0.2563 0.0901  0.0241  0.0099  17  LYS A CG  
131 C  CD  . LYS A 17 ? 0.5119 0.2796 0.4173 0.1166  0.1192  0.0818  17  LYS A CD  
132 C  CE  . LYS A 17 ? 0.5667 0.2788 0.5904 0.0468  0.0452  0.0282  17  LYS A CE  
133 N  NZ  . LYS A 17 ? 0.5999 0.3077 0.6148 0.1641  0.0971  -0.0301 17  LYS A NZ  
134 N  N   . ASN A 18 ? 0.4200 0.1967 0.2452 0.0847  -0.0208 -0.0747 18  ASN A N   
135 C  CA  . ASN A 18 ? 0.4637 0.2593 0.2129 0.0776  -0.0189 -0.0537 18  ASN A CA  
136 C  C   . ASN A 18 ? 0.4260 0.2386 0.1931 0.0914  -0.0253 -0.0679 18  ASN A C   
137 O  O   . ASN A 18 ? 0.4230 0.2620 0.1830 0.0908  -0.0172 -0.0302 18  ASN A O   
138 C  CB  . ASN A 18 ? 0.5083 0.2875 0.2145 0.0549  -0.0175 -0.1032 18  ASN A CB  
139 C  CG  . ASN A 18 ? 0.6457 0.4094 0.3654 0.0321  -0.0407 -0.1334 18  ASN A CG  
140 O  OD1 . ASN A 18 ? 0.7906 0.5092 0.4683 -0.0454 -0.0315 -0.1542 18  ASN A OD1 
141 N  ND2 . ASN A 18 ? 0.7300 0.3985 0.4142 0.0419  -0.0836 -0.2130 18  ASN A ND2 
142 N  N   . GLU A 19 ? 0.4127 0.2310 0.1434 0.1034  -0.0446 -0.0392 19  GLU A N   
143 C  CA  . GLU A 19 ? 0.3727 0.2374 0.1703 0.1091  -0.0577 -0.0398 19  GLU A CA  
144 C  C   . GLU A 19 ? 0.3527 0.2578 0.1914 0.0963  -0.0473 -0.0244 19  GLU A C   
145 O  O   . GLU A 19 ? 0.3506 0.2143 0.1825 0.1027  -0.0335 -0.0208 19  GLU A O   
146 C  CB  . GLU A 19 ? 0.3777 0.2429 0.2408 0.1292  -0.0636 -0.0496 19  GLU A CB  
147 C  CG  A GLU A 19 ? 0.4290 0.2677 0.1700 0.1273  -0.1236 0.0064  19  GLU A CG  
148 C  CG  B GLU A 19 ? 0.4060 0.2775 0.1658 0.1069  -0.0603 -0.0716 19  GLU A CG  
149 C  CD  A GLU A 19 ? 0.4314 0.3170 0.3202 0.1278  -0.1294 -0.0253 19  GLU A CD  
150 C  CD  B GLU A 19 ? 0.3799 0.3085 0.2911 0.1791  -0.0508 -0.0053 19  GLU A CD  
151 O  OE1 A GLU A 19 ? 0.4593 0.3821 0.3344 0.1871  -0.1757 0.0489  19  GLU A OE1 
152 O  OE1 B GLU A 19 ? 0.3804 0.3572 0.2882 0.1780  -0.0557 -0.0024 19  GLU A OE1 
153 O  OE2 A GLU A 19 ? 0.5408 0.3738 0.3454 0.1076  -0.1846 -0.0004 19  GLU A OE2 
154 O  OE2 B GLU A 19 ? 0.5035 0.2682 0.3124 0.1324  -0.0274 0.0513  19  GLU A OE2 
155 N  N   . PHE A 20 ? 0.3505 0.2160 0.1670 0.1276  -0.0367 -0.0317 20  PHE A N   
156 C  CA  . PHE A 20 ? 0.3288 0.2224 0.1699 0.1181  -0.0258 -0.0439 20  PHE A CA  
157 C  C   . PHE A 20 ? 0.3340 0.2208 0.1493 0.1048  -0.0320 -0.0204 20  PHE A C   
158 O  O   . PHE A 20 ? 0.3464 0.2220 0.1828 0.1253  -0.0110 -0.0344 20  PHE A O   
159 C  CB  . PHE A 20 ? 0.3013 0.2391 0.1521 0.1377  -0.0215 -0.0083 20  PHE A CB  
160 C  CG  . PHE A 20 ? 0.3221 0.2047 0.1765 0.1398  -0.0241 -0.0232 20  PHE A CG  
161 C  CD1 . PHE A 20 ? 0.3269 0.2219 0.1848 0.1342  -0.0393 -0.0408 20  PHE A CD1 
162 C  CD2 . PHE A 20 ? 0.3410 0.1926 0.1524 0.1056  -0.0216 -0.0688 20  PHE A CD2 
163 C  CE1 . PHE A 20 ? 0.3313 0.2450 0.1903 0.1312  -0.0299 -0.0360 20  PHE A CE1 
164 C  CE2 . PHE A 20 ? 0.3810 0.1729 0.2321 0.1240  -0.0403 -0.0631 20  PHE A CE2 
165 C  CZ  . PHE A 20 ? 0.3270 0.2241 0.2372 0.1128  -0.0301 -0.0496 20  PHE A CZ  
166 N  N   . LYS A 21 ? 0.3338 0.2450 0.1771 0.1375  -0.0152 -0.0299 21  LYS A N   
167 C  CA  . LYS A 21 ? 0.3434 0.2311 0.1856 0.1052  -0.0106 -0.0306 21  LYS A CA  
168 C  C   . LYS A 21 ? 0.3244 0.2273 0.2131 0.1239  -0.0072 -0.0456 21  LYS A C   
169 O  O   . LYS A 21 ? 0.3352 0.2300 0.1722 0.1190  -0.0015 -0.0408 21  LYS A O   
170 C  CB  . LYS A 21 ? 0.3469 0.2530 0.2166 0.1302  -0.0132 -0.0318 21  LYS A CB  
171 C  CG  . LYS A 21 ? 0.4157 0.2626 0.4272 0.1529  0.0207  -0.0619 21  LYS A CG  
172 C  CD  . LYS A 21 ? 0.5143 0.4426 0.4859 0.1546  0.0686  0.0734  21  LYS A CD  
173 C  CE  . LYS A 21 ? 0.4900 0.4256 0.6059 0.3226  0.1096  0.0955  21  LYS A CE  
174 N  NZ  . LYS A 21 ? 0.4470 0.4885 0.7101 0.2624  0.0980  0.1044  21  LYS A NZ  
175 N  N   . ALA A 22 ? 0.3390 0.2451 0.1676 0.1136  -0.0089 -0.0244 22  ALA A N   
176 C  CA  . ALA A 22 ? 0.3606 0.2601 0.2037 0.0918  -0.0062 -0.0375 22  ALA A CA  
177 C  C   . ALA A 22 ? 0.3316 0.2525 0.1636 0.1191  -0.0100 -0.0452 22  ALA A C   
178 O  O   . ALA A 22 ? 0.3557 0.2828 0.2081 0.1277  0.0301  -0.0206 22  ALA A O   
179 C  CB  . ALA A 22 ? 0.3777 0.2535 0.2431 0.0794  -0.0556 -0.0411 22  ALA A CB  
180 N  N   . ALA A 23 ? 0.3349 0.2551 0.1677 0.1370  -0.0035 -0.0293 23  ALA A N   
181 C  CA  . ALA A 23 ? 0.3251 0.2353 0.1844 0.1383  -0.0270 -0.0180 23  ALA A CA  
182 C  C   . ALA A 23 ? 0.3086 0.2022 0.1741 0.1365  0.0025  -0.0233 23  ALA A C   
183 O  O   . ALA A 23 ? 0.3142 0.2423 0.1845 0.1215  0.0035  -0.0195 23  ALA A O   
184 C  CB  . ALA A 23 ? 0.3176 0.2387 0.2184 0.1481  0.0110  -0.0170 23  ALA A CB  
185 N  N   . PHE A 24 ? 0.3130 0.2013 0.1967 0.1318  0.0090  -0.0199 24  PHE A N   
186 C  CA  . PHE A 24 ? 0.3021 0.1878 0.2031 0.1204  0.0198  -0.0174 24  PHE A CA  
187 C  C   . PHE A 24 ? 0.3120 0.1968 0.1984 0.1234  0.0006  -0.0320 24  PHE A C   
188 O  O   . PHE A 24 ? 0.3179 0.2002 0.1703 0.1106  -0.0148 -0.0223 24  PHE A O   
189 C  CB  . PHE A 24 ? 0.3140 0.2131 0.1825 0.1186  -0.0134 -0.0017 24  PHE A CB  
190 C  CG  . PHE A 24 ? 0.3180 0.1766 0.1810 0.1084  -0.0222 -0.0261 24  PHE A CG  
191 C  CD1 . PHE A 24 ? 0.2500 0.1681 0.2178 0.1027  -0.0216 0.0001  24  PHE A CD1 
192 C  CD2 . PHE A 24 ? 0.3121 0.1552 0.2714 0.1246  -0.0107 0.0145  24  PHE A CD2 
193 C  CE1 . PHE A 24 ? 0.2655 0.1651 0.2572 0.0594  -0.0399 0.0388  24  PHE A CE1 
194 C  CE2 . PHE A 24 ? 0.3197 0.1598 0.2197 0.0912  0.0221  0.0086  24  PHE A CE2 
195 C  CZ  . PHE A 24 ? 0.2799 0.1681 0.2607 0.1155  0.0019  0.0533  24  PHE A CZ  
196 N  N   . ASP A 25 ? 0.3352 0.2100 0.1804 0.1581  0.0089  -0.0406 25  ASP A N   
197 C  CA  . ASP A 25 ? 0.3436 0.2287 0.1913 0.1385  -0.0010 -0.0704 25  ASP A CA  
198 C  C   . ASP A 25 ? 0.3404 0.2611 0.1845 0.1245  0.0076  -0.0679 25  ASP A C   
199 O  O   . ASP A 25 ? 0.3657 0.2657 0.2256 0.1444  0.0148  -0.0454 25  ASP A O   
200 C  CB  . ASP A 25 ? 0.3730 0.2361 0.2535 0.1243  -0.0048 -0.1176 25  ASP A CB  
201 C  CG  . ASP A 25 ? 0.3893 0.3539 0.3962 0.0987  0.0015  -0.1288 25  ASP A CG  
202 O  OD1 . ASP A 25 ? 0.4419 0.3118 0.4166 0.1424  -0.0334 -0.1379 25  ASP A OD1 
203 O  OD2 . ASP A 25 ? 0.4522 0.4463 0.4373 0.0311  0.0368  -0.2570 25  ASP A OD2 
204 N  N   . ILE A 26 ? 0.3761 0.2239 0.1723 0.1063  0.0108  -0.0286 26  ILE A N   
205 C  CA  . ILE A 26 ? 0.3703 0.2418 0.1930 0.1020  0.0074  -0.0160 26  ILE A CA  
206 C  C   . ILE A 26 ? 0.3338 0.2768 0.1722 0.0931  0.0228  -0.0167 26  ILE A C   
207 O  O   . ILE A 26 ? 0.3825 0.3517 0.1944 0.0731  0.0305  0.0272  26  ILE A O   
208 C  CB  . ILE A 26 ? 0.3842 0.2399 0.2551 0.1019  -0.0137 -0.0105 26  ILE A CB  
209 C  CG1 . ILE A 26 ? 0.4628 0.2923 0.2448 0.0859  -0.0287 -0.0052 26  ILE A CG1 
210 C  CG2 . ILE A 26 ? 0.4224 0.2737 0.2372 0.0680  0.0009  -0.0076 26  ILE A CG2 
211 C  CD1 . ILE A 26 ? 0.4684 0.3606 0.3340 0.1252  0.0671  -0.0052 26  ILE A CD1 
212 N  N   . PHE A 27 ? 0.3270 0.2481 0.1879 0.1096  0.0106  -0.0025 27  PHE A N   
213 C  CA  . PHE A 27 ? 0.3050 0.2121 0.1823 0.1087  0.0192  -0.0327 27  PHE A CA  
214 C  C   . PHE A 27 ? 0.3314 0.2179 0.2175 0.0758  -0.0034 -0.0274 27  PHE A C   
215 O  O   . PHE A 27 ? 0.2862 0.2226 0.2092 0.0761  -0.0281 -0.0390 27  PHE A O   
216 C  CB  . PHE A 27 ? 0.2908 0.1983 0.2144 0.1060  0.0370  -0.0062 27  PHE A CB  
217 C  CG  . PHE A 27 ? 0.3086 0.1890 0.1918 0.1040  0.0315  -0.0184 27  PHE A CG  
218 C  CD1 . PHE A 27 ? 0.3920 0.1964 0.2222 0.0821  0.0484  -0.0575 27  PHE A CD1 
219 C  CD2 . PHE A 27 ? 0.3020 0.2453 0.1817 0.1174  0.0182  0.0201  27  PHE A CD2 
220 C  CE1 . PHE A 27 ? 0.4238 0.2109 0.2208 0.1170  0.0450  -0.0012 27  PHE A CE1 
221 C  CE2 . PHE A 27 ? 0.4208 0.2149 0.1682 0.1196  0.0535  0.0089  27  PHE A CE2 
222 C  CZ  . PHE A 27 ? 0.3926 0.1975 0.2122 0.1379  0.0480  0.0063  27  PHE A CZ  
223 N  N   . VAL A 28 ? 0.3530 0.1981 0.2639 0.1149  0.0276  -0.0259 28  VAL A N   
224 C  CA  . VAL A 28 ? 0.3673 0.2230 0.2519 0.1192  0.0146  -0.0130 28  VAL A CA  
225 C  C   . VAL A 28 ? 0.3921 0.2326 0.2748 0.1441  0.0079  -0.0011 28  VAL A C   
226 O  O   . VAL A 28 ? 0.3858 0.2919 0.2301 0.1745  0.0233  0.0149  28  VAL A O   
227 C  CB  . VAL A 28 ? 0.3909 0.2852 0.2613 0.0526  0.0126  0.0020  28  VAL A CB  
228 C  CG1 . VAL A 28 ? 0.4939 0.3106 0.2734 0.0071  -0.0088 -0.0364 28  VAL A CG1 
229 C  CG2 . VAL A 28 ? 0.3824 0.3164 0.3427 0.0717  -0.0597 0.0158  28  VAL A CG2 
230 N  N   . LEU A 29 ? 0.3920 0.1978 0.3087 0.1493  0.0507  0.0172  29  LEU A N   
231 C  CA  . LEU A 29 ? 0.3700 0.2244 0.2860 0.1673  0.0230  -0.0110 29  LEU A CA  
232 C  C   . LEU A 29 ? 0.3960 0.2638 0.3039 0.1331  0.0080  -0.0092 29  LEU A C   
233 O  O   . LEU A 29 ? 0.4177 0.2068 0.2489 0.1487  -0.0058 -0.0041 29  LEU A O   
234 C  CB  . LEU A 29 ? 0.3854 0.2316 0.2978 0.1384  0.0249  0.0096  29  LEU A CB  
235 C  CG  . LEU A 29 ? 0.3939 0.3353 0.3208 0.1501  -0.0008 -0.0055 29  LEU A CG  
236 C  CD1 . LEU A 29 ? 0.5001 0.3494 0.3645 0.1783  0.0797  0.0104  29  LEU A CD1 
237 C  CD2 . LEU A 29 ? 0.4031 0.3480 0.3939 0.1364  0.0425  0.0075  29  LEU A CD2 
238 N  N   . GLY A 30 ? 0.4533 0.2829 0.2818 0.1197  -0.0266 -0.0198 30  GLY A N   
239 C  CA  . GLY A 30 ? 0.4782 0.3022 0.2955 0.1058  0.0030  -0.0021 30  GLY A CA  
240 C  C   . GLY A 30 ? 0.4744 0.3033 0.2451 0.1187  -0.0012 -0.0247 30  GLY A C   
241 O  O   . GLY A 30 ? 0.4802 0.2549 0.2592 0.1310  -0.0064 -0.0183 30  GLY A O   
242 N  N   . ALA A 31 ? 0.4750 0.3170 0.2329 0.1444  0.0094  -0.0417 31  ALA A N   
243 C  CA  . ALA A 31 ? 0.4789 0.3064 0.2658 0.1576  -0.0058 -0.0371 31  ALA A CA  
244 C  C   . ALA A 31 ? 0.4837 0.2919 0.2825 0.1677  0.0198  -0.0536 31  ALA A C   
245 O  O   . ALA A 31 ? 0.5369 0.2772 0.2739 0.1555  0.0039  -0.0318 31  ALA A O   
246 C  CB  . ALA A 31 ? 0.5347 0.2877 0.2359 0.1466  0.0322  -0.0392 31  ALA A CB  
247 N  N   . GLU A 32 ? 0.4760 0.2655 0.2298 0.1539  0.0021  -0.0265 32  GLU A N   
248 C  CA  . GLU A 32 ? 0.4008 0.3243 0.2651 0.1451  0.0142  -0.0316 32  GLU A CA  
249 C  C   . GLU A 32 ? 0.3623 0.2290 0.2032 0.1626  0.0076  -0.0428 32  GLU A C   
250 O  O   . GLU A 32 ? 0.3573 0.2800 0.2724 0.1548  0.0004  -0.0331 32  GLU A O   
251 C  CB  . GLU A 32 ? 0.4686 0.3681 0.2820 0.1238  -0.0189 -0.0350 32  GLU A CB  
252 C  CG  . GLU A 32 ? 0.4590 0.3521 0.3781 0.1482  0.0210  0.0150  32  GLU A CG  
253 C  CD  . GLU A 32 ? 0.5342 0.5376 0.5277 0.1241  0.0279  -0.0027 32  GLU A CD  
254 O  OE1 . GLU A 32 ? 0.6538 0.4388 0.5786 0.2438  0.0273  -0.0217 32  GLU A OE1 
255 O  OE2 . GLU A 32 ? 0.5082 0.5208 0.6451 0.0546  -0.0494 0.0686  32  GLU A OE2 
256 N  N   . ASP A 33 ? 0.3369 0.2185 0.2214 0.0921  0.0105  -0.0168 33  ASP A N   
257 C  CA  . ASP A 33 ? 0.3081 0.2102 0.2257 0.0986  0.0090  -0.0179 33  ASP A CA  
258 C  C   . ASP A 33 ? 0.3054 0.1741 0.2051 0.0966  0.0053  -0.0374 33  ASP A C   
259 O  O   . ASP A 33 ? 0.3302 0.2790 0.2286 0.0917  -0.0191 -0.0048 33  ASP A O   
260 C  CB  . ASP A 33 ? 0.3001 0.2112 0.2384 0.0858  0.0138  -0.0155 33  ASP A CB  
261 C  CG  . ASP A 33 ? 0.3030 0.1220 0.2336 0.1359  0.0171  0.0003  33  ASP A CG  
262 O  OD1 . ASP A 33 ? 0.3485 0.1536 0.2280 0.0859  -0.0276 -0.0042 33  ASP A OD1 
263 O  OD2 . ASP A 33 ? 0.3380 0.1782 0.2519 0.0995  -0.0060 -0.0221 33  ASP A OD2 
264 N  N   . GLY A 34 ? 0.2697 0.1553 0.2176 0.1054  0.0289  -0.0236 34  GLY A N   
265 C  CA  . GLY A 34 ? 0.2884 0.1364 0.1998 0.0957  0.0024  -0.0460 34  GLY A CA  
266 C  C   . GLY A 34 ? 0.2868 0.1443 0.2019 0.0705  0.0133  -0.0341 34  GLY A C   
267 O  O   . GLY A 34 ? 0.2954 0.1962 0.2138 0.0755  0.0078  -0.0334 34  GLY A O   
268 N  N   . CYS A 35 ? 0.3069 0.1156 0.1667 0.0935  -0.0225 -0.0241 35  CYS A N   
269 C  CA  . CYS A 35 ? 0.3269 0.1459 0.1769 0.0769  -0.0222 -0.0131 35  CYS A CA  
270 C  C   . CYS A 35 ? 0.2863 0.1298 0.1874 0.0978  0.0121  -0.0103 35  CYS A C   
271 O  O   . CYS A 35 ? 0.2804 0.1585 0.1979 0.1059  0.0156  0.0009  35  CYS A O   
272 C  CB  . CYS A 35 ? 0.3012 0.1726 0.1936 0.0998  -0.0053 -0.0261 35  CYS A CB  
273 S  SG  . CYS A 35 ? 0.2973 0.1587 0.1918 0.0907  -0.0064 -0.0142 35  CYS A SG  
274 N  N   . ILE A 36 ? 0.2912 0.1496 0.1906 0.0899  -0.0008 -0.0163 36  ILE A N   
275 C  CA  . ILE A 36 ? 0.2792 0.1257 0.2266 0.0988  0.0053  -0.0075 36  ILE A CA  
276 C  C   . ILE A 36 ? 0.3207 0.1638 0.2198 0.0708  0.0030  0.0085  36  ILE A C   
277 O  O   . ILE A 36 ? 0.3551 0.1773 0.2363 0.0313  -0.0007 -0.0163 36  ILE A O   
278 C  CB  . ILE A 36 ? 0.2821 0.1302 0.1941 0.1090  0.0111  0.0064  36  ILE A CB  
279 C  CG1 . ILE A 36 ? 0.3061 0.1807 0.2237 0.1247  0.0373  -0.0004 36  ILE A CG1 
280 C  CG2 . ILE A 36 ? 0.3467 0.1679 0.1828 0.1155  -0.0123 -0.0152 36  ILE A CG2 
281 C  CD1 . ILE A 36 ? 0.2570 0.1373 0.4490 0.1052  0.0524  0.0300  36  ILE A CD1 
282 N  N   . SER A 37 ? 0.3091 0.1749 0.2118 0.0705  0.0027  0.0004  37  SER A N   
283 C  CA  . SER A 37 ? 0.3887 0.2198 0.2086 0.0405  -0.0244 -0.0130 37  SER A CA  
284 C  C   . SER A 37 ? 0.3840 0.2216 0.1903 0.0495  -0.0225 -0.0344 37  SER A C   
285 O  O   . SER A 37 ? 0.3556 0.2043 0.2176 0.0811  0.0142  -0.0411 37  SER A O   
286 C  CB  . SER A 37 ? 0.3713 0.2557 0.2199 0.0249  -0.0433 0.0066  37  SER A CB  
287 O  OG  . SER A 37 ? 0.4065 0.2055 0.2480 0.0744  -0.0316 -0.0145 37  SER A OG  
288 N  N   . THR A 38 ? 0.4878 0.3280 0.2343 0.0269  0.0199  -0.0539 38  THR A N   
289 C  CA  . THR A 38 ? 0.5211 0.3302 0.2507 0.0424  0.0405  -0.0815 38  THR A CA  
290 C  C   . THR A 38 ? 0.5632 0.3336 0.2888 0.0222  0.0696  -0.1031 38  THR A C   
291 O  O   . THR A 38 ? 0.6045 0.2933 0.3615 0.0457  0.1245  -0.1060 38  THR A O   
292 C  CB  . THR A 38 ? 0.5192 0.4016 0.2718 -0.0131 -0.0029 -0.1032 38  THR A CB  
293 O  OG1 . THR A 38 ? 0.5230 0.4750 0.3402 0.0386  -0.0578 -0.1072 38  THR A OG1 
294 C  CG2 . THR A 38 ? 0.5968 0.4913 0.3518 0.0023  0.0095  -0.0939 38  THR A CG2 
295 N  N   . LYS A 39 ? 0.6037 0.3302 0.2990 0.0120  0.0791  -0.1223 39  LYS A N   
296 C  CA  . LYS A 39 ? 0.5912 0.3438 0.3146 0.0198  0.1123  -0.0819 39  LYS A CA  
297 C  C   . LYS A 39 ? 0.5612 0.2701 0.3333 0.0812  0.1002  -0.0459 39  LYS A C   
298 O  O   . LYS A 39 ? 0.6405 0.2470 0.3988 0.1264  0.1611  -0.0378 39  LYS A O   
299 C  CB  . LYS A 39 ? 0.6312 0.3996 0.3720 -0.0066 0.1039  -0.1015 39  LYS A CB  
300 C  CG  . LYS A 39 ? 0.6907 0.5222 0.3791 -0.0230 0.0699  -0.1097 39  LYS A CG  
301 N  N   . GLU A 40 ? 0.4630 0.1687 0.2570 0.0935  0.0906  -0.0365 40  GLU A N   
302 C  CA  . GLU A 40 ? 0.3768 0.1558 0.2856 0.1229  0.0729  0.0319  40  GLU A CA  
303 C  C   . GLU A 40 ? 0.3518 0.1654 0.2987 0.1557  0.0782  0.0617  40  GLU A C   
304 O  O   . GLU A 40 ? 0.3363 0.2250 0.3467 0.1680  0.0795  0.0833  40  GLU A O   
305 C  CB  . GLU A 40 ? 0.3266 0.1623 0.2396 0.1338  0.0680  0.0144  40  GLU A CB  
306 C  CG  . GLU A 40 ? 0.3026 0.1222 0.2518 0.0778  0.0526  0.0179  40  GLU A CG  
307 C  CD  . GLU A 40 ? 0.3439 0.1240 0.2195 0.0798  -0.0099 0.0130  40  GLU A CD  
308 O  OE1 . GLU A 40 ? 0.2679 0.1730 0.2563 0.0847  0.0274  -0.0380 40  GLU A OE1 
309 O  OE2 . GLU A 40 ? 0.2922 0.2005 0.2352 0.0935  -0.0185 0.0174  40  GLU A OE2 
310 N  N   . LEU A 41 ? 0.3333 0.1920 0.3331 0.1645  0.0918  0.0484  41  LEU A N   
311 C  CA  . LEU A 41 ? 0.3113 0.1769 0.2955 0.1448  0.0809  0.0870  41  LEU A CA  
312 C  C   . LEU A 41 ? 0.2875 0.1623 0.2561 0.1454  0.0516  0.0534  41  LEU A C   
313 O  O   . LEU A 41 ? 0.2999 0.1703 0.2354 0.1258  0.0424  0.0063  41  LEU A O   
314 C  CB  . LEU A 41 ? 0.3301 0.2135 0.3375 0.1227  0.0644  0.1005  41  LEU A CB  
315 C  CG  . LEU A 41 ? 0.3430 0.2115 0.2679 0.1029  0.0466  0.0968  41  LEU A CG  
316 C  CD1 . LEU A 41 ? 0.3736 0.1831 0.3978 0.1572  0.0709  0.0330  41  LEU A CD1 
317 C  CD2 . LEU A 41 ? 0.3770 0.2747 0.2646 0.1774  0.0616  0.0972  41  LEU A CD2 
318 N  N   . GLY A 42 ? 0.2986 0.1632 0.2795 0.1077  0.0261  0.0320  42  GLY A N   
319 C  CA  . GLY A 42 ? 0.3228 0.1497 0.2076 0.1445  0.0006  -0.0149 42  GLY A CA  
320 C  C   . GLY A 42 ? 0.2611 0.1561 0.2120 0.1074  0.0079  -0.0023 42  GLY A C   
321 O  O   . GLY A 42 ? 0.2749 0.1667 0.1941 0.1099  -0.0067 -0.0091 42  GLY A O   
322 N  N   . LYS A 43 ? 0.2915 0.1379 0.2104 0.1090  0.0095  -0.0032 43  LYS A N   
323 C  CA  . LYS A 43 ? 0.2900 0.1793 0.2368 0.1055  0.0324  0.0137  43  LYS A CA  
324 C  C   . LYS A 43 ? 0.3291 0.1642 0.2057 0.1148  0.0402  -0.0069 43  LYS A C   
325 O  O   . LYS A 43 ? 0.3412 0.1676 0.2061 0.1031  0.0209  0.0151  43  LYS A O   
326 C  CB  . LYS A 43 ? 0.2976 0.1730 0.2772 0.1137  0.0461  -0.0029 43  LYS A CB  
327 C  CG  . LYS A 43 ? 0.2684 0.2152 0.3409 0.0828  0.0275  -0.0184 43  LYS A CG  
328 C  CD  . LYS A 43 ? 0.2669 0.2049 0.3619 0.0753  0.0437  0.0354  43  LYS A CD  
329 C  CE  . LYS A 43 ? 0.2625 0.2903 0.4353 0.0916  -0.0221 0.1232  43  LYS A CE  
330 N  NZ  . LYS A 43 ? 0.2649 0.3849 0.4619 0.1317  0.0217  0.0977  43  LYS A NZ  
331 N  N   . VAL A 44 ? 0.3297 0.1374 0.1965 0.1151  0.0277  -0.0460 44  VAL A N   
332 C  CA  . VAL A 44 ? 0.3544 0.1466 0.2052 0.1179  0.0349  -0.0552 44  VAL A CA  
333 C  C   . VAL A 44 ? 0.3147 0.1795 0.1950 0.1132  0.0370  -0.0456 44  VAL A C   
334 O  O   . VAL A 44 ? 0.3615 0.1702 0.1782 0.1100  0.0340  -0.0326 44  VAL A O   
335 C  CB  . VAL A 44 ? 0.3153 0.1604 0.3149 0.1304  0.0415  -0.1005 44  VAL A CB  
336 C  CG1 . VAL A 44 ? 0.3901 0.2256 0.2478 0.1311  0.0098  -0.0696 44  VAL A CG1 
337 C  CG2 . VAL A 44 ? 0.4271 0.2075 0.3261 0.1556  0.0775  -0.0177 44  VAL A CG2 
338 N  N   . MET A 45 ? 0.3153 0.1431 0.1789 0.1210  0.0445  -0.0032 45  MET A N   
339 C  CA  . MET A 45 ? 0.2809 0.1813 0.1590 0.1019  0.0174  -0.0038 45  MET A CA  
340 C  C   . MET A 45 ? 0.2851 0.1534 0.1573 0.0844  0.0084  -0.0018 45  MET A C   
341 O  O   . MET A 45 ? 0.3095 0.1631 0.1607 0.0970  -0.0106 -0.0223 45  MET A O   
342 C  CB  . MET A 45 ? 0.2731 0.1787 0.1531 0.1263  0.0150  0.0146  45  MET A CB  
343 C  CG  . MET A 45 ? 0.2830 0.1823 0.1533 0.1288  -0.0057 0.0183  45  MET A CG  
344 S  SD  . MET A 45 ? 0.2794 0.1962 0.1835 0.1233  -0.0014 0.0252  45  MET A SD  
345 C  CE  . MET A 45 ? 0.3479 0.2466 0.2204 0.1341  -0.0051 -0.0409 45  MET A CE  
346 N  N   . ARG A 46 ? 0.2995 0.1552 0.1496 0.1129  0.0036  -0.0069 46  ARG A N   
347 C  CA  . ARG A 46 ? 0.2877 0.1588 0.1660 0.1059  -0.0270 -0.0071 46  ARG A CA  
348 C  C   . ARG A 46 ? 0.3164 0.1798 0.1826 0.1202  0.0032  -0.0296 46  ARG A C   
349 O  O   . ARG A 46 ? 0.3517 0.2011 0.1964 0.1061  -0.0298 -0.0061 46  ARG A O   
350 C  CB  . ARG A 46 ? 0.2994 0.1553 0.1363 0.0897  0.0072  -0.0053 46  ARG A CB  
351 C  CG  . ARG A 46 ? 0.3384 0.1769 0.1433 0.1012  -0.0063 -0.0282 46  ARG A CG  
352 C  CD  . ARG A 46 ? 0.3811 0.2180 0.2793 0.0516  0.0023  -0.0256 46  ARG A CD  
353 N  NE  . ARG A 46 ? 0.4636 0.2202 0.2245 0.1086  -0.0309 -0.0088 46  ARG A NE  
354 C  CZ  . ARG A 46 ? 0.4496 0.2802 0.2227 0.0305  -0.0519 0.0509  46  ARG A CZ  
355 N  NH1 . ARG A 46 ? 0.4740 0.2228 0.2522 0.0921  -0.0042 -0.0039 46  ARG A NH1 
356 N  NH2 . ARG A 46 ? 0.4090 0.2608 0.3273 0.0951  0.0461  -0.0196 46  ARG A NH2 
357 N  N   . MET A 47 ? 0.3585 0.1850 0.1788 0.1081  0.0195  -0.0031 47  MET A N   
358 C  CA  . MET A 47 ? 0.3888 0.2214 0.1705 0.1235  -0.0070 -0.0265 47  MET A CA  
359 C  C   . MET A 47 ? 0.3971 0.2166 0.1431 0.1160  -0.0392 -0.0226 47  MET A C   
360 O  O   . MET A 47 ? 0.4709 0.3048 0.1390 0.0842  -0.0609 0.0065  47  MET A O   
361 C  CB  . MET A 47 ? 0.4440 0.2648 0.1513 0.1424  -0.0053 -0.0496 47  MET A CB  
362 C  CG  . MET A 47 ? 0.5445 0.2850 0.2164 0.2220  -0.0789 -0.0842 47  MET A CG  
363 S  SD  . MET A 47 ? 0.5577 0.3762 0.2858 0.2150  0.0611  -0.0102 47  MET A SD  
364 C  CE  . MET A 47 ? 0.7567 0.4628 0.2757 0.1880  0.0819  -0.0472 47  MET A CE  
365 N  N   . LEU A 48 ? 0.3678 0.1957 0.1666 0.1015  -0.0263 -0.0416 48  LEU A N   
366 C  CA  . LEU A 48 ? 0.3822 0.1955 0.1795 0.1087  -0.0181 0.0031  48  LEU A CA  
367 C  C   . LEU A 48 ? 0.3513 0.2014 0.2244 0.1059  -0.0162 0.0344  48  LEU A C   
368 O  O   . LEU A 48 ? 0.4033 0.2112 0.4045 0.0879  0.0004  -0.0176 48  LEU A O   
369 C  CB  . LEU A 48 ? 0.3706 0.2023 0.2051 0.1050  -0.0160 -0.0144 48  LEU A CB  
370 C  CG  . LEU A 48 ? 0.3838 0.2171 0.1445 0.1208  -0.0093 -0.0264 48  LEU A CG  
371 C  CD1 . LEU A 48 ? 0.3814 0.2043 0.1639 0.1322  -0.0541 -0.0151 48  LEU A CD1 
372 C  CD2 . LEU A 48 ? 0.4589 0.2138 0.1291 0.1279  -0.0303 -0.0112 48  LEU A CD2 
373 N  N   . GLY A 49 ? 0.3605 0.1808 0.1625 0.1271  -0.0192 0.0139  49  GLY A N   
374 C  CA  . GLY A 49 ? 0.3626 0.2400 0.1616 0.1280  -0.0339 0.0246  49  GLY A CA  
375 C  C   . GLY A 49 ? 0.3259 0.2389 0.1829 0.1270  -0.0195 0.0190  49  GLY A C   
376 O  O   . GLY A 49 ? 0.3364 0.2798 0.2480 0.1902  -0.0282 0.0097  49  GLY A O   
377 N  N   . GLN A 50 ? 0.3253 0.2297 0.1586 0.1283  -0.0305 0.0151  50  GLN A N   
378 C  CA  . GLN A 50 ? 0.2854 0.2593 0.1492 0.1141  -0.0507 0.0099  50  GLN A CA  
379 C  C   . GLN A 50 ? 0.2947 0.2860 0.1479 0.1054  -0.0289 -0.0034 50  GLN A C   
380 O  O   . GLN A 50 ? 0.3210 0.3667 0.2087 0.0944  -0.0033 -0.0277 50  GLN A O   
381 C  CB  . GLN A 50 ? 0.3141 0.2417 0.1905 0.1300  -0.0361 0.0486  50  GLN A CB  
382 C  CG  . GLN A 50 ? 0.3123 0.2456 0.1552 0.1392  -0.0168 -0.0001 50  GLN A CG  
383 C  CD  . GLN A 50 ? 0.3281 0.1454 0.2164 0.1289  -0.0695 0.0049  50  GLN A CD  
384 O  OE1 . GLN A 50 ? 0.3409 0.2023 0.1608 0.1176  -0.0154 -0.0094 50  GLN A OE1 
385 N  NE2 . GLN A 50 ? 0.3990 0.1943 0.1774 0.1309  -0.0513 0.0112  50  GLN A NE2 
386 N  N   . ASN A 51 ? 0.3211 0.2403 0.1496 0.1324  -0.0273 -0.0081 51  ASN A N   
387 C  CA  . ASN A 51 ? 0.3093 0.2071 0.1696 0.1197  -0.0225 0.0083  51  ASN A CA  
388 C  C   . ASN A 51 ? 0.2905 0.2365 0.1845 0.1231  -0.0227 -0.0127 51  ASN A C   
389 O  O   . ASN A 51 ? 0.3221 0.2272 0.1804 0.1464  0.0004  0.0080  51  ASN A O   
390 C  CB  . ASN A 51 ? 0.3400 0.2204 0.1932 0.1509  -0.0707 -0.0259 51  ASN A CB  
391 C  CG  A ASN A 51 ? 0.3680 0.2834 0.2524 0.1482  0.0131  0.0234  51  ASN A CG  
392 C  CG  B ASN A 51 ? 0.1974 0.2868 0.1649 0.1574  -0.0652 -0.0224 51  ASN A CG  
393 O  OD1 A ASN A 51 ? 0.4035 0.3209 0.4106 0.2043  0.0088  -0.0245 51  ASN A OD1 
394 O  OD1 B ASN A 51 ? 0.2258 0.3557 0.2463 0.1590  -0.0912 -0.0291 51  ASN A OD1 
395 N  ND2 A ASN A 51 ? 0.3758 0.1318 0.4352 0.0923  -0.0411 0.0661  51  ASN A ND2 
396 N  ND2 B ASN A 51 ? 0.2892 0.3514 0.1739 0.1271  -0.0799 0.0816  51  ASN A ND2 
397 N  N   . PRO A 52 ? 0.2926 0.2255 0.1897 0.1234  -0.0335 -0.0041 52  PRO A N   
398 C  CA  . PRO A 52 ? 0.3383 0.1802 0.2048 0.1270  -0.0360 -0.0109 52  PRO A CA  
399 C  C   . PRO A 52 ? 0.3510 0.2189 0.1846 0.1276  -0.0316 0.0096  52  PRO A C   
400 O  O   . PRO A 52 ? 0.4042 0.2569 0.2039 0.0759  -0.0461 0.0008  52  PRO A O   
401 C  CB  . PRO A 52 ? 0.3111 0.2058 0.2232 0.1326  -0.0436 -0.0055 52  PRO A CB  
402 C  CG  . PRO A 52 ? 0.2979 0.2577 0.1786 0.1284  -0.0238 -0.0392 52  PRO A CG  
403 C  CD  . PRO A 52 ? 0.2724 0.1899 0.2411 0.1332  -0.0251 -0.0524 52  PRO A CD  
404 N  N   . THR A 53 ? 0.4525 0.2413 0.2024 0.1033  -0.0707 -0.0094 53  THR A N   
405 C  CA  . THR A 53 ? 0.5190 0.2654 0.2216 0.0808  -0.0723 -0.0204 53  THR A CA  
406 C  C   . THR A 53 ? 0.5243 0.2792 0.2678 0.0362  -0.1336 0.0159  53  THR A C   
407 O  O   . THR A 53 ? 0.5272 0.2267 0.2160 0.0584  -0.1508 0.0245  53  THR A O   
408 C  CB  . THR A 53 ? 0.5367 0.3582 0.2150 0.0874  -0.0624 -0.0165 53  THR A CB  
409 O  OG1 . THR A 53 ? 0.7035 0.2860 0.2187 0.1069  -0.0220 -0.0448 53  THR A OG1 
410 C  CG2 . THR A 53 ? 0.5795 0.2797 0.2728 0.1675  -0.0089 -0.0483 53  THR A CG2 
411 N  N   . PRO A 54 ? 0.5644 0.3075 0.3058 0.0129  -0.1438 0.0263  54  PRO A N   
412 C  CA  . PRO A 54 ? 0.5401 0.3250 0.3398 -0.0015 -0.1537 0.0431  54  PRO A CA  
413 C  C   . PRO A 54 ? 0.5354 0.3293 0.3305 -0.0032 -0.1365 0.0183  54  PRO A C   
414 O  O   . PRO A 54 ? 0.4453 0.3626 0.3449 0.0151  -0.1739 0.0550  54  PRO A O   
415 C  CB  . PRO A 54 ? 0.5610 0.3458 0.3628 -0.0241 -0.1631 0.0272  54  PRO A CB  
416 C  CG  . PRO A 54 ? 0.5503 0.3751 0.3843 -0.0231 -0.1533 0.0687  54  PRO A CG  
417 C  CD  . PRO A 54 ? 0.5748 0.3117 0.3021 -0.0053 -0.1539 0.0101  54  PRO A CD  
418 N  N   . GLU A 55 ? 0.5454 0.3428 0.2839 0.0270  -0.1406 0.0304  55  GLU A N   
419 C  CA  . GLU A 55 ? 0.5501 0.3417 0.2814 0.0493  -0.1096 0.0077  55  GLU A CA  
420 C  C   . GLU A 55 ? 0.5018 0.3102 0.2402 0.0482  -0.1442 -0.0103 55  GLU A C   
421 O  O   . GLU A 55 ? 0.5105 0.2834 0.2419 0.0776  -0.1731 0.0008  55  GLU A O   
422 C  CB  . GLU A 55 ? 0.6133 0.3567 0.3073 0.0531  -0.0833 -0.0519 55  GLU A CB  
423 N  N   . GLU A 56 ? 0.4375 0.2878 0.1984 0.0638  -0.1321 -0.0291 56  GLU A N   
424 C  CA  . GLU A 56 ? 0.3655 0.3132 0.2029 0.0558  -0.0938 -0.0046 56  GLU A CA  
425 C  C   . GLU A 56 ? 0.3392 0.3108 0.2088 0.0518  -0.0885 0.0102  56  GLU A C   
426 O  O   . GLU A 56 ? 0.3110 0.2547 0.1950 0.0890  -0.0691 0.0129  56  GLU A O   
427 C  CB  . GLU A 56 ? 0.3476 0.2571 0.1347 0.0864  -0.1046 -0.0062 56  GLU A CB  
428 C  CG  . GLU A 56 ? 0.2854 0.2774 0.1658 0.0510  -0.0847 0.0078  56  GLU A CG  
429 C  CD  . GLU A 56 ? 0.3131 0.2963 0.1784 0.1332  -0.0564 0.0344  56  GLU A CD  
430 O  OE1 . GLU A 56 ? 0.3399 0.2728 0.1367 0.1005  -0.0669 -0.0047 56  GLU A OE1 
431 O  OE2 . GLU A 56 ? 0.3026 0.3548 0.2186 0.1241  -0.0604 0.0469  56  GLU A OE2 
432 N  N   . LEU A 57 ? 0.3482 0.3581 0.2314 0.0458  -0.0891 0.0522  57  LEU A N   
433 C  CA  . LEU A 57 ? 0.3386 0.3840 0.2082 0.0384  -0.1019 0.0728  57  LEU A CA  
434 C  C   . LEU A 57 ? 0.3464 0.4098 0.2070 0.0455  -0.0928 0.0661  57  LEU A C   
435 O  O   . LEU A 57 ? 0.3100 0.3941 0.2423 0.0621  -0.0435 0.0702  57  LEU A O   
436 C  CB  . LEU A 57 ? 0.3874 0.4165 0.2606 0.0266  -0.0818 0.0967  57  LEU A CB  
437 C  CG  . LEU A 57 ? 0.4149 0.3554 0.2166 -0.0170 -0.0904 0.0817  57  LEU A CG  
438 C  CD1 . LEU A 57 ? 0.4289 0.4487 0.2487 -0.0212 -0.0952 0.0854  57  LEU A CD1 
439 C  CD2 . LEU A 57 ? 0.4006 0.3843 0.2273 0.1806  -0.0937 -0.0075 57  LEU A CD2 
440 N  N   . GLN A 58 ? 0.3596 0.4007 0.2201 0.0424  -0.0944 0.0462  58  GLN A N   
441 C  CA  . GLN A 58 ? 0.3747 0.4297 0.2600 0.0533  -0.1105 0.0425  58  GLN A CA  
442 C  C   . GLN A 58 ? 0.3364 0.3813 0.2336 0.0861  -0.1102 0.0542  58  GLN A C   
443 O  O   . GLN A 58 ? 0.3703 0.3811 0.2414 0.1076  -0.0754 0.0568  58  GLN A O   
444 C  CB  . GLN A 58 ? 0.4025 0.4777 0.2415 0.0357  -0.1347 0.0569  58  GLN A CB  
445 C  CG  . GLN A 58 ? 0.4755 0.5801 0.3986 0.0424  -0.1367 0.0729  58  GLN A CG  
446 C  CD  . GLN A 58 ? 0.4294 0.7113 0.5019 0.0036  -0.0634 0.0832  58  GLN A CD  
447 O  OE1 . GLN A 58 ? 0.4854 0.7570 0.5408 -0.0277 -0.0316 0.1264  58  GLN A OE1 
448 N  NE2 . GLN A 58 ? 0.3942 0.7069 0.4995 0.0035  -0.1468 0.1108  58  GLN A NE2 
449 N  N   . GLU A 59 ? 0.3337 0.3774 0.1996 0.0740  -0.1007 0.0502  59  GLU A N   
450 C  CA  . GLU A 59 ? 0.3250 0.3532 0.1958 0.1025  -0.0818 0.0340  59  GLU A CA  
451 C  C   . GLU A 59 ? 0.3423 0.3639 0.2014 0.0937  -0.0436 0.0479  59  GLU A C   
452 O  O   . GLU A 59 ? 0.3096 0.3653 0.2184 0.1261  -0.0321 0.0553  59  GLU A O   
453 C  CB  . GLU A 59 ? 0.3432 0.3952 0.2414 0.1185  -0.0367 0.0542  59  GLU A CB  
454 C  CG  . GLU A 59 ? 0.3381 0.4342 0.2558 0.1142  -0.0976 0.0403  59  GLU A CG  
455 C  CD  . GLU A 59 ? 0.3313 0.4329 0.1874 0.0915  -0.1309 0.0130  59  GLU A CD  
456 O  OE1 . GLU A 59 ? 0.4515 0.5038 0.2871 0.0285  -0.1025 -0.0061 59  GLU A OE1 
457 O  OE2 . GLU A 59 ? 0.3761 0.4537 0.3289 0.0292  0.0481  -0.0457 59  GLU A OE2 
458 N  N   . MET A 60 ? 0.3124 0.3131 0.1629 0.1163  -0.0494 0.0164  60  MET A N   
459 C  CA  . MET A 60 ? 0.3254 0.3035 0.2325 0.1171  -0.0522 -0.0015 60  MET A CA  
460 C  C   . MET A 60 ? 0.3316 0.3227 0.2539 0.1205  -0.0531 0.0067  60  MET A C   
461 O  O   . MET A 60 ? 0.3673 0.3196 0.2472 0.1284  -0.0569 0.0140  60  MET A O   
462 C  CB  . MET A 60 ? 0.3304 0.3211 0.2235 0.1330  -0.0608 -0.0103 60  MET A CB  
463 C  CG  . MET A 60 ? 0.3573 0.2654 0.2312 0.1011  -0.0728 0.0008  60  MET A CG  
464 S  SD  . MET A 60 ? 0.3899 0.4078 0.2553 0.1108  -0.0632 -0.0783 60  MET A SD  
465 C  CE  . MET A 60 ? 0.4483 0.4623 0.1933 -0.0079 -0.1203 0.0714  60  MET A CE  
466 N  N   . ILE A 61 ? 0.3310 0.3604 0.2262 0.1207  -0.0478 0.0053  61  ILE A N   
467 C  CA  . ILE A 61 ? 0.3619 0.4110 0.2655 0.1246  -0.0263 0.0176  61  ILE A CA  
468 C  C   . ILE A 61 ? 0.3618 0.3961 0.2994 0.1434  -0.0372 0.0296  61  ILE A C   
469 O  O   . ILE A 61 ? 0.4279 0.4074 0.2664 0.1387  -0.0173 0.0165  61  ILE A O   
470 C  CB  . ILE A 61 ? 0.3565 0.4188 0.3087 0.1163  -0.0286 0.0357  61  ILE A CB  
471 C  CG1 . ILE A 61 ? 0.3746 0.4558 0.3207 0.1122  -0.0029 0.0230  61  ILE A CG1 
472 C  CG2 . ILE A 61 ? 0.3338 0.4668 0.3430 0.1326  0.0137  0.0177  61  ILE A CG2 
473 C  CD1 . ILE A 61 ? 0.4700 0.4696 0.3385 0.1186  -0.0038 0.0738  61  ILE A CD1 
474 N  N   . ASP A 62 ? 0.3440 0.3796 0.2532 0.1256  -0.0324 0.0300  62  ASP A N   
475 C  CA  . ASP A 62 ? 0.3418 0.3722 0.2675 0.1130  -0.0558 0.0413  62  ASP A CA  
476 C  C   . ASP A 62 ? 0.3641 0.3385 0.2301 0.1097  -0.0521 0.0405  62  ASP A C   
477 O  O   . ASP A 62 ? 0.3629 0.3725 0.2862 0.1034  -0.0529 0.0640  62  ASP A O   
478 C  CB  . ASP A 62 ? 0.3979 0.3513 0.2800 0.0918  -0.0823 0.0300  62  ASP A CB  
479 C  CG  . ASP A 62 ? 0.3721 0.4437 0.3799 0.0833  -0.0711 0.0452  62  ASP A CG  
480 O  OD1 . ASP A 62 ? 0.3409 0.5174 0.3101 0.0785  -0.1082 0.0691  62  ASP A OD1 
481 O  OD2 . ASP A 62 ? 0.5232 0.4132 0.4569 0.1293  -0.0715 0.0527  62  ASP A OD2 
482 N  N   . GLU A 63 ? 0.3374 0.3225 0.2282 0.1203  -0.0149 0.0310  63  GLU A N   
483 C  CA  . GLU A 63 ? 0.3918 0.3185 0.2305 0.0983  0.0062  0.0125  63  GLU A CA  
484 C  C   . GLU A 63 ? 0.4270 0.3294 0.2317 0.1072  -0.0083 0.0101  63  GLU A C   
485 O  O   . GLU A 63 ? 0.4965 0.3354 0.2999 0.0984  -0.0022 -0.0100 63  GLU A O   
486 C  CB  . GLU A 63 ? 0.3875 0.2981 0.1853 0.0907  0.0046  0.0347  63  GLU A CB  
487 C  CG  . GLU A 63 ? 0.3474 0.3134 0.1216 0.1016  -0.0232 0.0146  63  GLU A CG  
488 C  CD  . GLU A 63 ? 0.3014 0.3004 0.1719 0.0799  -0.0635 0.0855  63  GLU A CD  
489 O  OE1 . GLU A 63 ? 0.3314 0.3574 0.1870 0.0906  -0.0722 0.0571  63  GLU A OE1 
490 O  OE2 . GLU A 63 ? 0.3224 0.3033 0.1513 0.0844  -0.0594 0.0516  63  GLU A OE2 
491 N  N   . VAL A 64 ? 0.4642 0.3410 0.2285 0.1115  -0.0126 -0.0043 64  VAL A N   
492 C  CA  . VAL A 64 ? 0.4688 0.3147 0.3072 0.1382  -0.0145 -0.0327 64  VAL A CA  
493 C  C   . VAL A 64 ? 0.5076 0.4219 0.3901 0.1047  0.0007  -0.0504 64  VAL A C   
494 O  O   . VAL A 64 ? 0.4747 0.3992 0.3599 0.1275  -0.0099 -0.0803 64  VAL A O   
495 C  CB  . VAL A 64 ? 0.4641 0.3071 0.2846 0.1465  -0.0124 -0.0339 64  VAL A CB  
496 C  CG1 . VAL A 64 ? 0.4703 0.3288 0.3401 0.1338  -0.0087 -0.0433 64  VAL A CG1 
497 C  CG2 . VAL A 64 ? 0.4672 0.3816 0.3104 0.1203  -0.0265 -0.0754 64  VAL A CG2 
498 N  N   . ASP A 65 ? 0.5149 0.4667 0.4335 0.0966  0.0084  -0.0580 65  ASP A N   
499 C  CA  . ASP A 65 ? 0.5471 0.4650 0.4388 0.1136  0.0181  -0.0534 65  ASP A CA  
500 C  C   . ASP A 65 ? 0.5926 0.4962 0.4241 0.1054  0.0073  -0.0295 65  ASP A C   
501 O  O   . ASP A 65 ? 0.6232 0.5323 0.3824 0.0964  -0.0084 -0.0406 65  ASP A O   
502 C  CB  . ASP A 65 ? 0.5325 0.4646 0.4352 0.1163  0.0490  -0.0496 65  ASP A CB  
503 C  CG  . ASP A 65 ? 0.5408 0.4823 0.4670 0.0918  0.0468  -0.0576 65  ASP A CG  
504 O  OD1 . ASP A 65 ? 0.5842 0.4637 0.5291 0.0787  0.0121  -0.0362 65  ASP A OD1 
505 O  OD2 . ASP A 65 ? 0.3859 0.3736 0.4082 0.0877  0.0894  -0.0928 65  ASP A OD2 
506 N  N   . GLU A 66 ? 0.6050 0.4681 0.3998 0.1216  -0.0249 -0.0278 66  GLU A N   
507 C  CA  . GLU A 66 ? 0.6135 0.4104 0.3875 0.1314  -0.0466 -0.0041 66  GLU A CA  
508 C  C   . GLU A 66 ? 0.6490 0.4735 0.4223 0.1260  -0.0485 -0.0110 66  GLU A C   
509 O  O   . GLU A 66 ? 0.6952 0.4913 0.4604 0.1234  -0.0757 -0.0235 66  GLU A O   
510 C  CB  . GLU A 66 ? 0.5997 0.3830 0.3540 0.1355  -0.0683 0.0229  66  GLU A CB  
511 C  CG  . GLU A 66 ? 0.6040 0.1946 0.2689 0.1568  -0.0667 0.0277  66  GLU A CG  
512 C  CD  . GLU A 66 ? 0.5740 0.1787 0.2932 0.1545  -0.0238 -0.0228 66  GLU A CD  
513 O  OE1 . GLU A 66 ? 0.6969 0.2702 0.3755 0.1531  0.0180  0.0083  66  GLU A OE1 
514 O  OE2 . GLU A 66 ? 0.5530 0.3076 0.3494 0.1822  -0.0663 -0.0898 66  GLU A OE2 
515 N  N   . GLY A 70 ? 0.6140 0.4653 0.2221 0.0602  -0.1082 -0.0418 70  GLY A N   
516 C  CA  . GLY A 70 ? 0.5713 0.3711 0.2986 0.0583  -0.0485 -0.0482 70  GLY A CA  
517 C  C   . GLY A 70 ? 0.5220 0.3454 0.2931 0.0543  -0.0622 -0.0529 70  GLY A C   
518 O  O   . GLY A 70 ? 0.5066 0.3320 0.2486 0.0770  -0.0624 -0.0636 70  GLY A O   
519 N  N   . THR A 71 ? 0.4338 0.3212 0.2941 0.0483  -0.0728 -0.0610 71  THR A N   
520 C  CA  . THR A 71 ? 0.3887 0.2586 0.2330 0.0656  -0.0550 -0.0367 71  THR A CA  
521 C  C   . THR A 71 ? 0.3507 0.1970 0.2068 0.0702  -0.0381 -0.0148 71  THR A C   
522 O  O   . THR A 71 ? 0.3680 0.2789 0.2359 0.0702  -0.0190 0.0379  71  THR A O   
523 C  CB  . THR A 71 ? 0.3428 0.3118 0.2618 0.0215  -0.0539 -0.0706 71  THR A CB  
524 O  OG1 . THR A 71 ? 0.3732 0.3466 0.4496 0.1038  -0.0326 -0.0648 71  THR A OG1 
525 C  CG2 . THR A 71 ? 0.3975 0.3790 0.3204 0.0206  -0.0335 -0.0691 71  THR A CG2 
526 N  N   . VAL A 72 ? 0.2844 0.1748 0.2166 0.0969  -0.0440 -0.0306 72  VAL A N   
527 C  CA  . VAL A 72 ? 0.2811 0.1539 0.1819 0.1108  -0.0145 -0.0438 72  VAL A CA  
528 C  C   . VAL A 72 ? 0.2552 0.1212 0.1886 0.0831  0.0111  -0.0257 72  VAL A C   
529 O  O   . VAL A 72 ? 0.3056 0.1349 0.1847 0.0883  0.0136  -0.0002 72  VAL A O   
530 C  CB  . VAL A 72 ? 0.2853 0.1721 0.2066 0.1232  -0.0058 -0.0446 72  VAL A CB  
531 C  CG1 . VAL A 72 ? 0.2703 0.1901 0.2592 0.1240  -0.0317 -0.0437 72  VAL A CG1 
532 C  CG2 . VAL A 72 ? 0.3201 0.2739 0.1966 0.0818  -0.0138 -0.0641 72  VAL A CG2 
533 N  N   . ASP A 73 ? 0.2521 0.1415 0.1741 0.0961  -0.0277 -0.0205 73  ASP A N   
534 C  CA  . ASP A 73 ? 0.2531 0.1182 0.2180 0.1028  -0.0080 -0.0197 73  ASP A CA  
535 C  C   . ASP A 73 ? 0.2636 0.1457 0.1797 0.1149  -0.0215 -0.0079 73  ASP A C   
536 O  O   . ASP A 73 ? 0.2631 0.1584 0.1739 0.1185  0.0048  -0.0192 73  ASP A O   
537 C  CB  . ASP A 73 ? 0.2779 0.1482 0.2675 0.1290  -0.0185 -0.0068 73  ASP A CB  
538 C  CG  . ASP A 73 ? 0.2665 0.1791 0.1990 0.0675  -0.0060 0.0204  73  ASP A CG  
539 O  OD1 . ASP A 73 ? 0.2820 0.2023 0.1915 0.0775  -0.0003 -0.0176 73  ASP A OD1 
540 O  OD2 . ASP A 73 ? 0.3201 0.1267 0.3042 0.0966  -0.0370 0.0327  73  ASP A OD2 
541 N  N   . PHE A 74 ? 0.2685 0.1452 0.1812 0.0971  -0.0302 -0.0204 74  PHE A N   
542 C  CA  . PHE A 74 ? 0.2651 0.1824 0.1564 0.0756  -0.0149 -0.0300 74  PHE A CA  
543 C  C   . PHE A 74 ? 0.2490 0.1419 0.2009 0.0875  -0.0247 -0.0241 74  PHE A C   
544 O  O   . PHE A 74 ? 0.2706 0.1499 0.1597 0.1214  -0.0279 -0.0360 74  PHE A O   
545 C  CB  . PHE A 74 ? 0.3174 0.1786 0.1836 0.0922  -0.0336 -0.0419 74  PHE A CB  
546 C  CG  . PHE A 74 ? 0.3189 0.2375 0.1967 0.1091  0.0036  -0.0063 74  PHE A CG  
547 C  CD1 . PHE A 74 ? 0.2985 0.2829 0.1923 0.1234  0.0025  0.0557  74  PHE A CD1 
548 C  CD2 . PHE A 74 ? 0.3440 0.3165 0.2445 0.0504  -0.0351 -0.0041 74  PHE A CD2 
549 C  CE1 . PHE A 74 ? 0.3337 0.3587 0.2175 0.0878  0.0037  0.0238  74  PHE A CE1 
550 C  CE2 . PHE A 74 ? 0.3622 0.4055 0.2262 0.0933  0.0363  -0.0547 74  PHE A CE2 
551 C  CZ  . PHE A 74 ? 0.3133 0.4527 0.1800 0.0619  -0.0697 0.0166  74  PHE A CZ  
552 N  N   . ASP A 75 ? 0.2900 0.1568 0.1720 0.0794  -0.0095 -0.0260 75  ASP A N   
553 C  CA  . ASP A 75 ? 0.2788 0.1358 0.1783 0.0861  -0.0249 -0.0314 75  ASP A CA  
554 C  C   . ASP A 75 ? 0.2648 0.1622 0.1686 0.1005  -0.0408 -0.0163 75  ASP A C   
555 O  O   . ASP A 75 ? 0.2633 0.2003 0.1903 0.0965  -0.0223 -0.0241 75  ASP A O   
556 C  CB  . ASP A 75 ? 0.2883 0.1300 0.2067 0.1282  -0.0277 -0.0174 75  ASP A CB  
557 C  CG  . ASP A 75 ? 0.2805 0.1239 0.2366 0.1050  -0.0835 -0.0189 75  ASP A CG  
558 O  OD1 . ASP A 75 ? 0.2960 0.1815 0.2586 0.1139  -0.0113 -0.0346 75  ASP A OD1 
559 O  OD2 . ASP A 75 ? 0.2820 0.2603 0.2137 0.1365  -0.0526 0.0148  75  ASP A OD2 
560 N  N   . GLU A 76 ? 0.2854 0.1477 0.1745 0.0892  -0.0322 -0.0250 76  GLU A N   
561 C  CA  . GLU A 76 ? 0.2469 0.1766 0.1890 0.1319  -0.0446 -0.0061 76  GLU A CA  
562 C  C   . GLU A 76 ? 0.2431 0.1712 0.1548 0.1378  0.0013  -0.0002 76  GLU A C   
563 O  O   . GLU A 76 ? 0.2855 0.1820 0.1445 0.1398  0.0002  -0.0154 76  GLU A O   
564 C  CB  . GLU A 76 ? 0.2639 0.1675 0.1770 0.1226  -0.0435 -0.0285 76  GLU A CB  
565 C  CG  . GLU A 76 ? 0.2783 0.1614 0.1665 0.1287  -0.0604 0.0190  76  GLU A CG  
566 C  CD  . GLU A 76 ? 0.2490 0.2016 0.2026 0.1262  -0.0461 0.0250  76  GLU A CD  
567 O  OE1 . GLU A 76 ? 0.3269 0.2009 0.2562 0.0907  -0.0143 0.0158  76  GLU A OE1 
568 O  OE2 . GLU A 76 ? 0.3380 0.3661 0.3564 0.1010  -0.0761 0.1678  76  GLU A OE2 
569 N  N   . PHE A 77 ? 0.2779 0.1401 0.1487 0.1157  0.0088  -0.0031 77  PHE A N   
570 C  CA  . PHE A 77 ? 0.2698 0.1570 0.1594 0.0973  0.0176  0.0149  77  PHE A CA  
571 C  C   . PHE A 77 ? 0.2545 0.1276 0.1597 0.1212  -0.0062 -0.0015 77  PHE A C   
572 O  O   . PHE A 77 ? 0.2747 0.1538 0.1778 0.1235  -0.0063 -0.0108 77  PHE A O   
573 C  CB  . PHE A 77 ? 0.2872 0.1942 0.1470 0.1351  0.0063  0.0331  77  PHE A CB  
574 C  CG  . PHE A 77 ? 0.2922 0.1890 0.2079 0.1159  0.0367  0.0350  77  PHE A CG  
575 C  CD1 . PHE A 77 ? 0.3753 0.1365 0.2779 0.1280  0.0408  0.0326  77  PHE A CD1 
576 C  CD2 . PHE A 77 ? 0.3572 0.3270 0.2411 0.0765  -0.0108 0.0690  77  PHE A CD2 
577 C  CE1 . PHE A 77 ? 0.3448 0.2597 0.2275 0.1634  0.0251  0.0344  77  PHE A CE1 
578 C  CE2 . PHE A 77 ? 0.3719 0.1475 0.3254 0.1015  0.0908  0.0075  77  PHE A CE2 
579 C  CZ  . PHE A 77 ? 0.3362 0.2703 0.2045 0.1643  -0.0460 0.0591  77  PHE A CZ  
580 N  N   . LEU A 78 ? 0.2877 0.1540 0.1690 0.1023  -0.0261 -0.0034 78  LEU A N   
581 C  CA  . LEU A 78 ? 0.2736 0.1365 0.1604 0.0868  -0.0188 -0.0433 78  LEU A CA  
582 C  C   . LEU A 78 ? 0.2637 0.1539 0.1552 0.1158  -0.0053 -0.0145 78  LEU A C   
583 O  O   . LEU A 78 ? 0.2543 0.1809 0.1996 0.1199  -0.0214 -0.0165 78  LEU A O   
584 C  CB  . LEU A 78 ? 0.2701 0.1681 0.1878 0.1022  -0.0282 -0.0462 78  LEU A CB  
585 C  CG  . LEU A 78 ? 0.3641 0.2012 0.1381 0.1353  -0.0432 -0.0398 78  LEU A CG  
586 C  CD1 . LEU A 78 ? 0.3739 0.1460 0.1991 0.1068  -0.0276 -0.0563 78  LEU A CD1 
587 C  CD2 . LEU A 78 ? 0.3143 0.2149 0.1969 0.1065  -0.0200 -0.0084 78  LEU A CD2 
588 N  N   . VAL A 79 ? 0.3109 0.1940 0.1342 0.0881  0.0020  -0.0086 79  VAL A N   
589 C  CA  . VAL A 79 ? 0.3235 0.1491 0.1661 0.0997  -0.0021 0.0188  79  VAL A CA  
590 C  C   . VAL A 79 ? 0.2511 0.1706 0.1600 0.1051  -0.0091 -0.0047 79  VAL A C   
591 O  O   . VAL A 79 ? 0.2856 0.1884 0.1474 0.1237  -0.0119 -0.0055 79  VAL A O   
592 C  CB  . VAL A 79 ? 0.3506 0.1457 0.1848 0.1301  -0.0062 0.0001  79  VAL A CB  
593 C  CG1 . VAL A 79 ? 0.3387 0.2331 0.1760 0.1250  0.0111  -0.0183 79  VAL A CG1 
594 C  CG2 . VAL A 79 ? 0.3932 0.1448 0.2680 0.1126  0.0633  0.0182  79  VAL A CG2 
595 N  N   . MET A 80 ? 0.2584 0.1489 0.1582 0.0988  -0.0244 -0.0051 80  MET A N   
596 C  CA  . MET A 80 ? 0.2457 0.1768 0.1590 0.0881  -0.0548 -0.0100 80  MET A CA  
597 C  C   . MET A 80 ? 0.2484 0.2027 0.1188 0.0956  -0.0107 0.0109  80  MET A C   
598 O  O   . MET A 80 ? 0.2689 0.1889 0.1732 0.1292  -0.0075 -0.0180 80  MET A O   
599 C  CB  . MET A 80 ? 0.2444 0.1896 0.1803 0.0933  -0.0327 -0.0054 80  MET A CB  
600 C  CG  . MET A 80 ? 0.2760 0.2174 0.2538 0.0931  -0.0736 -0.0028 80  MET A CG  
601 S  SD  . MET A 80 ? 0.3106 0.2722 0.2985 0.0670  -0.0752 0.0453  80  MET A SD  
602 C  CE  . MET A 80 ? 0.4171 0.3027 0.3437 0.2245  -0.0784 -0.0339 80  MET A CE  
603 N  N   . MET A 81 ? 0.2608 0.1700 0.1340 0.1020  -0.0182 0.0132  81  MET A N   
604 C  CA  . MET A 81 ? 0.2763 0.1961 0.1211 0.1199  -0.0117 0.0161  81  MET A CA  
605 C  C   . MET A 81 ? 0.2589 0.1832 0.1448 0.0941  -0.0082 -0.0160 81  MET A C   
606 O  O   . MET A 81 ? 0.2664 0.2226 0.1511 0.1426  -0.0014 -0.0131 81  MET A O   
607 C  CB  . MET A 81 ? 0.3288 0.1761 0.0954 0.0794  0.0051  -0.0078 81  MET A CB  
608 C  CG  . MET A 81 ? 0.3127 0.1649 0.2074 0.1349  0.0191  0.0155  81  MET A CG  
609 S  SD  . MET A 81 ? 0.3332 0.1858 0.1576 0.1187  -0.0185 -0.0094 81  MET A SD  
610 C  CE  . MET A 81 ? 0.3652 0.1666 0.1793 0.1295  -0.0435 -0.0043 81  MET A CE  
611 N  N   . VAL A 82 ? 0.2491 0.2140 0.1261 0.0735  -0.0275 -0.0107 82  VAL A N   
612 C  CA  . VAL A 82 ? 0.2738 0.2263 0.1677 0.0732  -0.0272 -0.0360 82  VAL A CA  
613 C  C   . VAL A 82 ? 0.2242 0.2103 0.1302 0.0984  -0.0110 -0.0019 82  VAL A C   
614 O  O   . VAL A 82 ? 0.2708 0.2434 0.1665 0.1213  -0.0236 -0.0264 82  VAL A O   
615 C  CB  . VAL A 82 ? 0.3262 0.2485 0.1760 0.0549  0.0230  -0.0592 82  VAL A CB  
616 C  CG1 . VAL A 82 ? 0.3175 0.2712 0.2429 0.0606  0.0005  -0.0485 82  VAL A CG1 
617 C  CG2 . VAL A 82 ? 0.3352 0.2419 0.1894 0.0853  -0.0452 -0.0965 82  VAL A CG2 
618 N  N   . ARG A 83 ? 0.2582 0.1853 0.1182 0.1055  -0.0318 -0.0094 83  ARG A N   
619 C  CA  . ARG A 83 ? 0.2802 0.1685 0.1213 0.1033  -0.0307 -0.0305 83  ARG A CA  
620 C  C   . ARG A 83 ? 0.2529 0.1763 0.1036 0.1101  -0.0075 -0.0179 83  ARG A C   
621 O  O   . ARG A 83 ? 0.2536 0.2221 0.1206 0.1221  -0.0142 0.0031  83  ARG A O   
622 C  CB  . ARG A 83 ? 0.2945 0.1795 0.1622 0.0902  -0.0772 0.0152  83  ARG A CB  
623 C  CG  . ARG A 83 ? 0.2985 0.2357 0.1705 0.1134  -0.0474 0.0090  83  ARG A CG  
624 C  CD  . ARG A 83 ? 0.3147 0.2809 0.1435 0.0960  -0.0543 -0.0239 83  ARG A CD  
625 N  NE  . ARG A 83 ? 0.3335 0.3253 0.1563 0.1242  -0.0836 -0.0219 83  ARG A NE  
626 C  CZ  . ARG A 83 ? 0.2928 0.2906 0.1664 0.1767  -0.0390 -0.0258 83  ARG A CZ  
627 N  NH1 . ARG A 83 ? 0.3759 0.3628 0.1850 0.2186  -0.0360 0.0279  83  ARG A NH1 
628 N  NH2 . ARG A 83 ? 0.3692 0.3691 0.1441 0.1080  -0.0714 -0.0437 83  ARG A NH2 
629 N  N   . CYS A 84 ? 0.2576 0.1629 0.1259 0.1162  -0.0172 -0.0093 84  CYS A N   
630 C  CA  . CYS A 84 ? 0.2515 0.1626 0.1546 0.0947  -0.0173 -0.0180 84  CYS A CA  
631 C  C   . CYS A 84 ? 0.2371 0.2016 0.1103 0.1126  -0.0216 -0.0440 84  CYS A C   
632 O  O   . CYS A 84 ? 0.2400 0.2069 0.1267 0.1111  -0.0045 -0.0103 84  CYS A O   
633 C  CB  . CYS A 84 ? 0.2534 0.1950 0.1568 0.1044  -0.0075 0.0000  84  CYS A CB  
634 S  SG  . CYS A 84 ? 0.2733 0.1855 0.1564 0.1030  -0.0322 -0.0200 84  CYS A SG  
635 N  N   . MET A 85 ? 0.2386 0.1871 0.1123 0.1113  -0.0274 -0.0054 85  MET A N   
636 C  CA  . MET A 85 ? 0.2442 0.2046 0.0942 0.1071  -0.0374 -0.0411 85  MET A CA  
637 C  C   . MET A 85 ? 0.2459 0.2395 0.1136 0.1116  -0.0309 -0.0314 85  MET A C   
638 O  O   . MET A 85 ? 0.2662 0.3282 0.1539 0.1741  -0.0498 -0.0130 85  MET A O   
639 C  CB  . MET A 85 ? 0.2878 0.2029 0.1229 0.0900  -0.0229 -0.0355 85  MET A CB  
640 C  CG  . MET A 85 ? 0.3554 0.2395 0.1089 0.0938  0.0235  -0.0698 85  MET A CG  
641 S  SD  . MET A 85 ? 0.3543 0.2561 0.1718 0.1330  -0.0263 -0.0589 85  MET A SD  
642 C  CE  . MET A 85 ? 0.3540 0.3683 0.2314 0.1653  -0.0976 -0.0894 85  MET A CE  
643 N  N   . LYS A 86 ? 0.2472 0.2218 0.1219 0.0932  -0.0301 -0.0220 86  LYS A N   
644 C  CA  . LYS A 86 ? 0.2788 0.1855 0.1372 0.1118  -0.0052 -0.0027 86  LYS A CA  
645 C  C   . LYS A 86 ? 0.2643 0.2059 0.1502 0.1022  -0.0122 0.0126  86  LYS A C   
646 O  O   . LYS A 86 ? 0.3212 0.2426 0.1857 0.1091  0.0078  0.0028  86  LYS A O   
647 C  CB  . LYS A 86 ? 0.3051 0.2175 0.1658 0.0982  0.0133  0.0324  86  LYS A CB  
648 C  CG  . LYS A 86 ? 0.3560 0.2184 0.2766 0.0973  0.0415  -0.0288 86  LYS A CG  
649 C  CD  . LYS A 86 ? 0.3815 0.2027 0.3096 0.0310  0.0659  -0.0760 86  LYS A CD  
650 C  CE  . LYS A 86 ? 0.5175 0.2930 0.3671 0.0566  -0.0210 -0.1583 86  LYS A CE  
651 N  NZ  . LYS A 86 ? 0.6065 0.3421 0.4556 -0.0175 0.0196  -0.1173 86  LYS A NZ  
652 N  N   . ASP A 87 ? 0.2584 0.1974 0.1304 0.1068  -0.0463 -0.0210 87  ASP A N   
653 C  CA  . ASP A 87 ? 0.2744 0.1918 0.1463 0.1099  -0.0503 -0.0180 87  ASP A CA  
654 C  C   . ASP A 87 ? 0.3074 0.2235 0.1218 0.1056  -0.0646 -0.0168 87  ASP A C   
655 O  O   . ASP A 87 ? 0.3643 0.1983 0.1648 0.0929  -0.0853 -0.0428 87  ASP A O   
656 C  CB  . ASP A 87 ? 0.2649 0.2440 0.1124 0.0887  -0.0665 -0.0237 87  ASP A CB  
657 C  CG  . ASP A 87 ? 0.2350 0.1981 0.1992 0.0804  0.0782  -0.0762 87  ASP A CG  
658 O  OD1 . ASP A 87 ? 0.4130 0.2127 0.1215 0.1136  0.0013  -0.0209 87  ASP A OD1 
659 O  OD2 . ASP A 87 ? 0.2689 0.2717 0.1897 0.1484  -0.0525 -0.0377 87  ASP A OD2 
660 N  N   . ASP A 88 ? 0.3262 0.2075 0.1220 0.0965  -0.0780 -0.0044 88  ASP A N   
661 C  CA  . ASP A 88 ? 0.3194 0.2198 0.1300 0.0667  -0.0792 -0.0123 88  ASP A CA  
662 C  C   . ASP A 88 ? 0.3225 0.2721 0.1877 0.0825  -0.0897 0.0388  88  ASP A C   
663 O  O   . ASP A 88 ? 0.3215 0.3070 0.2645 0.1187  -0.0648 0.1066  88  ASP A O   
664 C  CB  . ASP A 88 ? 0.3070 0.2113 0.1621 0.0433  -0.1266 0.0231  88  ASP A CB  
665 C  CG  . ASP A 88 ? 0.2410 0.2002 0.1290 0.1017  -0.0516 0.0237  88  ASP A CG  
666 O  OD1 . ASP A 88 ? 0.2876 0.2147 0.1663 0.0745  -0.0767 0.0066  88  ASP A OD1 
667 O  OD2 . ASP A 88 ? 0.2753 0.2315 0.1592 0.0901  -0.0991 0.0117  88  ASP A OD2 
668 N  N   . SER A 89 ? 0.2920 0.2366 0.1428 0.1336  -0.0677 -0.0189 89  SER A N   
669 C  CA  . SER A 89 ? 0.2981 0.2834 0.1702 0.1205  -0.0646 -0.0222 89  SER A CA  
670 C  C   . SER A 89 ? 0.2957 0.2765 0.1526 0.1011  -0.0624 -0.0314 89  SER A C   
671 O  O   . SER A 89 ? 0.3347 0.3134 0.1312 0.0797  -0.0680 0.0118  89  SER A O   
672 C  CB  . SER A 89 ? 0.3184 0.3553 0.1294 0.1273  -0.0866 -0.0719 89  SER A CB  
673 O  OG  . SER A 89 ? 0.3800 0.4045 0.2565 0.1039  -0.0273 -0.0369 89  SER A OG  
674 O  OXT . SER A 89 ? 0.3076 0.2354 0.2038 0.1267  -0.0326 -0.0475 89  SER A OXT 
675 CD CD  . CD  B .  ? 0.2900 0.1828 0.2507 0.1052  0.0118  -0.0025 101 CD  A CD  
676 CD CD  . CD  C .  ? 0.2934 0.2309 0.1684 0.0962  -0.0393 -0.0294 102 CD  A CD  
677 CD CD  . CD  D .  ? 0.2869 0.1763 0.1430 0.1030  -0.0283 -0.0192 103 CD  A CD  
678 CD CD  . CD  E .  ? 0.2987 0.1777 0.2262 0.0938  -0.0093 -0.0046 104 CD  A CD  
679 CD CD  . CD  F .  ? 0.3035 0.1696 0.2272 0.1213  -0.0255 -0.0184 105 CD  A CD  
680 CD CD  . CD  G .  ? 0.4198 0.4044 0.1877 0.0762  -0.0969 0.0116  106 CD  A CD  
681 CD CD  . CD  H .  ? 0.3112 0.2656 0.2434 0.0946  -0.0527 -0.0310 107 CD  A CD  
682 C  C   . ACT I .  ? 0.4472 0.1970 0.2890 0.0497  0.0277  0.0162  90  ACT A C   
683 O  O   . ACT I .  ? 0.4603 0.2271 0.2900 0.0273  0.0525  0.0204  90  ACT A O   
684 O  OXT . ACT I .  ? 0.3680 0.1477 0.2956 0.0824  -0.0061 0.0309  90  ACT A OXT 
685 C  CH3 . ACT I .  ? 0.4997 0.2653 0.3000 0.0412  0.0223  0.0302  90  ACT A CH3 
686 C  C   . ACT J .  ? 0.4614 0.3459 0.4515 0.1386  -0.2537 -0.0216 91  ACT A C   
687 O  O   . ACT J .  ? 0.4716 0.2769 0.4767 0.1994  -0.1747 -0.1673 91  ACT A O   
688 O  OXT . ACT J .  ? 0.5588 0.4425 0.5390 0.0613  -0.2483 -0.0416 91  ACT A OXT 
689 C  CH3 . ACT J .  ? 0.5189 0.3038 0.4925 0.1855  -0.2311 -0.0452 91  ACT A CH3 
690 CA CA  . CA  K .  ? 0.3485 0.3217 0.2736 0.0737  -0.0653 0.0502  93  CA  A CA  
691 CA CA  . CA  L .  ? 0.5137 0.3529 0.3780 0.1939  -0.2626 -0.0079 94  CA  A CA  
692 O  O   . HOH M .  ? 0.3030 0.3363 0.1770 0.0993  -0.0331 0.0229  96  HOH A O   
693 O  O   . HOH M .  ? 0.2837 0.2624 0.3432 0.1488  -0.0216 -0.0327 97  HOH A O   
694 O  O   . HOH M .  ? 0.3086 0.1816 0.2323 0.1175  0.0079  -0.0407 98  HOH A O   
695 O  O   . HOH M .  ? 0.3280 0.2375 0.2781 0.1128  0.0630  0.0206  99  HOH A O   
696 O  O   . HOH M .  ? 0.4389 0.4372 0.2430 0.1582  -0.0131 -0.0978 100 HOH A O   
697 O  O   . HOH M .  ? 0.5598 0.3772 0.2908 0.1940  -0.0320 0.0910  108 HOH A O   
698 O  O   . HOH M .  ? 0.4114 0.5358 0.2663 0.1199  -0.1232 0.0519  109 HOH A O   
699 O  O   . HOH M .  ? 0.4477 0.3162 0.3052 0.0860  -0.0783 0.0662  110 HOH A O   
700 O  O   . HOH M .  ? 0.5719 0.2746 0.4452 0.1919  -0.0959 -0.0605 111 HOH A O   
701 O  O   . HOH M .  ? 0.6621 0.4684 0.2889 0.2517  0.0057  -0.1139 112 HOH A O   
702 O  O   . HOH M .  ? 0.3040 0.1826 0.3233 0.0601  0.0397  -0.1530 113 HOH A O   
703 O  O   . HOH M .  ? 0.4379 0.4523 0.2446 0.1041  -0.0461 -0.0150 114 HOH A O   
704 O  O   . HOH M .  ? 0.6031 0.3372 0.3107 0.2033  -0.0348 0.0014  115 HOH A O   
705 O  O   . HOH M .  ? 0.4401 0.4823 0.3653 0.1040  -0.0351 -0.1761 116 HOH A O   
706 O  O   . HOH M .  ? 0.5015 0.3055 0.5882 0.0456  -0.1119 0.1110  117 HOH A O   
707 O  O   . HOH M .  ? 0.4404 0.5154 0.3478 0.1701  -0.0875 -0.0406 118 HOH A O   
708 O  O   . HOH M .  ? 0.4320 0.9510 0.4414 0.1465  0.0811  -0.3007 119 HOH A O   
709 O  O   . HOH M .  ? 0.9501 0.3973 0.5072 0.1058  0.0070  -0.0797 120 HOH A O   
710 O  O   . HOH M .  ? 0.5433 0.5258 0.3933 0.2628  -0.0307 0.1119  121 HOH A O   
711 O  O   . HOH M .  ? 0.5169 0.4299 0.3494 0.0297  0.0506  -0.0756 122 HOH A O   
712 O  O   . HOH M .  ? 0.8272 0.6478 0.3450 0.4946  -0.0920 -0.1108 123 HOH A O   
713 O  O   . HOH M .  ? 0.4846 0.4559 0.5271 0.1930  -0.0250 -0.1678 124 HOH A O   
714 O  O   . HOH M .  ? 0.3084 0.1779 0.2459 0.1129  0.0219  0.0161  125 HOH A O   
715 O  O   . HOH M .  ? 0.4985 0.3608 0.6103 0.0079  -0.0636 0.1292  126 HOH A O   
716 O  O   . HOH M .  ? 0.5371 0.5154 0.4909 0.1552  0.1197  0.0542  127 HOH A O   
717 O  O   . HOH M .  ? 0.5554 0.7202 0.5448 0.1062  -0.1681 0.0739  128 HOH A O   
718 O  O   . HOH M .  ? 0.6497 0.8595 0.4861 0.3070  0.0940  0.0573  129 HOH A O   
719 O  O   . HOH M .  ? 0.4805 0.8909 0.3619 0.3132  -0.0414 -0.1457 130 HOH A O   
720 O  O   . HOH M .  ? 0.4909 0.4615 0.3652 0.0620  -0.0927 0.0459  131 HOH A O   
721 O  O   . HOH M .  ? 0.5631 0.5303 0.3598 -0.0189 -0.0932 -0.0003 132 HOH A O   
722 O  O   . HOH M .  ? 0.6581 0.5198 0.2604 -0.0010 -0.0498 0.0590  133 HOH A O   
723 O  O   . HOH M .  ? 0.8331 0.5887 0.4873 -0.2238 0.1729  -0.1379 134 HOH A O   
724 O  O   . HOH M .  ? 0.7228 0.5619 0.5392 0.3124  -0.1994 -0.0861 135 HOH A O   
725 O  O   . HOH M .  ? 0.7505 0.3789 0.4020 0.1371  0.1054  -0.1214 136 HOH A O   
726 O  O   . HOH M .  ? 0.8272 1.5373 0.7040 -0.3197 -0.0258 -0.4537 137 HOH A O   
727 O  O   . HOH M .  ? 2.0611 0.9060 0.9906 1.0047  -0.6321 -0.6571 138 HOH A O   
728 O  O   . HOH M .  ? 0.6934 0.5339 0.3403 0.0473  -0.1156 -0.0083 139 HOH A O   
729 O  O   . HOH M .  ? 0.8195 0.9723 0.3920 -0.0868 -0.1987 0.1289  140 HOH A O   
730 O  O   . HOH M .  ? 0.4175 0.3418 0.2195 0.2316  -0.0045 -0.0368 141 HOH A O   
731 O  O   . HOH M .  ? 0.7292 0.3645 0.2882 0.1464  0.0109  -0.0327 142 HOH A O   
732 O  O   . HOH M .  ? 1.1535 1.2230 1.8885 0.3710  -0.6720 -0.3314 143 HOH A O   
733 O  O   . HOH M .  ? 0.7405 2.2263 0.3000 0.9721  -0.1545 0.1991  144 HOH A O   
734 O  O   . HOH M .  ? 0.3733 0.2864 0.3486 0.1538  0.0237  -0.0485 145 HOH A O   
735 O  O   . HOH M .  ? 0.3743 0.2188 0.1483 0.0214  -0.0073 -0.0164 146 HOH A O   
736 O  O   . HOH M .  ? 0.2777 0.7281 0.2015 0.0705  -0.0072 -0.0648 147 HOH A O   
737 O  O   . HOH M .  ? 0.3606 0.4273 0.3457 0.0800  0.1073  0.0391  148 HOH A O   
738 O  O   . HOH M .  ? 0.4500 0.1950 0.5887 0.1083  -0.2961 -0.0211 149 HOH A O   
739 O  O   . HOH M .  ? 0.3908 0.6229 0.4569 0.1672  -0.0613 -0.1050 150 HOH A O   
740 O  O   . HOH M .  ? 0.6073 0.7427 0.3366 0.0068  -0.1073 0.0082  151 HOH A O   
# 
